data_4IOH
# 
_entry.id   4IOH 
# 
_audit_conform.dict_name       mmcif_pdbx.dic 
_audit_conform.dict_version    5.397 
_audit_conform.dict_location   http://mmcif.pdb.org/dictionaries/ascii/mmcif_pdbx.dic 
# 
loop_
_database_2.database_id 
_database_2.database_code 
_database_2.pdbx_database_accession 
_database_2.pdbx_DOI 
PDB   4IOH         pdb_00004ioh 10.2210/pdb4ioh/pdb 
RCSB  RCSB077008   ?            ?                   
WWPDB D_1000077008 ?            ?                   
# 
loop_
_pdbx_audit_revision_history.ordinal 
_pdbx_audit_revision_history.data_content_type 
_pdbx_audit_revision_history.major_revision 
_pdbx_audit_revision_history.minor_revision 
_pdbx_audit_revision_history.revision_date 
1 'Structure model' 1 0 2013-01-30 
2 'Structure model' 1 1 2013-11-20 
3 'Structure model' 1 2 2024-10-30 
# 
_pdbx_audit_revision_details.ordinal             1 
_pdbx_audit_revision_details.revision_ordinal    1 
_pdbx_audit_revision_details.data_content_type   'Structure model' 
_pdbx_audit_revision_details.provider            repository 
_pdbx_audit_revision_details.type                'Initial release' 
_pdbx_audit_revision_details.description         ? 
_pdbx_audit_revision_details.details             ? 
# 
loop_
_pdbx_audit_revision_group.ordinal 
_pdbx_audit_revision_group.revision_ordinal 
_pdbx_audit_revision_group.data_content_type 
_pdbx_audit_revision_group.group 
1 2 'Structure model' 'Data collection'      
2 3 'Structure model' 'Data collection'      
3 3 'Structure model' 'Database references'  
4 3 'Structure model' 'Derived calculations' 
5 3 'Structure model' 'Structure summary'    
# 
loop_
_pdbx_audit_revision_category.ordinal 
_pdbx_audit_revision_category.revision_ordinal 
_pdbx_audit_revision_category.data_content_type 
_pdbx_audit_revision_category.category 
1 3 'Structure model' chem_comp_atom            
2 3 'Structure model' chem_comp_bond            
3 3 'Structure model' database_2                
4 3 'Structure model' pdbx_entry_details        
5 3 'Structure model' pdbx_modification_feature 
6 3 'Structure model' struct_conn               
7 3 'Structure model' struct_ref_seq_dif        
# 
loop_
_pdbx_audit_revision_item.ordinal 
_pdbx_audit_revision_item.revision_ordinal 
_pdbx_audit_revision_item.data_content_type 
_pdbx_audit_revision_item.item 
1 3 'Structure model' '_database_2.pdbx_DOI'                
2 3 'Structure model' '_database_2.pdbx_database_accession' 
3 3 'Structure model' '_struct_conn.pdbx_leaving_atom_flag' 
4 3 'Structure model' '_struct_ref_seq_dif.details'         
# 
_pdbx_database_status.entry_id                        4IOH 
_pdbx_database_status.status_code                     REL 
_pdbx_database_status.deposit_site                    RCSB 
_pdbx_database_status.process_site                    RCSB 
_pdbx_database_status.recvd_initial_deposition_date   2013-01-07 
_pdbx_database_status.status_code_sf                  REL 
_pdbx_database_status.status_code_mr                  ? 
_pdbx_database_status.SG_entry                        Y 
_pdbx_database_status.status_code_cs                  ? 
_pdbx_database_status.methods_development_category    ? 
_pdbx_database_status.pdb_format_compatible           Y 
_pdbx_database_status.status_code_nmr_data            ? 
# 
_pdbx_database_related.db_name        TargetTrack 
_pdbx_database_related.db_id          NESG-TeR258 
_pdbx_database_related.details        . 
_pdbx_database_related.content_type   unspecified 
# 
loop_
_audit_author.name 
_audit_author.pdbx_ordinal 
'Vorobiev, S.'                                    1  
'Su, M.'                                          2  
'Seetharaman, J.'                                 3  
'Maglaqui, M.'                                    4  
'Xiao, X.'                                        5  
'Kohan, E.'                                       6  
'Wang, D.'                                        7  
'Everett, J.K.'                                   8  
'Acton, T.B.'                                     9  
'Montelione, G.T.'                                10 
'Tong, L.'                                        11 
'Hunt, J.F.'                                      12 
'Northeast Structural Genomics Consortium (NESG)' 13 
# 
_citation.id                        primary 
_citation.title                     'Crystal Structure of the Tll1086 protein from Thermosynechococcus elongatus.' 
_citation.journal_abbrev            'To be Published' 
_citation.journal_volume            ? 
_citation.page_first                ? 
_citation.page_last                 ? 
_citation.year                      ? 
_citation.journal_id_ASTM           ? 
_citation.country                   ? 
_citation.journal_id_ISSN           ? 
_citation.journal_id_CSD            0353 
_citation.book_publisher            ? 
_citation.pdbx_database_id_PubMed   ? 
_citation.pdbx_database_id_DOI      ? 
# 
loop_
_citation_author.citation_id 
_citation_author.name 
_citation_author.ordinal 
_citation_author.identifier_ORCID 
primary 'Vorobiev, S.'     1  ? 
primary 'Su, M.'           2  ? 
primary 'Seetharaman, J.'  3  ? 
primary 'Maglaqui, M.'     4  ? 
primary 'Xiao, X.'         5  ? 
primary 'Kohan, E.'        6  ? 
primary 'Wang, D.'         7  ? 
primary 'Everett, J.K.'    8  ? 
primary 'Acton, T.B.'      9  ? 
primary 'Montelione, G.T.' 10 ? 
primary 'Tong, L.'         11 ? 
primary 'Hunt, J.F.'       12 ? 
# 
loop_
_entity.id 
_entity.type 
_entity.src_method 
_entity.pdbx_description 
_entity.formula_weight 
_entity.pdbx_number_of_molecules 
_entity.pdbx_ec 
_entity.pdbx_mutation 
_entity.pdbx_fragment 
_entity.details 
1 polymer man 'Tll1086 protein' 14908.289 1  ? ? ? ? 
2 water   nat water             18.015    17 ? ? ? ? 
# 
_entity_poly.entity_id                      1 
_entity_poly.type                           'polypeptide(L)' 
_entity_poly.nstd_linkage                   no 
_entity_poly.nstd_monomer                   yes 
_entity_poly.pdbx_seq_one_letter_code       
;(MSE)(MSE)TT(MSE)NVLGTPLECCCQNPLTGFYRDGFCRTGAGDVGAHVVCAQ(MSE)TAEFLTFTRSRGNDLSTPV
PAYQFPGLKPGDRWCLCASRWREALEAGVAPPVILEATHASALEYVSLEDLKAHALGGNQQRLEHHHHHH
;
_entity_poly.pdbx_seq_one_letter_code_can   
;MMTTMNVLGTPLECCCQNPLTGFYRDGFCRTGAGDVGAHVVCAQMTAEFLTFTRSRGNDLSTPVPAYQFPGLKPGDRWCL
CASRWREALEAGVAPPVILEATHASALEYVSLEDLKAHALGGNQQRLEHHHHHH
;
_entity_poly.pdbx_strand_id                 A 
_entity_poly.pdbx_target_identifier         NESG-TeR258 
# 
_pdbx_entity_nonpoly.entity_id   2 
_pdbx_entity_nonpoly.name        water 
_pdbx_entity_nonpoly.comp_id     HOH 
# 
loop_
_entity_poly_seq.entity_id 
_entity_poly_seq.num 
_entity_poly_seq.mon_id 
_entity_poly_seq.hetero 
1 1   MSE n 
1 2   MSE n 
1 3   THR n 
1 4   THR n 
1 5   MSE n 
1 6   ASN n 
1 7   VAL n 
1 8   LEU n 
1 9   GLY n 
1 10  THR n 
1 11  PRO n 
1 12  LEU n 
1 13  GLU n 
1 14  CYS n 
1 15  CYS n 
1 16  CYS n 
1 17  GLN n 
1 18  ASN n 
1 19  PRO n 
1 20  LEU n 
1 21  THR n 
1 22  GLY n 
1 23  PHE n 
1 24  TYR n 
1 25  ARG n 
1 26  ASP n 
1 27  GLY n 
1 28  PHE n 
1 29  CYS n 
1 30  ARG n 
1 31  THR n 
1 32  GLY n 
1 33  ALA n 
1 34  GLY n 
1 35  ASP n 
1 36  VAL n 
1 37  GLY n 
1 38  ALA n 
1 39  HIS n 
1 40  VAL n 
1 41  VAL n 
1 42  CYS n 
1 43  ALA n 
1 44  GLN n 
1 45  MSE n 
1 46  THR n 
1 47  ALA n 
1 48  GLU n 
1 49  PHE n 
1 50  LEU n 
1 51  THR n 
1 52  PHE n 
1 53  THR n 
1 54  ARG n 
1 55  SER n 
1 56  ARG n 
1 57  GLY n 
1 58  ASN n 
1 59  ASP n 
1 60  LEU n 
1 61  SER n 
1 62  THR n 
1 63  PRO n 
1 64  VAL n 
1 65  PRO n 
1 66  ALA n 
1 67  TYR n 
1 68  GLN n 
1 69  PHE n 
1 70  PRO n 
1 71  GLY n 
1 72  LEU n 
1 73  LYS n 
1 74  PRO n 
1 75  GLY n 
1 76  ASP n 
1 77  ARG n 
1 78  TRP n 
1 79  CYS n 
1 80  LEU n 
1 81  CYS n 
1 82  ALA n 
1 83  SER n 
1 84  ARG n 
1 85  TRP n 
1 86  ARG n 
1 87  GLU n 
1 88  ALA n 
1 89  LEU n 
1 90  GLU n 
1 91  ALA n 
1 92  GLY n 
1 93  VAL n 
1 94  ALA n 
1 95  PRO n 
1 96  PRO n 
1 97  VAL n 
1 98  ILE n 
1 99  LEU n 
1 100 GLU n 
1 101 ALA n 
1 102 THR n 
1 103 HIS n 
1 104 ALA n 
1 105 SER n 
1 106 ALA n 
1 107 LEU n 
1 108 GLU n 
1 109 TYR n 
1 110 VAL n 
1 111 SER n 
1 112 LEU n 
1 113 GLU n 
1 114 ASP n 
1 115 LEU n 
1 116 LYS n 
1 117 ALA n 
1 118 HIS n 
1 119 ALA n 
1 120 LEU n 
1 121 GLY n 
1 122 GLY n 
1 123 ASN n 
1 124 GLN n 
1 125 GLN n 
1 126 ARG n 
1 127 LEU n 
1 128 GLU n 
1 129 HIS n 
1 130 HIS n 
1 131 HIS n 
1 132 HIS n 
1 133 HIS n 
1 134 HIS n 
# 
_entity_src_gen.entity_id                          1 
_entity_src_gen.pdbx_src_id                        1 
_entity_src_gen.pdbx_alt_source_flag               sample 
_entity_src_gen.pdbx_seq_type                      ? 
_entity_src_gen.pdbx_beg_seq_num                   ? 
_entity_src_gen.pdbx_end_seq_num                   ? 
_entity_src_gen.gene_src_common_name               ? 
_entity_src_gen.gene_src_genus                     ? 
_entity_src_gen.pdbx_gene_src_gene                 tll1086 
_entity_src_gen.gene_src_species                   ? 
_entity_src_gen.gene_src_strain                    BP-1 
_entity_src_gen.gene_src_tissue                    ? 
_entity_src_gen.gene_src_tissue_fraction           ? 
_entity_src_gen.gene_src_details                   ? 
_entity_src_gen.pdbx_gene_src_fragment             ? 
_entity_src_gen.pdbx_gene_src_scientific_name      'Thermosynechococcus elongatus' 
_entity_src_gen.pdbx_gene_src_ncbi_taxonomy_id     197221 
_entity_src_gen.pdbx_gene_src_variant              ? 
_entity_src_gen.pdbx_gene_src_cell_line            ? 
_entity_src_gen.pdbx_gene_src_atcc                 ? 
_entity_src_gen.pdbx_gene_src_organ                ? 
_entity_src_gen.pdbx_gene_src_organelle            ? 
_entity_src_gen.pdbx_gene_src_cell                 ? 
_entity_src_gen.pdbx_gene_src_cellular_location    ? 
_entity_src_gen.host_org_common_name               ? 
_entity_src_gen.pdbx_host_org_scientific_name      'Escherichia coli' 
_entity_src_gen.pdbx_host_org_ncbi_taxonomy_id     469008 
_entity_src_gen.host_org_genus                     ? 
_entity_src_gen.pdbx_host_org_gene                 ? 
_entity_src_gen.pdbx_host_org_organ                ? 
_entity_src_gen.host_org_species                   ? 
_entity_src_gen.pdbx_host_org_tissue               ? 
_entity_src_gen.pdbx_host_org_tissue_fraction      ? 
_entity_src_gen.pdbx_host_org_strain               'BL21(DE3)+ Magic' 
_entity_src_gen.pdbx_host_org_variant              ? 
_entity_src_gen.pdbx_host_org_cell_line            ? 
_entity_src_gen.pdbx_host_org_atcc                 ? 
_entity_src_gen.pdbx_host_org_culture_collection   ? 
_entity_src_gen.pdbx_host_org_cell                 ? 
_entity_src_gen.pdbx_host_org_organelle            ? 
_entity_src_gen.pdbx_host_org_cellular_location    ? 
_entity_src_gen.pdbx_host_org_vector_type          plasmid 
_entity_src_gen.pdbx_host_org_vector               pET21_NESG 
_entity_src_gen.host_org_details                   ? 
_entity_src_gen.expression_system_id               ? 
_entity_src_gen.plasmid_name                       TeR258-21.4 
_entity_src_gen.plasmid_details                    ? 
_entity_src_gen.pdbx_description                   ? 
# 
loop_
_chem_comp.id 
_chem_comp.type 
_chem_comp.mon_nstd_flag 
_chem_comp.name 
_chem_comp.pdbx_synonyms 
_chem_comp.formula 
_chem_comp.formula_weight 
ALA 'L-peptide linking' y ALANINE          ? 'C3 H7 N O2'     89.093  
ARG 'L-peptide linking' y ARGININE         ? 'C6 H15 N4 O2 1' 175.209 
ASN 'L-peptide linking' y ASPARAGINE       ? 'C4 H8 N2 O3'    132.118 
ASP 'L-peptide linking' y 'ASPARTIC ACID'  ? 'C4 H7 N O4'     133.103 
CYS 'L-peptide linking' y CYSTEINE         ? 'C3 H7 N O2 S'   121.158 
GLN 'L-peptide linking' y GLUTAMINE        ? 'C5 H10 N2 O3'   146.144 
GLU 'L-peptide linking' y 'GLUTAMIC ACID'  ? 'C5 H9 N O4'     147.129 
GLY 'peptide linking'   y GLYCINE          ? 'C2 H5 N O2'     75.067  
HIS 'L-peptide linking' y HISTIDINE        ? 'C6 H10 N3 O2 1' 156.162 
HOH non-polymer         . WATER            ? 'H2 O'           18.015  
ILE 'L-peptide linking' y ISOLEUCINE       ? 'C6 H13 N O2'    131.173 
LEU 'L-peptide linking' y LEUCINE          ? 'C6 H13 N O2'    131.173 
LYS 'L-peptide linking' y LYSINE           ? 'C6 H15 N2 O2 1' 147.195 
MSE 'L-peptide linking' n SELENOMETHIONINE ? 'C5 H11 N O2 Se' 196.106 
PHE 'L-peptide linking' y PHENYLALANINE    ? 'C9 H11 N O2'    165.189 
PRO 'L-peptide linking' y PROLINE          ? 'C5 H9 N O2'     115.130 
SER 'L-peptide linking' y SERINE           ? 'C3 H7 N O3'     105.093 
THR 'L-peptide linking' y THREONINE        ? 'C4 H9 N O3'     119.119 
TRP 'L-peptide linking' y TRYPTOPHAN       ? 'C11 H12 N2 O2'  204.225 
TYR 'L-peptide linking' y TYROSINE         ? 'C9 H11 N O3'    181.189 
VAL 'L-peptide linking' y VALINE           ? 'C5 H11 N O2'    117.146 
# 
loop_
_pdbx_poly_seq_scheme.asym_id 
_pdbx_poly_seq_scheme.entity_id 
_pdbx_poly_seq_scheme.seq_id 
_pdbx_poly_seq_scheme.mon_id 
_pdbx_poly_seq_scheme.ndb_seq_num 
_pdbx_poly_seq_scheme.pdb_seq_num 
_pdbx_poly_seq_scheme.auth_seq_num 
_pdbx_poly_seq_scheme.pdb_mon_id 
_pdbx_poly_seq_scheme.auth_mon_id 
_pdbx_poly_seq_scheme.pdb_strand_id 
_pdbx_poly_seq_scheme.pdb_ins_code 
_pdbx_poly_seq_scheme.hetero 
A 1 1   MSE 1   1   ?   ?   ?   A . n 
A 1 2   MSE 2   2   2   MSE MSE A . n 
A 1 3   THR 3   3   3   THR THR A . n 
A 1 4   THR 4   4   4   THR THR A . n 
A 1 5   MSE 5   5   5   MSE MSE A . n 
A 1 6   ASN 6   6   6   ASN ASN A . n 
A 1 7   VAL 7   7   7   VAL VAL A . n 
A 1 8   LEU 8   8   8   LEU LEU A . n 
A 1 9   GLY 9   9   9   GLY GLY A . n 
A 1 10  THR 10  10  10  THR THR A . n 
A 1 11  PRO 11  11  11  PRO PRO A . n 
A 1 12  LEU 12  12  12  LEU LEU A . n 
A 1 13  GLU 13  13  13  GLU GLU A . n 
A 1 14  CYS 14  14  14  CYS CYS A . n 
A 1 15  CYS 15  15  15  CYS CYS A . n 
A 1 16  CYS 16  16  16  CYS CYS A . n 
A 1 17  GLN 17  17  17  GLN GLN A . n 
A 1 18  ASN 18  18  18  ASN ASN A . n 
A 1 19  PRO 19  19  19  PRO PRO A . n 
A 1 20  LEU 20  20  20  LEU LEU A . n 
A 1 21  THR 21  21  21  THR THR A . n 
A 1 22  GLY 22  22  22  GLY GLY A . n 
A 1 23  PHE 23  23  23  PHE PHE A . n 
A 1 24  TYR 24  24  24  TYR TYR A . n 
A 1 25  ARG 25  25  25  ARG ARG A . n 
A 1 26  ASP 26  26  26  ASP ASP A . n 
A 1 27  GLY 27  27  27  GLY GLY A . n 
A 1 28  PHE 28  28  28  PHE PHE A . n 
A 1 29  CYS 29  29  29  CYS CYS A . n 
A 1 30  ARG 30  30  30  ARG ARG A . n 
A 1 31  THR 31  31  31  THR THR A . n 
A 1 32  GLY 32  32  32  GLY GLY A . n 
A 1 33  ALA 33  33  33  ALA ALA A . n 
A 1 34  GLY 34  34  34  GLY GLY A . n 
A 1 35  ASP 35  35  35  ASP ASP A . n 
A 1 36  VAL 36  36  36  VAL VAL A . n 
A 1 37  GLY 37  37  37  GLY GLY A . n 
A 1 38  ALA 38  38  38  ALA ALA A . n 
A 1 39  HIS 39  39  39  HIS HIS A . n 
A 1 40  VAL 40  40  40  VAL VAL A . n 
A 1 41  VAL 41  41  41  VAL VAL A . n 
A 1 42  CYS 42  42  42  CYS CYS A . n 
A 1 43  ALA 43  43  43  ALA ALA A . n 
A 1 44  GLN 44  44  44  GLN GLN A . n 
A 1 45  MSE 45  45  45  MSE MSE A . n 
A 1 46  THR 46  46  46  THR THR A . n 
A 1 47  ALA 47  47  47  ALA ALA A . n 
A 1 48  GLU 48  48  48  GLU GLU A . n 
A 1 49  PHE 49  49  49  PHE PHE A . n 
A 1 50  LEU 50  50  50  LEU LEU A . n 
A 1 51  THR 51  51  51  THR THR A . n 
A 1 52  PHE 52  52  52  PHE PHE A . n 
A 1 53  THR 53  53  53  THR THR A . n 
A 1 54  ARG 54  54  54  ARG ARG A . n 
A 1 55  SER 55  55  55  SER SER A . n 
A 1 56  ARG 56  56  56  ARG ARG A . n 
A 1 57  GLY 57  57  57  GLY GLY A . n 
A 1 58  ASN 58  58  58  ASN ASN A . n 
A 1 59  ASP 59  59  59  ASP ASP A . n 
A 1 60  LEU 60  60  60  LEU LEU A . n 
A 1 61  SER 61  61  61  SER SER A . n 
A 1 62  THR 62  62  62  THR THR A . n 
A 1 63  PRO 63  63  63  PRO PRO A . n 
A 1 64  VAL 64  64  64  VAL VAL A . n 
A 1 65  PRO 65  65  65  PRO PRO A . n 
A 1 66  ALA 66  66  66  ALA ALA A . n 
A 1 67  TYR 67  67  67  TYR TYR A . n 
A 1 68  GLN 68  68  68  GLN GLN A . n 
A 1 69  PHE 69  69  69  PHE PHE A . n 
A 1 70  PRO 70  70  70  PRO PRO A . n 
A 1 71  GLY 71  71  71  GLY GLY A . n 
A 1 72  LEU 72  72  72  LEU LEU A . n 
A 1 73  LYS 73  73  73  LYS LYS A . n 
A 1 74  PRO 74  74  74  PRO PRO A . n 
A 1 75  GLY 75  75  75  GLY GLY A . n 
A 1 76  ASP 76  76  76  ASP ASP A . n 
A 1 77  ARG 77  77  77  ARG ARG A . n 
A 1 78  TRP 78  78  78  TRP TRP A . n 
A 1 79  CYS 79  79  79  CYS CYS A . n 
A 1 80  LEU 80  80  80  LEU LEU A . n 
A 1 81  CYS 81  81  81  CYS CYS A . n 
A 1 82  ALA 82  82  82  ALA ALA A . n 
A 1 83  SER 83  83  83  SER SER A . n 
A 1 84  ARG 84  84  84  ARG ARG A . n 
A 1 85  TRP 85  85  85  TRP TRP A . n 
A 1 86  ARG 86  86  86  ARG ARG A . n 
A 1 87  GLU 87  87  87  GLU GLU A . n 
A 1 88  ALA 88  88  88  ALA ALA A . n 
A 1 89  LEU 89  89  89  LEU LEU A . n 
A 1 90  GLU 90  90  90  GLU GLU A . n 
A 1 91  ALA 91  91  91  ALA ALA A . n 
A 1 92  GLY 92  92  92  GLY GLY A . n 
A 1 93  VAL 93  93  93  VAL VAL A . n 
A 1 94  ALA 94  94  94  ALA ALA A . n 
A 1 95  PRO 95  95  95  PRO PRO A . n 
A 1 96  PRO 96  96  96  PRO PRO A . n 
A 1 97  VAL 97  97  97  VAL VAL A . n 
A 1 98  ILE 98  98  98  ILE ILE A . n 
A 1 99  LEU 99  99  99  LEU LEU A . n 
A 1 100 GLU 100 100 100 GLU GLU A . n 
A 1 101 ALA 101 101 101 ALA ALA A . n 
A 1 102 THR 102 102 102 THR THR A . n 
A 1 103 HIS 103 103 103 HIS HIS A . n 
A 1 104 ALA 104 104 104 ALA ALA A . n 
A 1 105 SER 105 105 105 SER SER A . n 
A 1 106 ALA 106 106 106 ALA ALA A . n 
A 1 107 LEU 107 107 107 LEU LEU A . n 
A 1 108 GLU 108 108 108 GLU GLU A . n 
A 1 109 TYR 109 109 109 TYR TYR A . n 
A 1 110 VAL 110 110 110 VAL VAL A . n 
A 1 111 SER 111 111 111 SER SER A . n 
A 1 112 LEU 112 112 112 LEU LEU A . n 
A 1 113 GLU 113 113 113 GLU GLU A . n 
A 1 114 ASP 114 114 114 ASP ASP A . n 
A 1 115 LEU 115 115 115 LEU LEU A . n 
A 1 116 LYS 116 116 116 LYS LYS A . n 
A 1 117 ALA 117 117 117 ALA ALA A . n 
A 1 118 HIS 118 118 118 HIS HIS A . n 
A 1 119 ALA 119 119 119 ALA ALA A . n 
A 1 120 LEU 120 120 120 LEU LEU A . n 
A 1 121 GLY 121 121 121 GLY GLY A . n 
A 1 122 GLY 122 122 ?   ?   ?   A . n 
A 1 123 ASN 123 123 ?   ?   ?   A . n 
A 1 124 GLN 124 124 ?   ?   ?   A . n 
A 1 125 GLN 125 125 ?   ?   ?   A . n 
A 1 126 ARG 126 126 ?   ?   ?   A . n 
A 1 127 LEU 127 127 ?   ?   ?   A . n 
A 1 128 GLU 128 128 ?   ?   ?   A . n 
A 1 129 HIS 129 129 ?   ?   ?   A . n 
A 1 130 HIS 130 130 ?   ?   ?   A . n 
A 1 131 HIS 131 131 ?   ?   ?   A . n 
A 1 132 HIS 132 132 ?   ?   ?   A . n 
A 1 133 HIS 133 133 ?   ?   ?   A . n 
A 1 134 HIS 134 134 ?   ?   ?   A . n 
# 
loop_
_pdbx_nonpoly_scheme.asym_id 
_pdbx_nonpoly_scheme.entity_id 
_pdbx_nonpoly_scheme.mon_id 
_pdbx_nonpoly_scheme.ndb_seq_num 
_pdbx_nonpoly_scheme.pdb_seq_num 
_pdbx_nonpoly_scheme.auth_seq_num 
_pdbx_nonpoly_scheme.pdb_mon_id 
_pdbx_nonpoly_scheme.auth_mon_id 
_pdbx_nonpoly_scheme.pdb_strand_id 
_pdbx_nonpoly_scheme.pdb_ins_code 
B 2 HOH 1  201 201 HOH WAT A . 
B 2 HOH 2  202 202 HOH WAT A . 
B 2 HOH 3  203 203 HOH WAT A . 
B 2 HOH 4  204 204 HOH WAT A . 
B 2 HOH 5  205 205 HOH WAT A . 
B 2 HOH 6  206 206 HOH WAT A . 
B 2 HOH 7  207 208 HOH WAT A . 
B 2 HOH 8  208 209 HOH WAT A . 
B 2 HOH 9  209 211 HOH WAT A . 
B 2 HOH 10 210 212 HOH WAT A . 
B 2 HOH 11 211 214 HOH WAT A . 
B 2 HOH 12 212 215 HOH WAT A . 
B 2 HOH 13 213 216 HOH WAT A . 
B 2 HOH 14 214 217 HOH WAT A . 
B 2 HOH 15 215 218 HOH WAT A . 
B 2 HOH 16 216 219 HOH WAT A . 
B 2 HOH 17 217 220 HOH WAT A . 
# 
loop_
_software.pdbx_ordinal 
_software.name 
_software.version 
_software.date 
_software.type 
_software.contact_author 
_software.contact_author_email 
_software.classification 
_software.location 
_software.language 
_software.citation_id 
1 PHENIX      1.7.2_869 ?               package 'Paul D. Adams' PDAdams@lbl.gov       refinement        
http://www.phenix-online.org/             C++ ? 
2 PDB_EXTRACT 3.100     'Jan. 22, 2010' package PDB             help@deposit.rcsb.org 'data extraction' 
http://sw-tools.pdb.org/apps/PDB_EXTRACT/ C++ ? 
3 ADSC        Quantum   ?               ?       ?               ?                     'data collection' ? ?   ? 
4 XDS         .         ?               ?       ?               ?                     'data reduction'  ? ?   ? 
5 XSCALE      .         ?               ?       ?               ?                     'data scaling'    ? ?   ? 
6 AutoSol     .         ?               ?       ?               ?                     phasing           ? ?   ? 
# 
_cell.entry_id           4IOH 
_cell.length_a           87.768 
_cell.length_b           87.768 
_cell.length_c           76.080 
_cell.angle_alpha        90.000 
_cell.angle_beta         90.000 
_cell.angle_gamma        120.000 
_cell.pdbx_unique_axis   ? 
_cell.Z_PDB              12 
_cell.length_a_esd       ? 
_cell.length_b_esd       ? 
_cell.length_c_esd       ? 
_cell.angle_alpha_esd    ? 
_cell.angle_beta_esd     ? 
_cell.angle_gamma_esd    ? 
# 
_symmetry.entry_id                         4IOH 
_symmetry.space_group_name_H-M             'P 61 2 2' 
_symmetry.Int_Tables_number                178 
_symmetry.pdbx_full_space_group_name_H-M   ? 
_symmetry.cell_setting                     ? 
_symmetry.space_group_name_Hall            ? 
# 
_exptl.crystals_number   1 
_exptl.entry_id          4IOH 
_exptl.method            'X-RAY DIFFRACTION' 
# 
_exptl_crystal.id                    1 
_exptl_crystal.density_Matthews      2.84 
_exptl_crystal.density_meas          ? 
_exptl_crystal.density_percent_sol   56.64 
_exptl_crystal.description           ? 
_exptl_crystal.F_000                 ? 
_exptl_crystal.preparation           ? 
# 
_exptl_crystal_grow.crystal_id      1 
_exptl_crystal_grow.method          'Microbatch crystallization under oil' 
_exptl_crystal_grow.pH              8.0 
_exptl_crystal_grow.temp            291 
_exptl_crystal_grow.pdbx_details    
'1.11M sodium phosphate, 0.1M Tris-HCl, pH 8.0, Microbatch crystallization under oil, temperature 291K' 
_exptl_crystal_grow.temp_details    ? 
_exptl_crystal_grow.pdbx_pH_range   ? 
# 
_diffrn.id                     1 
_diffrn.ambient_temp           100 
_diffrn.ambient_temp_details   ? 
_diffrn.crystal_id             1 
# 
_diffrn_detector.diffrn_id              1 
_diffrn_detector.detector               CCD 
_diffrn_detector.type                   'ADSC QUANTUM 315' 
_diffrn_detector.pdbx_collection_date   2012-12-19 
_diffrn_detector.details                ? 
# 
_diffrn_radiation.diffrn_id                        1 
_diffrn_radiation.pdbx_diffrn_protocol             'SINGLE WAVELENGTH' 
_diffrn_radiation.monochromator                    ? 
_diffrn_radiation.wavelength_id                    1 
_diffrn_radiation.pdbx_monochromatic_or_laue_m_l   M 
_diffrn_radiation.pdbx_scattering_type             x-ray 
# 
_diffrn_radiation_wavelength.id           1 
_diffrn_radiation_wavelength.wavelength   0.97923 
_diffrn_radiation_wavelength.wt           1.0 
# 
_diffrn_source.diffrn_id                   1 
_diffrn_source.source                      SYNCHROTRON 
_diffrn_source.type                        'APS BEAMLINE 24-ID-E' 
_diffrn_source.pdbx_wavelength_list        0.97923 
_diffrn_source.pdbx_wavelength             ? 
_diffrn_source.pdbx_synchrotron_site       APS 
_diffrn_source.pdbx_synchrotron_beamline   24-ID-E 
# 
_reflns.entry_id                     4IOH 
_reflns.B_iso_Wilson_estimate        ? 
_reflns.observed_criterion_sigma_F   0.0 
_reflns.observed_criterion_sigma_I   0.0 
_reflns.d_resolution_high            2.53 
_reflns.d_resolution_low             50 
_reflns.number_all                   10991 
_reflns.number_obs                   10905 
_reflns.percent_possible_obs         99.2 
_reflns.pdbx_Rmerge_I_obs            0.054 
_reflns.pdbx_Rsym_value              ? 
_reflns.pdbx_netI_over_sigmaI        30.5 
_reflns.pdbx_redundancy              13.6 
_reflns.R_free_details               ? 
_reflns.limit_h_max                  ? 
_reflns.limit_h_min                  ? 
_reflns.limit_k_max                  ? 
_reflns.limit_k_min                  ? 
_reflns.limit_l_max                  ? 
_reflns.limit_l_min                  ? 
_reflns.observed_criterion_F_max     ? 
_reflns.observed_criterion_F_min     ? 
_reflns.pdbx_chi_squared             ? 
_reflns.pdbx_scaling_rejects         ? 
_reflns.pdbx_ordinal                 1 
_reflns.pdbx_diffrn_id               1 
# 
_reflns_shell.d_res_high             2.53 
_reflns_shell.d_res_low              2.65 
_reflns_shell.percent_possible_obs   ? 
_reflns_shell.percent_possible_all   99.2 
_reflns_shell.Rmerge_I_obs           0.0127 
_reflns_shell.meanI_over_sigI_obs    2.2 
_reflns_shell.pdbx_Rsym_value        ? 
_reflns_shell.pdbx_redundancy        14.3 
_reflns_shell.number_unique_all      1422 
_reflns_shell.number_measured_all    ? 
_reflns_shell.number_measured_obs    ? 
_reflns_shell.number_unique_obs      ? 
_reflns_shell.pdbx_chi_squared       ? 
_reflns_shell.pdbx_ordinal           1 
_reflns_shell.pdbx_diffrn_id         1 
# 
_refine.entry_id                                 4IOH 
_refine.ls_d_res_high                            2.530 
_refine.ls_d_res_low                             33.999 
_refine.pdbx_ls_sigma_F                          1.35 
_refine.pdbx_data_cutoff_high_absF               ? 
_refine.pdbx_data_cutoff_low_absF                ? 
_refine.ls_percent_reflns_obs                    99.450 
_refine.ls_number_reflns_obs                     10899 
_refine.ls_number_reflns_all                     ? 
_refine.pdbx_ls_cross_valid_method               THROUGHOUT 
_refine.pdbx_R_Free_selection_details            RANDOM 
_refine.details                                  
'Cys15 makes a disulfide bond with Cys42 form symmetry-related mate (x,x-y,-z+1/6 + (0 0 0))' 
_refine.ls_R_factor_all                          ? 
_refine.ls_R_factor_obs                          0.243 
_refine.ls_R_factor_R_work                       0.240 
_refine.ls_wR_factor_R_work                      ? 
_refine.ls_R_factor_R_free                       0.292 
_refine.ls_wR_factor_R_free                      ? 
_refine.ls_percent_reflns_R_free                 4.450 
_refine.ls_number_reflns_R_free                  485 
_refine.ls_R_factor_R_free_error                 ? 
_refine.B_iso_mean                               91.813 
_refine.solvent_model_param_bsol                 71.871 
_refine.solvent_model_param_ksol                 0.332 
_refine.pdbx_isotropic_thermal_model             ? 
_refine.aniso_B[1][1]                            1.604 
_refine.aniso_B[2][2]                            1.604 
_refine.aniso_B[3][3]                            -3.207 
_refine.aniso_B[1][2]                            -0.000 
_refine.aniso_B[1][3]                            -0.000 
_refine.aniso_B[2][3]                            0.000 
_refine.correlation_coeff_Fo_to_Fc               ? 
_refine.correlation_coeff_Fo_to_Fc_free          ? 
_refine.overall_SU_R_Cruickshank_DPI             ? 
_refine.overall_SU_R_free                        ? 
_refine.pdbx_overall_ESU_R                       ? 
_refine.pdbx_overall_ESU_R_Free                  ? 
_refine.overall_SU_ML                            0.690 
_refine.overall_SU_B                             ? 
_refine.solvent_model_details                    'FLAT BULK SOLVENT MODEL' 
_refine.pdbx_solvent_vdw_probe_radii             1.000 
_refine.pdbx_solvent_ion_probe_radii             ? 
_refine.pdbx_solvent_shrinkage_radii             0.730 
_refine.ls_number_parameters                     ? 
_refine.ls_number_restraints                     ? 
_refine.pdbx_starting_model                      ? 
_refine.pdbx_method_to_determine_struct          SAD 
_refine.pdbx_stereochemistry_target_values       ML 
_refine.pdbx_stereochem_target_val_spec_case     ? 
_refine.overall_FOM_work_R_set                   ? 
_refine.B_iso_max                                155.41 
_refine.B_iso_min                                39.61 
_refine.pdbx_overall_phase_error                 29.510 
_refine.occupancy_max                            1.00 
_refine.occupancy_min                            0.47 
_refine.pdbx_ls_sigma_I                          ? 
_refine.ls_redundancy_reflns_obs                 ? 
_refine.ls_R_factor_R_free_error_details         ? 
_refine.pdbx_data_cutoff_high_rms_absF           ? 
_refine.overall_FOM_free_R_set                   ? 
_refine.pdbx_diffrn_id                           1 
_refine.pdbx_refine_id                           'X-RAY DIFFRACTION' 
_refine.pdbx_TLS_residual_ADP_flag               ? 
_refine.pdbx_overall_SU_R_free_Cruickshank_DPI   ? 
_refine.pdbx_overall_SU_R_Blow_DPI               ? 
_refine.pdbx_overall_SU_R_free_Blow_DPI          ? 
# 
_refine_hist.pdbx_refine_id                   'X-RAY DIFFRACTION' 
_refine_hist.cycle_id                         LAST 
_refine_hist.pdbx_number_atoms_protein        902 
_refine_hist.pdbx_number_atoms_nucleic_acid   0 
_refine_hist.pdbx_number_atoms_ligand         0 
_refine_hist.number_atoms_solvent             17 
_refine_hist.number_atoms_total               919 
_refine_hist.d_res_high                       2.530 
_refine_hist.d_res_low                        33.999 
# 
loop_
_refine_ls_restr.type 
_refine_ls_restr.number 
_refine_ls_restr.dev_ideal 
_refine_ls_restr.dev_ideal_target 
_refine_ls_restr.weight 
_refine_ls_restr.pdbx_restraint_function 
_refine_ls_restr.pdbx_refine_id 
f_bond_d           928  0.010  ? ? ? 'X-RAY DIFFRACTION' 
f_angle_d          1259 1.399  ? ? ? 'X-RAY DIFFRACTION' 
f_chiral_restr     141  0.082  ? ? ? 'X-RAY DIFFRACTION' 
f_plane_restr      165  0.006  ? ? ? 'X-RAY DIFFRACTION' 
f_dihedral_angle_d 328  18.884 ? ? ? 'X-RAY DIFFRACTION' 
# 
loop_
_refine_ls_shell.d_res_high 
_refine_ls_shell.d_res_low 
_refine_ls_shell.pdbx_total_number_of_bins_used 
_refine_ls_shell.percent_reflns_obs 
_refine_ls_shell.number_reflns_R_work 
_refine_ls_shell.R_factor_all 
_refine_ls_shell.R_factor_R_work 
_refine_ls_shell.R_factor_R_free 
_refine_ls_shell.percent_reflns_R_free 
_refine_ls_shell.number_reflns_R_free 
_refine_ls_shell.R_factor_R_free_error 
_refine_ls_shell.number_reflns_all 
_refine_ls_shell.number_reflns_obs 
_refine_ls_shell.redundancy_reflns_obs 
_refine_ls_shell.pdbx_refine_id 
2.5297 2.5711 3 99.000  3459 . 0.356 0.358 . 154 . 3613 . . 'X-RAY DIFFRACTION' 
2.895  3.647  3 100.000 3487 . 0.265 0.316 . 179 . 3666 . . 'X-RAY DIFFRACTION' 
3.647  34.002 3 99.000  3468 . 0.215 0.270 . 152 . 3620 . . 'X-RAY DIFFRACTION' 
# 
_struct.entry_id                  4IOH 
_struct.title                     
'Crystal Structure of the Tll1086 protein from Thermosynechococcus elongatus, Northeast Structural Genomics Consortium Target TeR258' 
_struct.pdbx_model_details        ? 
_struct.pdbx_CASP_flag            ? 
_struct.pdbx_model_type_details   ? 
# 
_struct_keywords.entry_id        4IOH 
_struct_keywords.text            
'Structural Genomics, PSI-Biology, Protein Structure Initiative, Northeast Structural Genomics Consortium, NESG, UNKNOWN FUNCTION' 
_struct_keywords.pdbx_keywords   'STRUCTURAL GENOMICS, UNKNOWN FUNCTION' 
# 
loop_
_struct_asym.id 
_struct_asym.pdbx_blank_PDB_chainid_flag 
_struct_asym.pdbx_modified 
_struct_asym.entity_id 
_struct_asym.details 
A N N 1 ? 
B N N 2 ? 
# 
_struct_ref.id                         1 
_struct_ref.db_name                    UNP 
_struct_ref.db_code                    Q8DJY4_THEEB 
_struct_ref.pdbx_db_accession          Q8DJY4 
_struct_ref.entity_id                  1 
_struct_ref.pdbx_seq_one_letter_code   
;MMTTMNVLGTPLECCCQNPLTGFYRDGFCRTGAGDVGAHVVCAQMTAEFLTFTRSRGNDLSTPVPAYQFPGLKPGDRWCL
CASRWREALEAGVAPPVILEATHASALEYVSLEDLKAHALGGNQQR
;
_struct_ref.pdbx_align_begin           1 
_struct_ref.pdbx_db_isoform            ? 
# 
_struct_ref_seq.align_id                      1 
_struct_ref_seq.ref_id                        1 
_struct_ref_seq.pdbx_PDB_id_code              4IOH 
_struct_ref_seq.pdbx_strand_id                A 
_struct_ref_seq.seq_align_beg                 1 
_struct_ref_seq.pdbx_seq_align_beg_ins_code   ? 
_struct_ref_seq.seq_align_end                 126 
_struct_ref_seq.pdbx_seq_align_end_ins_code   ? 
_struct_ref_seq.pdbx_db_accession             Q8DJY4 
_struct_ref_seq.db_align_beg                  1 
_struct_ref_seq.pdbx_db_align_beg_ins_code    ? 
_struct_ref_seq.db_align_end                  126 
_struct_ref_seq.pdbx_db_align_end_ins_code    ? 
_struct_ref_seq.pdbx_auth_seq_align_beg       1 
_struct_ref_seq.pdbx_auth_seq_align_end       126 
# 
loop_
_struct_ref_seq_dif.align_id 
_struct_ref_seq_dif.pdbx_pdb_id_code 
_struct_ref_seq_dif.mon_id 
_struct_ref_seq_dif.pdbx_pdb_strand_id 
_struct_ref_seq_dif.seq_num 
_struct_ref_seq_dif.pdbx_pdb_ins_code 
_struct_ref_seq_dif.pdbx_seq_db_name 
_struct_ref_seq_dif.pdbx_seq_db_accession_code 
_struct_ref_seq_dif.db_mon_id 
_struct_ref_seq_dif.pdbx_seq_db_seq_num 
_struct_ref_seq_dif.details 
_struct_ref_seq_dif.pdbx_auth_seq_num 
_struct_ref_seq_dif.pdbx_ordinal 
1 4IOH LEU A 127 ? UNP Q8DJY4 ? ? 'expression tag' 127 1 
1 4IOH GLU A 128 ? UNP Q8DJY4 ? ? 'expression tag' 128 2 
1 4IOH HIS A 129 ? UNP Q8DJY4 ? ? 'expression tag' 129 3 
1 4IOH HIS A 130 ? UNP Q8DJY4 ? ? 'expression tag' 130 4 
1 4IOH HIS A 131 ? UNP Q8DJY4 ? ? 'expression tag' 131 5 
1 4IOH HIS A 132 ? UNP Q8DJY4 ? ? 'expression tag' 132 6 
1 4IOH HIS A 133 ? UNP Q8DJY4 ? ? 'expression tag' 133 7 
1 4IOH HIS A 134 ? UNP Q8DJY4 ? ? 'expression tag' 134 8 
# 
_pdbx_struct_assembly.id                   1 
_pdbx_struct_assembly.details              author_and_software_defined_assembly 
_pdbx_struct_assembly.method_details       PISA 
_pdbx_struct_assembly.oligomeric_details   dimeric 
_pdbx_struct_assembly.oligomeric_count     2 
# 
loop_
_pdbx_struct_assembly_prop.biol_id 
_pdbx_struct_assembly_prop.type 
_pdbx_struct_assembly_prop.value 
_pdbx_struct_assembly_prop.details 
1 'ABSA (A^2)' 2960  ? 
1 MORE         -25   ? 
1 'SSA (A^2)'  11950 ? 
# 
_pdbx_struct_assembly_gen.assembly_id       1 
_pdbx_struct_assembly_gen.oper_expression   1,2 
_pdbx_struct_assembly_gen.asym_id_list      A,B 
# 
loop_
_pdbx_struct_oper_list.id 
_pdbx_struct_oper_list.type 
_pdbx_struct_oper_list.name 
_pdbx_struct_oper_list.symmetry_operation 
_pdbx_struct_oper_list.matrix[1][1] 
_pdbx_struct_oper_list.matrix[1][2] 
_pdbx_struct_oper_list.matrix[1][3] 
_pdbx_struct_oper_list.vector[1] 
_pdbx_struct_oper_list.matrix[2][1] 
_pdbx_struct_oper_list.matrix[2][2] 
_pdbx_struct_oper_list.matrix[2][3] 
_pdbx_struct_oper_list.vector[2] 
_pdbx_struct_oper_list.matrix[3][1] 
_pdbx_struct_oper_list.matrix[3][2] 
_pdbx_struct_oper_list.matrix[3][3] 
_pdbx_struct_oper_list.vector[3] 
1 'identity operation'         1_555  x,y,z        1.0000000000  0.0000000000  0.0000000000 0.0000000000  0.0000000000  1.0000000000  0.0000000000  0.0000000000   0.0000000000 0.0000000000  1.0000000000 0.0000000000  
2 'crystal symmetry operation' 12_555 x,x-y,-z+1/6 -0.7528638736 -0.0869187455 0.6524117715 10.6339793056 -0.0869187455 -0.9694303361 -0.2294557804 -20.4598883324 0.6524117715 -0.2294557804 0.7222942097 -6.7539987396 
# 
_struct_biol.id        1 
_struct_biol.details   'dimer,35.35 kD,91.5%, heptamer,109.8 kD,4.5%' 
# 
loop_
_struct_conf.conf_type_id 
_struct_conf.id 
_struct_conf.pdbx_PDB_helix_id 
_struct_conf.beg_label_comp_id 
_struct_conf.beg_label_asym_id 
_struct_conf.beg_label_seq_id 
_struct_conf.pdbx_beg_PDB_ins_code 
_struct_conf.end_label_comp_id 
_struct_conf.end_label_asym_id 
_struct_conf.end_label_seq_id 
_struct_conf.pdbx_end_PDB_ins_code 
_struct_conf.beg_auth_comp_id 
_struct_conf.beg_auth_asym_id 
_struct_conf.beg_auth_seq_id 
_struct_conf.end_auth_comp_id 
_struct_conf.end_auth_asym_id 
_struct_conf.end_auth_seq_id 
_struct_conf.pdbx_PDB_helix_class 
_struct_conf.details 
_struct_conf.pdbx_PDB_helix_length 
HELX_P HELX_P1 1 THR A 46  ? GLY A 57  ? THR A 46  GLY A 57  1 ? 12 
HELX_P HELX_P2 2 ALA A 82  ? ALA A 91  ? ALA A 82  ALA A 91  1 ? 10 
HELX_P HELX_P3 3 ILE A 98  ? THR A 102 ? ILE A 98  THR A 102 5 ? 5  
HELX_P HELX_P4 4 HIS A 103 ? TYR A 109 ? HIS A 103 TYR A 109 5 ? 7  
HELX_P HELX_P5 5 SER A 111 ? HIS A 118 ? SER A 111 HIS A 118 1 ? 8  
# 
_struct_conf_type.id          HELX_P 
_struct_conf_type.criteria    ? 
_struct_conf_type.reference   ? 
# 
loop_
_struct_conn.id 
_struct_conn.conn_type_id 
_struct_conn.pdbx_leaving_atom_flag 
_struct_conn.pdbx_PDB_id 
_struct_conn.ptnr1_label_asym_id 
_struct_conn.ptnr1_label_comp_id 
_struct_conn.ptnr1_label_seq_id 
_struct_conn.ptnr1_label_atom_id 
_struct_conn.pdbx_ptnr1_label_alt_id 
_struct_conn.pdbx_ptnr1_PDB_ins_code 
_struct_conn.pdbx_ptnr1_standard_comp_id 
_struct_conn.ptnr1_symmetry 
_struct_conn.ptnr2_label_asym_id 
_struct_conn.ptnr2_label_comp_id 
_struct_conn.ptnr2_label_seq_id 
_struct_conn.ptnr2_label_atom_id 
_struct_conn.pdbx_ptnr2_label_alt_id 
_struct_conn.pdbx_ptnr2_PDB_ins_code 
_struct_conn.ptnr1_auth_asym_id 
_struct_conn.ptnr1_auth_comp_id 
_struct_conn.ptnr1_auth_seq_id 
_struct_conn.ptnr2_auth_asym_id 
_struct_conn.ptnr2_auth_comp_id 
_struct_conn.ptnr2_auth_seq_id 
_struct_conn.ptnr2_symmetry 
_struct_conn.pdbx_ptnr3_label_atom_id 
_struct_conn.pdbx_ptnr3_label_seq_id 
_struct_conn.pdbx_ptnr3_label_comp_id 
_struct_conn.pdbx_ptnr3_label_asym_id 
_struct_conn.pdbx_ptnr3_label_alt_id 
_struct_conn.pdbx_ptnr3_PDB_ins_code 
_struct_conn.details 
_struct_conn.pdbx_dist_value 
_struct_conn.pdbx_value_order 
_struct_conn.pdbx_role 
disulf1 disulf ?    ? A CYS 14 SG ? ? ? 1_555 A CYS 16 SG ? ? A CYS 14 A CYS 16 1_555  ? ? ? ? ? ? ? 2.023 ? ? 
disulf2 disulf ?    ? A CYS 15 SG ? ? ? 1_555 A CYS 42 SG ? ? A CYS 15 A CYS 42 12_555 ? ? ? ? ? ? ? 2.070 ? ? 
disulf3 disulf ?    ? A CYS 29 SG ? ? ? 1_555 A CYS 79 SG ? ? A CYS 29 A CYS 79 1_555  ? ? ? ? ? ? ? 2.042 ? ? 
covale1 covale both ? A MSE 2  C  ? ? ? 1_555 A THR 3  N  ? ? A MSE 2  A THR 3  1_555  ? ? ? ? ? ? ? 1.333 ? ? 
covale2 covale both ? A THR 4  C  ? ? ? 1_555 A MSE 5  N  ? ? A THR 4  A MSE 5  1_555  ? ? ? ? ? ? ? 1.338 ? ? 
covale3 covale both ? A MSE 5  C  ? ? ? 1_555 A ASN 6  N  ? ? A MSE 5  A ASN 6  1_555  ? ? ? ? ? ? ? 1.333 ? ? 
covale4 covale both ? A GLN 44 C  ? ? ? 1_555 A MSE 45 N  ? ? A GLN 44 A MSE 45 1_555  ? ? ? ? ? ? ? 1.324 ? ? 
covale5 covale both ? A MSE 45 C  ? ? ? 1_555 A THR 46 N  ? ? A MSE 45 A THR 46 1_555  ? ? ? ? ? ? ? 1.338 ? ? 
# 
loop_
_struct_conn_type.id 
_struct_conn_type.criteria 
_struct_conn_type.reference 
disulf ? ? 
covale ? ? 
# 
loop_
_pdbx_modification_feature.ordinal 
_pdbx_modification_feature.label_comp_id 
_pdbx_modification_feature.label_asym_id 
_pdbx_modification_feature.label_seq_id 
_pdbx_modification_feature.label_alt_id 
_pdbx_modification_feature.modified_residue_label_comp_id 
_pdbx_modification_feature.modified_residue_label_asym_id 
_pdbx_modification_feature.modified_residue_label_seq_id 
_pdbx_modification_feature.modified_residue_label_alt_id 
_pdbx_modification_feature.auth_comp_id 
_pdbx_modification_feature.auth_asym_id 
_pdbx_modification_feature.auth_seq_id 
_pdbx_modification_feature.PDB_ins_code 
_pdbx_modification_feature.symmetry 
_pdbx_modification_feature.modified_residue_auth_comp_id 
_pdbx_modification_feature.modified_residue_auth_asym_id 
_pdbx_modification_feature.modified_residue_auth_seq_id 
_pdbx_modification_feature.modified_residue_PDB_ins_code 
_pdbx_modification_feature.modified_residue_symmetry 
_pdbx_modification_feature.comp_id_linking_atom 
_pdbx_modification_feature.modified_residue_id_linking_atom 
_pdbx_modification_feature.modified_residue_id 
_pdbx_modification_feature.ref_pcm_id 
_pdbx_modification_feature.ref_comp_id 
_pdbx_modification_feature.type 
_pdbx_modification_feature.category 
1 MSE A 2  ? .   . .  . MSE A 2  ? 1_555 .   . .  . .      .  .  MET 1 MSE Selenomethionine 'Named protein modification' 
2 MSE A 5  ? .   . .  . MSE A 5  ? 1_555 .   . .  . .      .  .  MET 1 MSE Selenomethionine 'Named protein modification' 
3 MSE A 45 ? .   . .  . MSE A 45 ? 1_555 .   . .  . .      .  .  MET 1 MSE Selenomethionine 'Named protein modification' 
4 CYS A 14 ? CYS A 16 ? CYS A 14 ? 1_555 CYS A 16 ? 1_555  SG SG .   . .   None             'Disulfide bridge'           
5 CYS A 15 ? CYS A 42 ? CYS A 15 ? 1_555 CYS A 42 ? 12_555 SG SG .   . .   None             'Disulfide bridge'           
6 CYS A 29 ? CYS A 79 ? CYS A 29 ? 1_555 CYS A 79 ? 1_555  SG SG .   . .   None             'Disulfide bridge'           
# 
_struct_mon_prot_cis.pdbx_id                1 
_struct_mon_prot_cis.label_comp_id          ASN 
_struct_mon_prot_cis.label_seq_id           18 
_struct_mon_prot_cis.label_asym_id          A 
_struct_mon_prot_cis.label_alt_id           . 
_struct_mon_prot_cis.pdbx_PDB_ins_code      ? 
_struct_mon_prot_cis.auth_comp_id           ASN 
_struct_mon_prot_cis.auth_seq_id            18 
_struct_mon_prot_cis.auth_asym_id           A 
_struct_mon_prot_cis.pdbx_label_comp_id_2   PRO 
_struct_mon_prot_cis.pdbx_label_seq_id_2    19 
_struct_mon_prot_cis.pdbx_label_asym_id_2   A 
_struct_mon_prot_cis.pdbx_PDB_ins_code_2    ? 
_struct_mon_prot_cis.pdbx_auth_comp_id_2    PRO 
_struct_mon_prot_cis.pdbx_auth_seq_id_2     19 
_struct_mon_prot_cis.pdbx_auth_asym_id_2    A 
_struct_mon_prot_cis.pdbx_PDB_model_num     1 
_struct_mon_prot_cis.pdbx_omega_angle       10.23 
# 
_struct_sheet.id               A 
_struct_sheet.type             ? 
_struct_sheet.number_strands   2 
_struct_sheet.details          ? 
# 
_struct_sheet_order.sheet_id     A 
_struct_sheet_order.range_id_1   1 
_struct_sheet_order.range_id_2   2 
_struct_sheet_order.offset       ? 
_struct_sheet_order.sense        anti-parallel 
# 
loop_
_struct_sheet_range.sheet_id 
_struct_sheet_range.id 
_struct_sheet_range.beg_label_comp_id 
_struct_sheet_range.beg_label_asym_id 
_struct_sheet_range.beg_label_seq_id 
_struct_sheet_range.pdbx_beg_PDB_ins_code 
_struct_sheet_range.end_label_comp_id 
_struct_sheet_range.end_label_asym_id 
_struct_sheet_range.end_label_seq_id 
_struct_sheet_range.pdbx_end_PDB_ins_code 
_struct_sheet_range.beg_auth_comp_id 
_struct_sheet_range.beg_auth_asym_id 
_struct_sheet_range.beg_auth_seq_id 
_struct_sheet_range.end_auth_comp_id 
_struct_sheet_range.end_auth_asym_id 
_struct_sheet_range.end_auth_seq_id 
A 1 HIS A 39 ? GLN A 44 ? HIS A 39 GLN A 44 
A 2 ARG A 77 ? CYS A 81 ? ARG A 77 CYS A 81 
# 
_pdbx_struct_sheet_hbond.sheet_id                A 
_pdbx_struct_sheet_hbond.range_id_1              1 
_pdbx_struct_sheet_hbond.range_id_2              2 
_pdbx_struct_sheet_hbond.range_1_label_atom_id   N 
_pdbx_struct_sheet_hbond.range_1_label_comp_id   ALA 
_pdbx_struct_sheet_hbond.range_1_label_asym_id   A 
_pdbx_struct_sheet_hbond.range_1_label_seq_id    43 
_pdbx_struct_sheet_hbond.range_1_PDB_ins_code    ? 
_pdbx_struct_sheet_hbond.range_1_auth_atom_id    N 
_pdbx_struct_sheet_hbond.range_1_auth_comp_id    ALA 
_pdbx_struct_sheet_hbond.range_1_auth_asym_id    A 
_pdbx_struct_sheet_hbond.range_1_auth_seq_id     43 
_pdbx_struct_sheet_hbond.range_2_label_atom_id   O 
_pdbx_struct_sheet_hbond.range_2_label_comp_id   TRP 
_pdbx_struct_sheet_hbond.range_2_label_asym_id   A 
_pdbx_struct_sheet_hbond.range_2_label_seq_id    78 
_pdbx_struct_sheet_hbond.range_2_PDB_ins_code    ? 
_pdbx_struct_sheet_hbond.range_2_auth_atom_id    O 
_pdbx_struct_sheet_hbond.range_2_auth_comp_id    TRP 
_pdbx_struct_sheet_hbond.range_2_auth_asym_id    A 
_pdbx_struct_sheet_hbond.range_2_auth_seq_id     78 
# 
_pdbx_entry_details.entry_id                   4IOH 
_pdbx_entry_details.compound_details           ? 
_pdbx_entry_details.source_details             ? 
_pdbx_entry_details.nonpolymer_details         ? 
_pdbx_entry_details.sequence_details           ? 
_pdbx_entry_details.has_ligand_of_interest     ? 
_pdbx_entry_details.has_protein_modification   Y 
# 
loop_
_pdbx_validate_torsion.id 
_pdbx_validate_torsion.PDB_model_num 
_pdbx_validate_torsion.auth_comp_id 
_pdbx_validate_torsion.auth_asym_id 
_pdbx_validate_torsion.auth_seq_id 
_pdbx_validate_torsion.PDB_ins_code 
_pdbx_validate_torsion.label_alt_id 
_pdbx_validate_torsion.phi 
_pdbx_validate_torsion.psi 
1 1 CYS A 29  ? ? -77.23  49.03   
2 1 VAL A 64  ? ? -163.13 96.52   
3 1 PRO A 65  ? ? -79.78  43.37   
4 1 GLN A 68  ? ? 57.47   70.22   
5 1 HIS A 118 ? ? -105.61 45.52   
6 1 ALA A 119 ? ? -75.30  -154.40 
# 
_pdbx_SG_project.id                    1 
_pdbx_SG_project.project_name          PSI:Biology 
_pdbx_SG_project.full_name_of_center   'Northeast Structural Genomics Consortium' 
_pdbx_SG_project.initial_of_center     NESG 
# 
loop_
_pdbx_struct_mod_residue.id 
_pdbx_struct_mod_residue.label_asym_id 
_pdbx_struct_mod_residue.label_comp_id 
_pdbx_struct_mod_residue.label_seq_id 
_pdbx_struct_mod_residue.auth_asym_id 
_pdbx_struct_mod_residue.auth_comp_id 
_pdbx_struct_mod_residue.auth_seq_id 
_pdbx_struct_mod_residue.PDB_ins_code 
_pdbx_struct_mod_residue.parent_comp_id 
_pdbx_struct_mod_residue.details 
1 A MSE 2  A MSE 2  ? MET SELENOMETHIONINE 
2 A MSE 5  A MSE 5  ? MET SELENOMETHIONINE 
3 A MSE 45 A MSE 45 ? MET SELENOMETHIONINE 
# 
loop_
_pdbx_struct_special_symmetry.id 
_pdbx_struct_special_symmetry.PDB_model_num 
_pdbx_struct_special_symmetry.auth_asym_id 
_pdbx_struct_special_symmetry.auth_comp_id 
_pdbx_struct_special_symmetry.auth_seq_id 
_pdbx_struct_special_symmetry.PDB_ins_code 
_pdbx_struct_special_symmetry.label_asym_id 
_pdbx_struct_special_symmetry.label_comp_id 
_pdbx_struct_special_symmetry.label_seq_id 
1 1 A HOH 213 ? B HOH . 
2 1 A HOH 216 ? B HOH . 
# 
loop_
_pdbx_unobs_or_zero_occ_residues.id 
_pdbx_unobs_or_zero_occ_residues.PDB_model_num 
_pdbx_unobs_or_zero_occ_residues.polymer_flag 
_pdbx_unobs_or_zero_occ_residues.occupancy_flag 
_pdbx_unobs_or_zero_occ_residues.auth_asym_id 
_pdbx_unobs_or_zero_occ_residues.auth_comp_id 
_pdbx_unobs_or_zero_occ_residues.auth_seq_id 
_pdbx_unobs_or_zero_occ_residues.PDB_ins_code 
_pdbx_unobs_or_zero_occ_residues.label_asym_id 
_pdbx_unobs_or_zero_occ_residues.label_comp_id 
_pdbx_unobs_or_zero_occ_residues.label_seq_id 
1  1 Y 1 A MSE 1   ? A MSE 1   
2  1 Y 1 A GLY 122 ? A GLY 122 
3  1 Y 1 A ASN 123 ? A ASN 123 
4  1 Y 1 A GLN 124 ? A GLN 124 
5  1 Y 1 A GLN 125 ? A GLN 125 
6  1 Y 1 A ARG 126 ? A ARG 126 
7  1 Y 1 A LEU 127 ? A LEU 127 
8  1 Y 1 A GLU 128 ? A GLU 128 
9  1 Y 1 A HIS 129 ? A HIS 129 
10 1 Y 1 A HIS 130 ? A HIS 130 
11 1 Y 1 A HIS 131 ? A HIS 131 
12 1 Y 1 A HIS 132 ? A HIS 132 
13 1 Y 1 A HIS 133 ? A HIS 133 
14 1 Y 1 A HIS 134 ? A HIS 134 
# 
loop_
_chem_comp_atom.comp_id 
_chem_comp_atom.atom_id 
_chem_comp_atom.type_symbol 
_chem_comp_atom.pdbx_aromatic_flag 
_chem_comp_atom.pdbx_stereo_config 
_chem_comp_atom.pdbx_ordinal 
ALA N    N  N N 1   
ALA CA   C  N S 2   
ALA C    C  N N 3   
ALA O    O  N N 4   
ALA CB   C  N N 5   
ALA OXT  O  N N 6   
ALA H    H  N N 7   
ALA H2   H  N N 8   
ALA HA   H  N N 9   
ALA HB1  H  N N 10  
ALA HB2  H  N N 11  
ALA HB3  H  N N 12  
ALA HXT  H  N N 13  
ARG N    N  N N 14  
ARG CA   C  N S 15  
ARG C    C  N N 16  
ARG O    O  N N 17  
ARG CB   C  N N 18  
ARG CG   C  N N 19  
ARG CD   C  N N 20  
ARG NE   N  N N 21  
ARG CZ   C  N N 22  
ARG NH1  N  N N 23  
ARG NH2  N  N N 24  
ARG OXT  O  N N 25  
ARG H    H  N N 26  
ARG H2   H  N N 27  
ARG HA   H  N N 28  
ARG HB2  H  N N 29  
ARG HB3  H  N N 30  
ARG HG2  H  N N 31  
ARG HG3  H  N N 32  
ARG HD2  H  N N 33  
ARG HD3  H  N N 34  
ARG HE   H  N N 35  
ARG HH11 H  N N 36  
ARG HH12 H  N N 37  
ARG HH21 H  N N 38  
ARG HH22 H  N N 39  
ARG HXT  H  N N 40  
ASN N    N  N N 41  
ASN CA   C  N S 42  
ASN C    C  N N 43  
ASN O    O  N N 44  
ASN CB   C  N N 45  
ASN CG   C  N N 46  
ASN OD1  O  N N 47  
ASN ND2  N  N N 48  
ASN OXT  O  N N 49  
ASN H    H  N N 50  
ASN H2   H  N N 51  
ASN HA   H  N N 52  
ASN HB2  H  N N 53  
ASN HB3  H  N N 54  
ASN HD21 H  N N 55  
ASN HD22 H  N N 56  
ASN HXT  H  N N 57  
ASP N    N  N N 58  
ASP CA   C  N S 59  
ASP C    C  N N 60  
ASP O    O  N N 61  
ASP CB   C  N N 62  
ASP CG   C  N N 63  
ASP OD1  O  N N 64  
ASP OD2  O  N N 65  
ASP OXT  O  N N 66  
ASP H    H  N N 67  
ASP H2   H  N N 68  
ASP HA   H  N N 69  
ASP HB2  H  N N 70  
ASP HB3  H  N N 71  
ASP HD2  H  N N 72  
ASP HXT  H  N N 73  
CYS N    N  N N 74  
CYS CA   C  N R 75  
CYS C    C  N N 76  
CYS O    O  N N 77  
CYS CB   C  N N 78  
CYS SG   S  N N 79  
CYS OXT  O  N N 80  
CYS H    H  N N 81  
CYS H2   H  N N 82  
CYS HA   H  N N 83  
CYS HB2  H  N N 84  
CYS HB3  H  N N 85  
CYS HG   H  N N 86  
CYS HXT  H  N N 87  
GLN N    N  N N 88  
GLN CA   C  N S 89  
GLN C    C  N N 90  
GLN O    O  N N 91  
GLN CB   C  N N 92  
GLN CG   C  N N 93  
GLN CD   C  N N 94  
GLN OE1  O  N N 95  
GLN NE2  N  N N 96  
GLN OXT  O  N N 97  
GLN H    H  N N 98  
GLN H2   H  N N 99  
GLN HA   H  N N 100 
GLN HB2  H  N N 101 
GLN HB3  H  N N 102 
GLN HG2  H  N N 103 
GLN HG3  H  N N 104 
GLN HE21 H  N N 105 
GLN HE22 H  N N 106 
GLN HXT  H  N N 107 
GLU N    N  N N 108 
GLU CA   C  N S 109 
GLU C    C  N N 110 
GLU O    O  N N 111 
GLU CB   C  N N 112 
GLU CG   C  N N 113 
GLU CD   C  N N 114 
GLU OE1  O  N N 115 
GLU OE2  O  N N 116 
GLU OXT  O  N N 117 
GLU H    H  N N 118 
GLU H2   H  N N 119 
GLU HA   H  N N 120 
GLU HB2  H  N N 121 
GLU HB3  H  N N 122 
GLU HG2  H  N N 123 
GLU HG3  H  N N 124 
GLU HE2  H  N N 125 
GLU HXT  H  N N 126 
GLY N    N  N N 127 
GLY CA   C  N N 128 
GLY C    C  N N 129 
GLY O    O  N N 130 
GLY OXT  O  N N 131 
GLY H    H  N N 132 
GLY H2   H  N N 133 
GLY HA2  H  N N 134 
GLY HA3  H  N N 135 
GLY HXT  H  N N 136 
HIS N    N  N N 137 
HIS CA   C  N S 138 
HIS C    C  N N 139 
HIS O    O  N N 140 
HIS CB   C  N N 141 
HIS CG   C  Y N 142 
HIS ND1  N  Y N 143 
HIS CD2  C  Y N 144 
HIS CE1  C  Y N 145 
HIS NE2  N  Y N 146 
HIS OXT  O  N N 147 
HIS H    H  N N 148 
HIS H2   H  N N 149 
HIS HA   H  N N 150 
HIS HB2  H  N N 151 
HIS HB3  H  N N 152 
HIS HD1  H  N N 153 
HIS HD2  H  N N 154 
HIS HE1  H  N N 155 
HIS HE2  H  N N 156 
HIS HXT  H  N N 157 
HOH O    O  N N 158 
HOH H1   H  N N 159 
HOH H2   H  N N 160 
ILE N    N  N N 161 
ILE CA   C  N S 162 
ILE C    C  N N 163 
ILE O    O  N N 164 
ILE CB   C  N S 165 
ILE CG1  C  N N 166 
ILE CG2  C  N N 167 
ILE CD1  C  N N 168 
ILE OXT  O  N N 169 
ILE H    H  N N 170 
ILE H2   H  N N 171 
ILE HA   H  N N 172 
ILE HB   H  N N 173 
ILE HG12 H  N N 174 
ILE HG13 H  N N 175 
ILE HG21 H  N N 176 
ILE HG22 H  N N 177 
ILE HG23 H  N N 178 
ILE HD11 H  N N 179 
ILE HD12 H  N N 180 
ILE HD13 H  N N 181 
ILE HXT  H  N N 182 
LEU N    N  N N 183 
LEU CA   C  N S 184 
LEU C    C  N N 185 
LEU O    O  N N 186 
LEU CB   C  N N 187 
LEU CG   C  N N 188 
LEU CD1  C  N N 189 
LEU CD2  C  N N 190 
LEU OXT  O  N N 191 
LEU H    H  N N 192 
LEU H2   H  N N 193 
LEU HA   H  N N 194 
LEU HB2  H  N N 195 
LEU HB3  H  N N 196 
LEU HG   H  N N 197 
LEU HD11 H  N N 198 
LEU HD12 H  N N 199 
LEU HD13 H  N N 200 
LEU HD21 H  N N 201 
LEU HD22 H  N N 202 
LEU HD23 H  N N 203 
LEU HXT  H  N N 204 
LYS N    N  N N 205 
LYS CA   C  N S 206 
LYS C    C  N N 207 
LYS O    O  N N 208 
LYS CB   C  N N 209 
LYS CG   C  N N 210 
LYS CD   C  N N 211 
LYS CE   C  N N 212 
LYS NZ   N  N N 213 
LYS OXT  O  N N 214 
LYS H    H  N N 215 
LYS H2   H  N N 216 
LYS HA   H  N N 217 
LYS HB2  H  N N 218 
LYS HB3  H  N N 219 
LYS HG2  H  N N 220 
LYS HG3  H  N N 221 
LYS HD2  H  N N 222 
LYS HD3  H  N N 223 
LYS HE2  H  N N 224 
LYS HE3  H  N N 225 
LYS HZ1  H  N N 226 
LYS HZ2  H  N N 227 
LYS HZ3  H  N N 228 
LYS HXT  H  N N 229 
MSE N    N  N N 230 
MSE CA   C  N S 231 
MSE C    C  N N 232 
MSE O    O  N N 233 
MSE OXT  O  N N 234 
MSE CB   C  N N 235 
MSE CG   C  N N 236 
MSE SE   SE N N 237 
MSE CE   C  N N 238 
MSE H    H  N N 239 
MSE H2   H  N N 240 
MSE HA   H  N N 241 
MSE HXT  H  N N 242 
MSE HB2  H  N N 243 
MSE HB3  H  N N 244 
MSE HG2  H  N N 245 
MSE HG3  H  N N 246 
MSE HE1  H  N N 247 
MSE HE2  H  N N 248 
MSE HE3  H  N N 249 
PHE N    N  N N 250 
PHE CA   C  N S 251 
PHE C    C  N N 252 
PHE O    O  N N 253 
PHE CB   C  N N 254 
PHE CG   C  Y N 255 
PHE CD1  C  Y N 256 
PHE CD2  C  Y N 257 
PHE CE1  C  Y N 258 
PHE CE2  C  Y N 259 
PHE CZ   C  Y N 260 
PHE OXT  O  N N 261 
PHE H    H  N N 262 
PHE H2   H  N N 263 
PHE HA   H  N N 264 
PHE HB2  H  N N 265 
PHE HB3  H  N N 266 
PHE HD1  H  N N 267 
PHE HD2  H  N N 268 
PHE HE1  H  N N 269 
PHE HE2  H  N N 270 
PHE HZ   H  N N 271 
PHE HXT  H  N N 272 
PRO N    N  N N 273 
PRO CA   C  N S 274 
PRO C    C  N N 275 
PRO O    O  N N 276 
PRO CB   C  N N 277 
PRO CG   C  N N 278 
PRO CD   C  N N 279 
PRO OXT  O  N N 280 
PRO H    H  N N 281 
PRO HA   H  N N 282 
PRO HB2  H  N N 283 
PRO HB3  H  N N 284 
PRO HG2  H  N N 285 
PRO HG3  H  N N 286 
PRO HD2  H  N N 287 
PRO HD3  H  N N 288 
PRO HXT  H  N N 289 
SER N    N  N N 290 
SER CA   C  N S 291 
SER C    C  N N 292 
SER O    O  N N 293 
SER CB   C  N N 294 
SER OG   O  N N 295 
SER OXT  O  N N 296 
SER H    H  N N 297 
SER H2   H  N N 298 
SER HA   H  N N 299 
SER HB2  H  N N 300 
SER HB3  H  N N 301 
SER HG   H  N N 302 
SER HXT  H  N N 303 
THR N    N  N N 304 
THR CA   C  N S 305 
THR C    C  N N 306 
THR O    O  N N 307 
THR CB   C  N R 308 
THR OG1  O  N N 309 
THR CG2  C  N N 310 
THR OXT  O  N N 311 
THR H    H  N N 312 
THR H2   H  N N 313 
THR HA   H  N N 314 
THR HB   H  N N 315 
THR HG1  H  N N 316 
THR HG21 H  N N 317 
THR HG22 H  N N 318 
THR HG23 H  N N 319 
THR HXT  H  N N 320 
TRP N    N  N N 321 
TRP CA   C  N S 322 
TRP C    C  N N 323 
TRP O    O  N N 324 
TRP CB   C  N N 325 
TRP CG   C  Y N 326 
TRP CD1  C  Y N 327 
TRP CD2  C  Y N 328 
TRP NE1  N  Y N 329 
TRP CE2  C  Y N 330 
TRP CE3  C  Y N 331 
TRP CZ2  C  Y N 332 
TRP CZ3  C  Y N 333 
TRP CH2  C  Y N 334 
TRP OXT  O  N N 335 
TRP H    H  N N 336 
TRP H2   H  N N 337 
TRP HA   H  N N 338 
TRP HB2  H  N N 339 
TRP HB3  H  N N 340 
TRP HD1  H  N N 341 
TRP HE1  H  N N 342 
TRP HE3  H  N N 343 
TRP HZ2  H  N N 344 
TRP HZ3  H  N N 345 
TRP HH2  H  N N 346 
TRP HXT  H  N N 347 
TYR N    N  N N 348 
TYR CA   C  N S 349 
TYR C    C  N N 350 
TYR O    O  N N 351 
TYR CB   C  N N 352 
TYR CG   C  Y N 353 
TYR CD1  C  Y N 354 
TYR CD2  C  Y N 355 
TYR CE1  C  Y N 356 
TYR CE2  C  Y N 357 
TYR CZ   C  Y N 358 
TYR OH   O  N N 359 
TYR OXT  O  N N 360 
TYR H    H  N N 361 
TYR H2   H  N N 362 
TYR HA   H  N N 363 
TYR HB2  H  N N 364 
TYR HB3  H  N N 365 
TYR HD1  H  N N 366 
TYR HD2  H  N N 367 
TYR HE1  H  N N 368 
TYR HE2  H  N N 369 
TYR HH   H  N N 370 
TYR HXT  H  N N 371 
VAL N    N  N N 372 
VAL CA   C  N S 373 
VAL C    C  N N 374 
VAL O    O  N N 375 
VAL CB   C  N N 376 
VAL CG1  C  N N 377 
VAL CG2  C  N N 378 
VAL OXT  O  N N 379 
VAL H    H  N N 380 
VAL H2   H  N N 381 
VAL HA   H  N N 382 
VAL HB   H  N N 383 
VAL HG11 H  N N 384 
VAL HG12 H  N N 385 
VAL HG13 H  N N 386 
VAL HG21 H  N N 387 
VAL HG22 H  N N 388 
VAL HG23 H  N N 389 
VAL HXT  H  N N 390 
# 
loop_
_chem_comp_bond.comp_id 
_chem_comp_bond.atom_id_1 
_chem_comp_bond.atom_id_2 
_chem_comp_bond.value_order 
_chem_comp_bond.pdbx_aromatic_flag 
_chem_comp_bond.pdbx_stereo_config 
_chem_comp_bond.pdbx_ordinal 
ALA N   CA   sing N N 1   
ALA N   H    sing N N 2   
ALA N   H2   sing N N 3   
ALA CA  C    sing N N 4   
ALA CA  CB   sing N N 5   
ALA CA  HA   sing N N 6   
ALA C   O    doub N N 7   
ALA C   OXT  sing N N 8   
ALA CB  HB1  sing N N 9   
ALA CB  HB2  sing N N 10  
ALA CB  HB3  sing N N 11  
ALA OXT HXT  sing N N 12  
ARG N   CA   sing N N 13  
ARG N   H    sing N N 14  
ARG N   H2   sing N N 15  
ARG CA  C    sing N N 16  
ARG CA  CB   sing N N 17  
ARG CA  HA   sing N N 18  
ARG C   O    doub N N 19  
ARG C   OXT  sing N N 20  
ARG CB  CG   sing N N 21  
ARG CB  HB2  sing N N 22  
ARG CB  HB3  sing N N 23  
ARG CG  CD   sing N N 24  
ARG CG  HG2  sing N N 25  
ARG CG  HG3  sing N N 26  
ARG CD  NE   sing N N 27  
ARG CD  HD2  sing N N 28  
ARG CD  HD3  sing N N 29  
ARG NE  CZ   sing N N 30  
ARG NE  HE   sing N N 31  
ARG CZ  NH1  sing N N 32  
ARG CZ  NH2  doub N N 33  
ARG NH1 HH11 sing N N 34  
ARG NH1 HH12 sing N N 35  
ARG NH2 HH21 sing N N 36  
ARG NH2 HH22 sing N N 37  
ARG OXT HXT  sing N N 38  
ASN N   CA   sing N N 39  
ASN N   H    sing N N 40  
ASN N   H2   sing N N 41  
ASN CA  C    sing N N 42  
ASN CA  CB   sing N N 43  
ASN CA  HA   sing N N 44  
ASN C   O    doub N N 45  
ASN C   OXT  sing N N 46  
ASN CB  CG   sing N N 47  
ASN CB  HB2  sing N N 48  
ASN CB  HB3  sing N N 49  
ASN CG  OD1  doub N N 50  
ASN CG  ND2  sing N N 51  
ASN ND2 HD21 sing N N 52  
ASN ND2 HD22 sing N N 53  
ASN OXT HXT  sing N N 54  
ASP N   CA   sing N N 55  
ASP N   H    sing N N 56  
ASP N   H2   sing N N 57  
ASP CA  C    sing N N 58  
ASP CA  CB   sing N N 59  
ASP CA  HA   sing N N 60  
ASP C   O    doub N N 61  
ASP C   OXT  sing N N 62  
ASP CB  CG   sing N N 63  
ASP CB  HB2  sing N N 64  
ASP CB  HB3  sing N N 65  
ASP CG  OD1  doub N N 66  
ASP CG  OD2  sing N N 67  
ASP OD2 HD2  sing N N 68  
ASP OXT HXT  sing N N 69  
CYS N   CA   sing N N 70  
CYS N   H    sing N N 71  
CYS N   H2   sing N N 72  
CYS CA  C    sing N N 73  
CYS CA  CB   sing N N 74  
CYS CA  HA   sing N N 75  
CYS C   O    doub N N 76  
CYS C   OXT  sing N N 77  
CYS CB  SG   sing N N 78  
CYS CB  HB2  sing N N 79  
CYS CB  HB3  sing N N 80  
CYS SG  HG   sing N N 81  
CYS OXT HXT  sing N N 82  
GLN N   CA   sing N N 83  
GLN N   H    sing N N 84  
GLN N   H2   sing N N 85  
GLN CA  C    sing N N 86  
GLN CA  CB   sing N N 87  
GLN CA  HA   sing N N 88  
GLN C   O    doub N N 89  
GLN C   OXT  sing N N 90  
GLN CB  CG   sing N N 91  
GLN CB  HB2  sing N N 92  
GLN CB  HB3  sing N N 93  
GLN CG  CD   sing N N 94  
GLN CG  HG2  sing N N 95  
GLN CG  HG3  sing N N 96  
GLN CD  OE1  doub N N 97  
GLN CD  NE2  sing N N 98  
GLN NE2 HE21 sing N N 99  
GLN NE2 HE22 sing N N 100 
GLN OXT HXT  sing N N 101 
GLU N   CA   sing N N 102 
GLU N   H    sing N N 103 
GLU N   H2   sing N N 104 
GLU CA  C    sing N N 105 
GLU CA  CB   sing N N 106 
GLU CA  HA   sing N N 107 
GLU C   O    doub N N 108 
GLU C   OXT  sing N N 109 
GLU CB  CG   sing N N 110 
GLU CB  HB2  sing N N 111 
GLU CB  HB3  sing N N 112 
GLU CG  CD   sing N N 113 
GLU CG  HG2  sing N N 114 
GLU CG  HG3  sing N N 115 
GLU CD  OE1  doub N N 116 
GLU CD  OE2  sing N N 117 
GLU OE2 HE2  sing N N 118 
GLU OXT HXT  sing N N 119 
GLY N   CA   sing N N 120 
GLY N   H    sing N N 121 
GLY N   H2   sing N N 122 
GLY CA  C    sing N N 123 
GLY CA  HA2  sing N N 124 
GLY CA  HA3  sing N N 125 
GLY C   O    doub N N 126 
GLY C   OXT  sing N N 127 
GLY OXT HXT  sing N N 128 
HIS N   CA   sing N N 129 
HIS N   H    sing N N 130 
HIS N   H2   sing N N 131 
HIS CA  C    sing N N 132 
HIS CA  CB   sing N N 133 
HIS CA  HA   sing N N 134 
HIS C   O    doub N N 135 
HIS C   OXT  sing N N 136 
HIS CB  CG   sing N N 137 
HIS CB  HB2  sing N N 138 
HIS CB  HB3  sing N N 139 
HIS CG  ND1  sing Y N 140 
HIS CG  CD2  doub Y N 141 
HIS ND1 CE1  doub Y N 142 
HIS ND1 HD1  sing N N 143 
HIS CD2 NE2  sing Y N 144 
HIS CD2 HD2  sing N N 145 
HIS CE1 NE2  sing Y N 146 
HIS CE1 HE1  sing N N 147 
HIS NE2 HE2  sing N N 148 
HIS OXT HXT  sing N N 149 
HOH O   H1   sing N N 150 
HOH O   H2   sing N N 151 
ILE N   CA   sing N N 152 
ILE N   H    sing N N 153 
ILE N   H2   sing N N 154 
ILE CA  C    sing N N 155 
ILE CA  CB   sing N N 156 
ILE CA  HA   sing N N 157 
ILE C   O    doub N N 158 
ILE C   OXT  sing N N 159 
ILE CB  CG1  sing N N 160 
ILE CB  CG2  sing N N 161 
ILE CB  HB   sing N N 162 
ILE CG1 CD1  sing N N 163 
ILE CG1 HG12 sing N N 164 
ILE CG1 HG13 sing N N 165 
ILE CG2 HG21 sing N N 166 
ILE CG2 HG22 sing N N 167 
ILE CG2 HG23 sing N N 168 
ILE CD1 HD11 sing N N 169 
ILE CD1 HD12 sing N N 170 
ILE CD1 HD13 sing N N 171 
ILE OXT HXT  sing N N 172 
LEU N   CA   sing N N 173 
LEU N   H    sing N N 174 
LEU N   H2   sing N N 175 
LEU CA  C    sing N N 176 
LEU CA  CB   sing N N 177 
LEU CA  HA   sing N N 178 
LEU C   O    doub N N 179 
LEU C   OXT  sing N N 180 
LEU CB  CG   sing N N 181 
LEU CB  HB2  sing N N 182 
LEU CB  HB3  sing N N 183 
LEU CG  CD1  sing N N 184 
LEU CG  CD2  sing N N 185 
LEU CG  HG   sing N N 186 
LEU CD1 HD11 sing N N 187 
LEU CD1 HD12 sing N N 188 
LEU CD1 HD13 sing N N 189 
LEU CD2 HD21 sing N N 190 
LEU CD2 HD22 sing N N 191 
LEU CD2 HD23 sing N N 192 
LEU OXT HXT  sing N N 193 
LYS N   CA   sing N N 194 
LYS N   H    sing N N 195 
LYS N   H2   sing N N 196 
LYS CA  C    sing N N 197 
LYS CA  CB   sing N N 198 
LYS CA  HA   sing N N 199 
LYS C   O    doub N N 200 
LYS C   OXT  sing N N 201 
LYS CB  CG   sing N N 202 
LYS CB  HB2  sing N N 203 
LYS CB  HB3  sing N N 204 
LYS CG  CD   sing N N 205 
LYS CG  HG2  sing N N 206 
LYS CG  HG3  sing N N 207 
LYS CD  CE   sing N N 208 
LYS CD  HD2  sing N N 209 
LYS CD  HD3  sing N N 210 
LYS CE  NZ   sing N N 211 
LYS CE  HE2  sing N N 212 
LYS CE  HE3  sing N N 213 
LYS NZ  HZ1  sing N N 214 
LYS NZ  HZ2  sing N N 215 
LYS NZ  HZ3  sing N N 216 
LYS OXT HXT  sing N N 217 
MSE N   CA   sing N N 218 
MSE N   H    sing N N 219 
MSE N   H2   sing N N 220 
MSE CA  C    sing N N 221 
MSE CA  CB   sing N N 222 
MSE CA  HA   sing N N 223 
MSE C   O    doub N N 224 
MSE C   OXT  sing N N 225 
MSE OXT HXT  sing N N 226 
MSE CB  CG   sing N N 227 
MSE CB  HB2  sing N N 228 
MSE CB  HB3  sing N N 229 
MSE CG  SE   sing N N 230 
MSE CG  HG2  sing N N 231 
MSE CG  HG3  sing N N 232 
MSE SE  CE   sing N N 233 
MSE CE  HE1  sing N N 234 
MSE CE  HE2  sing N N 235 
MSE CE  HE3  sing N N 236 
PHE N   CA   sing N N 237 
PHE N   H    sing N N 238 
PHE N   H2   sing N N 239 
PHE CA  C    sing N N 240 
PHE CA  CB   sing N N 241 
PHE CA  HA   sing N N 242 
PHE C   O    doub N N 243 
PHE C   OXT  sing N N 244 
PHE CB  CG   sing N N 245 
PHE CB  HB2  sing N N 246 
PHE CB  HB3  sing N N 247 
PHE CG  CD1  doub Y N 248 
PHE CG  CD2  sing Y N 249 
PHE CD1 CE1  sing Y N 250 
PHE CD1 HD1  sing N N 251 
PHE CD2 CE2  doub Y N 252 
PHE CD2 HD2  sing N N 253 
PHE CE1 CZ   doub Y N 254 
PHE CE1 HE1  sing N N 255 
PHE CE2 CZ   sing Y N 256 
PHE CE2 HE2  sing N N 257 
PHE CZ  HZ   sing N N 258 
PHE OXT HXT  sing N N 259 
PRO N   CA   sing N N 260 
PRO N   CD   sing N N 261 
PRO N   H    sing N N 262 
PRO CA  C    sing N N 263 
PRO CA  CB   sing N N 264 
PRO CA  HA   sing N N 265 
PRO C   O    doub N N 266 
PRO C   OXT  sing N N 267 
PRO CB  CG   sing N N 268 
PRO CB  HB2  sing N N 269 
PRO CB  HB3  sing N N 270 
PRO CG  CD   sing N N 271 
PRO CG  HG2  sing N N 272 
PRO CG  HG3  sing N N 273 
PRO CD  HD2  sing N N 274 
PRO CD  HD3  sing N N 275 
PRO OXT HXT  sing N N 276 
SER N   CA   sing N N 277 
SER N   H    sing N N 278 
SER N   H2   sing N N 279 
SER CA  C    sing N N 280 
SER CA  CB   sing N N 281 
SER CA  HA   sing N N 282 
SER C   O    doub N N 283 
SER C   OXT  sing N N 284 
SER CB  OG   sing N N 285 
SER CB  HB2  sing N N 286 
SER CB  HB3  sing N N 287 
SER OG  HG   sing N N 288 
SER OXT HXT  sing N N 289 
THR N   CA   sing N N 290 
THR N   H    sing N N 291 
THR N   H2   sing N N 292 
THR CA  C    sing N N 293 
THR CA  CB   sing N N 294 
THR CA  HA   sing N N 295 
THR C   O    doub N N 296 
THR C   OXT  sing N N 297 
THR CB  OG1  sing N N 298 
THR CB  CG2  sing N N 299 
THR CB  HB   sing N N 300 
THR OG1 HG1  sing N N 301 
THR CG2 HG21 sing N N 302 
THR CG2 HG22 sing N N 303 
THR CG2 HG23 sing N N 304 
THR OXT HXT  sing N N 305 
TRP N   CA   sing N N 306 
TRP N   H    sing N N 307 
TRP N   H2   sing N N 308 
TRP CA  C    sing N N 309 
TRP CA  CB   sing N N 310 
TRP CA  HA   sing N N 311 
TRP C   O    doub N N 312 
TRP C   OXT  sing N N 313 
TRP CB  CG   sing N N 314 
TRP CB  HB2  sing N N 315 
TRP CB  HB3  sing N N 316 
TRP CG  CD1  doub Y N 317 
TRP CG  CD2  sing Y N 318 
TRP CD1 NE1  sing Y N 319 
TRP CD1 HD1  sing N N 320 
TRP CD2 CE2  doub Y N 321 
TRP CD2 CE3  sing Y N 322 
TRP NE1 CE2  sing Y N 323 
TRP NE1 HE1  sing N N 324 
TRP CE2 CZ2  sing Y N 325 
TRP CE3 CZ3  doub Y N 326 
TRP CE3 HE3  sing N N 327 
TRP CZ2 CH2  doub Y N 328 
TRP CZ2 HZ2  sing N N 329 
TRP CZ3 CH2  sing Y N 330 
TRP CZ3 HZ3  sing N N 331 
TRP CH2 HH2  sing N N 332 
TRP OXT HXT  sing N N 333 
TYR N   CA   sing N N 334 
TYR N   H    sing N N 335 
TYR N   H2   sing N N 336 
TYR CA  C    sing N N 337 
TYR CA  CB   sing N N 338 
TYR CA  HA   sing N N 339 
TYR C   O    doub N N 340 
TYR C   OXT  sing N N 341 
TYR CB  CG   sing N N 342 
TYR CB  HB2  sing N N 343 
TYR CB  HB3  sing N N 344 
TYR CG  CD1  doub Y N 345 
TYR CG  CD2  sing Y N 346 
TYR CD1 CE1  sing Y N 347 
TYR CD1 HD1  sing N N 348 
TYR CD2 CE2  doub Y N 349 
TYR CD2 HD2  sing N N 350 
TYR CE1 CZ   doub Y N 351 
TYR CE1 HE1  sing N N 352 
TYR CE2 CZ   sing Y N 353 
TYR CE2 HE2  sing N N 354 
TYR CZ  OH   sing N N 355 
TYR OH  HH   sing N N 356 
TYR OXT HXT  sing N N 357 
VAL N   CA   sing N N 358 
VAL N   H    sing N N 359 
VAL N   H2   sing N N 360 
VAL CA  C    sing N N 361 
VAL CA  CB   sing N N 362 
VAL CA  HA   sing N N 363 
VAL C   O    doub N N 364 
VAL C   OXT  sing N N 365 
VAL CB  CG1  sing N N 366 
VAL CB  CG2  sing N N 367 
VAL CB  HB   sing N N 368 
VAL CG1 HG11 sing N N 369 
VAL CG1 HG12 sing N N 370 
VAL CG1 HG13 sing N N 371 
VAL CG2 HG21 sing N N 372 
VAL CG2 HG22 sing N N 373 
VAL CG2 HG23 sing N N 374 
VAL OXT HXT  sing N N 375 
# 
_atom_sites.entry_id                    4IOH 
_atom_sites.fract_transf_matrix[1][1]   0.00462481 
_atom_sites.fract_transf_matrix[1][2]   -0.00162684 
_atom_sites.fract_transf_matrix[1][3]   0.01220893 
_atom_sites.fract_transf_matrix[2][1]   0.00212699 
_atom_sites.fract_transf_matrix[2][2]   0.01046950 
_atom_sites.fract_transf_matrix[2][3]   0.00767762 
_atom_sites.fract_transf_matrix[3][1]   -0.01230329 
_atom_sites.fract_transf_matrix[3][2]   -0.00083645 
_atom_sites.fract_transf_matrix[3][3]   0.00454909 
_atom_sites.fract_transf_vector[1]      -0.324381 
_atom_sites.fract_transf_vector[2]      -0.040462 
_atom_sites.fract_transf_vector[3]      0.155555 
# 
loop_
_atom_type.symbol 
C  
N  
O  
S  
SE 
# 
loop_
_atom_site.group_PDB 
_atom_site.id 
_atom_site.type_symbol 
_atom_site.label_atom_id 
_atom_site.label_alt_id 
_atom_site.label_comp_id 
_atom_site.label_asym_id 
_atom_site.label_entity_id 
_atom_site.label_seq_id 
_atom_site.pdbx_PDB_ins_code 
_atom_site.Cartn_x 
_atom_site.Cartn_y 
_atom_site.Cartn_z 
_atom_site.occupancy 
_atom_site.B_iso_or_equiv 
_atom_site.pdbx_formal_charge 
_atom_site.auth_seq_id 
_atom_site.auth_comp_id 
_atom_site.auth_asym_id 
_atom_site.auth_atom_id 
_atom_site.pdbx_PDB_model_num 
HETATM 1   N  N   . MSE A 1 2   ? 15.554  -18.282 15.146  1.00 113.70 ? 2   MSE A N   1 
HETATM 2   C  CA  . MSE A 1 2   ? 16.609  -18.300 14.129  1.00 108.09 ? 2   MSE A CA  1 
HETATM 3   C  C   . MSE A 1 2   ? 16.230  -17.473 12.887  1.00 99.58  ? 2   MSE A C   1 
HETATM 4   O  O   . MSE A 1 2   ? 15.203  -17.732 12.253  1.00 78.41  ? 2   MSE A O   1 
HETATM 5   C  CB  . MSE A 1 2   ? 16.920  -19.739 13.703  1.00 107.62 ? 2   MSE A CB  1 
HETATM 6   C  CG  . MSE A 1 2   ? 18.400  -20.099 13.677  1.00 106.12 ? 2   MSE A CG  1 
HETATM 7   SE SE  . MSE A 1 2   ? 18.969  -20.989 15.317  0.47 111.49 ? 2   MSE A SE  1 
HETATM 8   C  CE  . MSE A 1 2   ? 20.140  -22.340 14.538  1.00 95.30  ? 2   MSE A CE  1 
ATOM   9   N  N   . THR A 1 3   ? 17.056  -16.484 12.547  1.00 106.37 ? 3   THR A N   1 
ATOM   10  C  CA  . THR A 1 3   ? 16.823  -15.665 11.354  1.00 102.68 ? 3   THR A CA  1 
ATOM   11  C  C   . THR A 1 3   ? 17.108  -16.490 10.085  1.00 100.45 ? 3   THR A C   1 
ATOM   12  O  O   . THR A 1 3   ? 18.193  -17.080 9.958   1.00 107.89 ? 3   THR A O   1 
ATOM   13  C  CB  . THR A 1 3   ? 17.684  -14.375 11.374  1.00 109.05 ? 3   THR A CB  1 
ATOM   14  O  OG1 . THR A 1 3   ? 18.929  -14.607 10.709  1.00 104.37 ? 3   THR A OG1 1 
ATOM   15  C  CG2 . THR A 1 3   ? 17.948  -13.931 12.814  1.00 118.50 ? 3   THR A CG2 1 
ATOM   16  N  N   . THR A 1 4   ? 16.142  -16.541 9.159   1.00 81.38  ? 4   THR A N   1 
ATOM   17  C  CA  . THR A 1 4   ? 16.243  -17.455 8.014   1.00 62.87  ? 4   THR A CA  1 
ATOM   18  C  C   . THR A 1 4   ? 17.034  -16.817 6.858   1.00 65.82  ? 4   THR A C   1 
ATOM   19  O  O   . THR A 1 4   ? 16.870  -15.628 6.581   1.00 68.11  ? 4   THR A O   1 
ATOM   20  C  CB  . THR A 1 4   ? 14.848  -18.070 7.641   1.00 78.38  ? 4   THR A CB  1 
ATOM   21  O  OG1 . THR A 1 4   ? 14.760  -18.342 6.237   1.00 71.35  ? 4   THR A OG1 1 
ATOM   22  C  CG2 . THR A 1 4   ? 13.711  -17.151 8.064   1.00 80.35  ? 4   THR A CG2 1 
HETATM 23  N  N   . MSE A 1 5   ? 17.884  -17.615 6.202   1.00 67.46  ? 5   MSE A N   1 
HETATM 24  C  CA  . MSE A 1 5   ? 19.042  -17.120 5.441   1.00 69.36  ? 5   MSE A CA  1 
HETATM 25  C  C   . MSE A 1 5   ? 19.125  -17.500 3.940   1.00 78.39  ? 5   MSE A C   1 
HETATM 26  O  O   . MSE A 1 5   ? 18.723  -18.590 3.541   1.00 70.11  ? 5   MSE A O   1 
HETATM 27  C  CB  . MSE A 1 5   ? 20.296  -17.687 6.131   1.00 77.88  ? 5   MSE A CB  1 
HETATM 28  C  CG  . MSE A 1 5   ? 21.498  -16.762 6.252   1.00 91.11  ? 5   MSE A CG  1 
HETATM 29  SE SE  . MSE A 1 5   ? 21.595  -15.904 8.015   0.53 95.47  ? 5   MSE A SE  1 
HETATM 30  C  CE  . MSE A 1 5   ? 20.159  -14.642 7.837   1.00 52.62  ? 5   MSE A CE  1 
ATOM   31  N  N   . ASN A 1 6   ? 19.704  -16.621 3.121   1.00 78.11  ? 6   ASN A N   1 
ATOM   32  C  CA  . ASN A 1 6   ? 19.864  -16.909 1.692   1.00 65.39  ? 6   ASN A CA  1 
ATOM   33  C  C   . ASN A 1 6   ? 21.272  -17.384 1.347   1.00 66.69  ? 6   ASN A C   1 
ATOM   34  O  O   . ASN A 1 6   ? 22.106  -17.545 2.225   1.00 74.08  ? 6   ASN A O   1 
ATOM   35  C  CB  . ASN A 1 6   ? 19.473  -15.711 0.814   1.00 59.79  ? 6   ASN A CB  1 
ATOM   36  C  CG  . ASN A 1 6   ? 20.187  -14.434 1.205   1.00 54.44  ? 6   ASN A CG  1 
ATOM   37  O  OD1 . ASN A 1 6   ? 21.425  -14.395 1.226   1.00 52.67  ? 6   ASN A OD1 1 
ATOM   38  N  ND2 . ASN A 1 6   ? 19.409  -13.370 1.509   1.00 49.71  ? 6   ASN A ND2 1 
ATOM   39  N  N   . VAL A 1 7   ? 21.533  -17.633 0.070   1.00 72.89  ? 7   VAL A N   1 
ATOM   40  C  CA  . VAL A 1 7   ? 22.839  -18.161 -0.329  1.00 82.12  ? 7   VAL A CA  1 
ATOM   41  C  C   . VAL A 1 7   ? 23.972  -17.220 0.093   1.00 90.34  ? 7   VAL A C   1 
ATOM   42  O  O   . VAL A 1 7   ? 25.054  -17.665 0.489   1.00 100.41 ? 7   VAL A O   1 
ATOM   43  C  CB  . VAL A 1 7   ? 22.903  -18.480 -1.861  1.00 96.62  ? 7   VAL A CB  1 
ATOM   44  C  CG1 . VAL A 1 7   ? 21.911  -17.649 -2.616  1.00 80.65  ? 7   VAL A CG1 1 
ATOM   45  C  CG2 . VAL A 1 7   ? 24.316  -18.274 -2.419  1.00 110.44 ? 7   VAL A CG2 1 
ATOM   46  N  N   . LEU A 1 8   ? 23.681  -15.922 0.057   1.00 93.05  ? 8   LEU A N   1 
ATOM   47  C  CA  . LEU A 1 8   ? 24.682  -14.877 0.269   1.00 84.17  ? 8   LEU A CA  1 
ATOM   48  C  C   . LEU A 1 8   ? 25.088  -14.702 1.735   1.00 92.29  ? 8   LEU A C   1 
ATOM   49  O  O   . LEU A 1 8   ? 26.138  -14.125 2.033   1.00 108.61 ? 8   LEU A O   1 
ATOM   50  C  CB  . LEU A 1 8   ? 24.167  -13.552 -0.300  1.00 73.84  ? 8   LEU A CB  1 
ATOM   51  C  CG  . LEU A 1 8   ? 23.766  -13.640 -1.776  1.00 71.44  ? 8   LEU A CG  1 
ATOM   52  C  CD1 . LEU A 1 8   ? 23.640  -12.257 -2.441  1.00 57.77  ? 8   LEU A CD1 1 
ATOM   53  C  CD2 . LEU A 1 8   ? 24.769  -14.503 -2.528  1.00 79.76  ? 8   LEU A CD2 1 
ATOM   54  N  N   . GLY A 1 9   ? 24.261  -15.199 2.646   1.00 85.46  ? 9   GLY A N   1 
ATOM   55  C  CA  . GLY A 1 9   ? 24.559  -15.100 4.059   1.00 74.00  ? 9   GLY A CA  1 
ATOM   56  C  C   . GLY A 1 9   ? 23.680  -14.062 4.734   1.00 79.32  ? 9   GLY A C   1 
ATOM   57  O  O   . GLY A 1 9   ? 23.827  -13.818 5.935   1.00 87.96  ? 9   GLY A O   1 
ATOM   58  N  N   . THR A 1 10  ? 22.764  -13.458 3.974   1.00 73.40  ? 10  THR A N   1 
ATOM   59  C  CA  . THR A 1 10  ? 21.842  -12.453 4.507   1.00 73.30  ? 10  THR A CA  1 
ATOM   60  C  C   . THR A 1 10  ? 20.484  -13.062 4.819   1.00 75.80  ? 10  THR A C   1 
ATOM   61  O  O   . THR A 1 10  ? 20.230  -14.216 4.444   1.00 73.22  ? 10  THR A O   1 
ATOM   62  C  CB  . THR A 1 10  ? 21.665  -11.289 3.524   1.00 78.55  ? 10  THR A CB  1 
ATOM   63  O  OG1 . THR A 1 10  ? 21.775  -11.775 2.180   1.00 98.30  ? 10  THR A OG1 1 
ATOM   64  C  CG2 . THR A 1 10  ? 22.744  -10.245 3.755   1.00 67.65  ? 10  THR A CG2 1 
ATOM   65  N  N   . PRO A 1 11  ? 19.613  -12.311 5.533   1.00 76.74  ? 11  PRO A N   1 
ATOM   66  C  CA  . PRO A 1 11  ? 18.238  -12.818 5.697   1.00 69.08  ? 11  PRO A CA  1 
ATOM   67  C  C   . PRO A 1 11  ? 17.520  -12.935 4.363   1.00 69.93  ? 11  PRO A C   1 
ATOM   68  O  O   . PRO A 1 11  ? 17.561  -12.025 3.545   1.00 60.56  ? 11  PRO A O   1 
ATOM   69  C  CB  . PRO A 1 11  ? 17.554  -11.753 6.559   1.00 63.68  ? 11  PRO A CB  1 
ATOM   70  C  CG  . PRO A 1 11  ? 18.684  -11.121 7.340   1.00 57.33  ? 11  PRO A CG  1 
ATOM   71  C  CD  . PRO A 1 11  ? 19.842  -11.091 6.334   1.00 60.20  ? 11  PRO A CD  1 
ATOM   72  N  N   . LEU A 1 12  ? 16.890  -14.086 4.164   1.00 74.09  ? 12  LEU A N   1 
ATOM   73  C  CA  . LEU A 1 12  ? 16.115  -14.389 2.979   1.00 59.39  ? 12  LEU A CA  1 
ATOM   74  C  C   . LEU A 1 12  ? 15.103  -13.285 2.690   1.00 56.18  ? 12  LEU A C   1 
ATOM   75  O  O   . LEU A 1 12  ? 14.349  -12.870 3.571   1.00 69.22  ? 12  LEU A O   1 
ATOM   76  C  CB  . LEU A 1 12  ? 15.378  -15.702 3.199   1.00 59.55  ? 12  LEU A CB  1 
ATOM   77  C  CG  . LEU A 1 12  ? 14.658  -16.321 1.996   1.00 55.28  ? 12  LEU A CG  1 
ATOM   78  C  CD1 . LEU A 1 12  ? 15.664  -16.920 1.039   1.00 57.02  ? 12  LEU A CD1 1 
ATOM   79  C  CD2 . LEU A 1 12  ? 13.686  -17.382 2.494   1.00 53.51  ? 12  LEU A CD2 1 
ATOM   80  N  N   . GLU A 1 13  ? 15.083  -12.800 1.453   1.00 51.83  ? 13  GLU A N   1 
ATOM   81  C  CA  . GLU A 1 13  ? 14.128  -11.756 1.117   1.00 50.45  ? 13  GLU A CA  1 
ATOM   82  C  C   . GLU A 1 13  ? 12.907  -12.322 0.409   1.00 58.65  ? 13  GLU A C   1 
ATOM   83  O  O   . GLU A 1 13  ? 12.798  -13.526 0.200   1.00 61.79  ? 13  GLU A O   1 
ATOM   84  C  CB  . GLU A 1 13  ? 14.788  -10.689 0.231   1.00 50.05  ? 13  GLU A CB  1 
ATOM   85  C  CG  . GLU A 1 13  ? 15.262  -9.438  0.971   1.00 55.29  ? 13  GLU A CG  1 
ATOM   86  C  CD  . GLU A 1 13  ? 16.650  -9.018  0.540   1.00 79.21  ? 13  GLU A CD  1 
ATOM   87  O  OE1 . GLU A 1 13  ? 16.791  -8.530  -0.608  1.00 78.10  ? 13  GLU A OE1 1 
ATOM   88  O  OE2 . GLU A 1 13  ? 17.603  -9.181  1.343   1.00 94.12  ? 13  GLU A OE2 1 
ATOM   89  N  N   . CYS A 1 14  ? 11.993  -11.434 0.029   1.00 65.69  ? 14  CYS A N   1 
ATOM   90  C  CA  . CYS A 1 14  ? 10.802  -11.855 -0.678  1.00 55.69  ? 14  CYS A CA  1 
ATOM   91  C  C   . CYS A 1 14  ? 11.176  -12.434 -2.033  1.00 58.53  ? 14  CYS A C   1 
ATOM   92  O  O   . CYS A 1 14  ? 12.140  -11.992 -2.667  1.00 61.02  ? 14  CYS A O   1 
ATOM   93  C  CB  . CYS A 1 14  ? 9.868   -10.666 -0.910  1.00 62.00  ? 14  CYS A CB  1 
ATOM   94  S  SG  . CYS A 1 14  ? 8.265   -11.165 -1.707  1.00 66.04  ? 14  CYS A SG  1 
ATOM   95  N  N   . CYS A 1 15  ? 10.438  -13.435 -2.486  1.00 59.67  ? 15  CYS A N   1 
ATOM   96  C  CA  . CYS A 1 15  ? 10.524  -13.767 -3.888  1.00 69.51  ? 15  CYS A CA  1 
ATOM   97  C  C   . CYS A 1 15  ? 9.306   -13.090 -4.486  1.00 71.58  ? 15  CYS A C   1 
ATOM   98  O  O   . CYS A 1 15  ? 8.344   -13.743 -4.837  1.00 67.06  ? 15  CYS A O   1 
ATOM   99  C  CB  . CYS A 1 15  ? 10.467  -15.267 -4.125  1.00 67.82  ? 15  CYS A CB  1 
ATOM   100 S  SG  . CYS A 1 15  ? 10.750  -15.722 -5.867  1.00 71.98  ? 15  CYS A SG  1 
ATOM   101 N  N   . CYS A 1 16  ? 9.358   -11.767 -4.583  1.00 72.40  ? 16  CYS A N   1 
ATOM   102 C  CA  . CYS A 1 16  ? 8.194   -10.964 -4.929  1.00 66.01  ? 16  CYS A CA  1 
ATOM   103 C  C   . CYS A 1 16  ? 8.070   -10.762 -6.415  1.00 72.34  ? 16  CYS A C   1 
ATOM   104 O  O   . CYS A 1 16  ? 9.064   -10.886 -7.154  1.00 84.28  ? 16  CYS A O   1 
ATOM   105 C  CB  . CYS A 1 16  ? 8.280   -9.573  -4.286  1.00 65.92  ? 16  CYS A CB  1 
ATOM   106 S  SG  . CYS A 1 16  ? 7.690   -9.426  -2.565  1.00 83.55  ? 16  CYS A SG  1 
ATOM   107 N  N   . GLN A 1 17  ? 6.856   -10.426 -6.855  1.00 72.01  ? 17  GLN A N   1 
ATOM   108 C  CA  . GLN A 1 17  ? 6.656   -10.001 -8.236  1.00 79.29  ? 17  GLN A CA  1 
ATOM   109 C  C   . GLN A 1 17  ? 6.776   -8.488  -8.383  1.00 79.90  ? 17  GLN A C   1 
ATOM   110 O  O   . GLN A 1 17  ? 6.480   -7.721  -7.447  1.00 71.34  ? 17  GLN A O   1 
ATOM   111 C  CB  . GLN A 1 17  ? 5.283   -10.454 -8.754  1.00 76.66  ? 17  GLN A CB  1 
ATOM   112 C  CG  . GLN A 1 17  ? 5.366   -11.606 -9.745  1.00 85.01  ? 17  GLN A CG  1 
ATOM   113 C  CD  . GLN A 1 17  ? 5.445   -12.982 -9.071  1.00 87.15  ? 17  GLN A CD  1 
ATOM   114 O  OE1 . GLN A 1 17  ? 4.888   -13.186 -7.991  1.00 85.55  ? 17  GLN A OE1 1 
ATOM   115 N  NE2 . GLN A 1 17  ? 6.136   -13.929 -9.714  1.00 77.86  ? 17  GLN A NE2 1 
ATOM   116 N  N   . ASN A 1 18  ? 7.211   -8.054  -9.561  1.00 96.81  ? 18  ASN A N   1 
ATOM   117 C  CA  . ASN A 1 18  ? 7.058   -6.649  -9.923  1.00 100.54 ? 18  ASN A CA  1 
ATOM   118 C  C   . ASN A 1 18  ? 5.598   -6.367  -10.223 1.00 93.05  ? 18  ASN A C   1 
ATOM   119 O  O   . ASN A 1 18  ? 4.980   -7.081  -11.017 1.00 98.22  ? 18  ASN A O   1 
ATOM   120 C  CB  . ASN A 1 18  ? 7.940   -6.285  -11.112 1.00 102.86 ? 18  ASN A CB  1 
ATOM   121 C  CG  . ASN A 1 18  ? 9.212   -5.590  -10.681 1.00 100.43 ? 18  ASN A CG  1 
ATOM   122 O  OD1 . ASN A 1 18  ? 9.195   -4.403  -10.318 1.00 102.20 ? 18  ASN A OD1 1 
ATOM   123 N  ND2 . ASN A 1 18  ? 10.321  -6.320  -10.706 1.00 95.45  ? 18  ASN A ND2 1 
ATOM   124 N  N   . PRO A 1 19  ? 5.046   -5.294  -9.639  1.00 87.90  ? 19  PRO A N   1 
ATOM   125 C  CA  . PRO A 1 19  ? 5.708   -4.214  -8.891  1.00 83.60  ? 19  PRO A CA  1 
ATOM   126 C  C   . PRO A 1 19  ? 6.019   -4.574  -7.438  1.00 77.84  ? 19  PRO A C   1 
ATOM   127 O  O   . PRO A 1 19  ? 5.259   -5.302  -6.806  1.00 83.45  ? 19  PRO A O   1 
ATOM   128 C  CB  . PRO A 1 19  ? 4.670   -3.086  -8.920  1.00 78.44  ? 19  PRO A CB  1 
ATOM   129 C  CG  . PRO A 1 19  ? 3.353   -3.810  -8.948  1.00 87.23  ? 19  PRO A CG  1 
ATOM   130 C  CD  . PRO A 1 19  ? 3.582   -5.134  -9.662  1.00 85.79  ? 19  PRO A CD  1 
ATOM   131 N  N   . LEU A 1 20  ? 7.124   -4.050  -6.915  1.00 81.84  ? 20  LEU A N   1 
ATOM   132 C  CA  . LEU A 1 20  ? 7.554   -4.374  -5.567  1.00 64.02  ? 20  LEU A CA  1 
ATOM   133 C  C   . LEU A 1 20  ? 6.947   -3.418  -4.567  1.00 56.93  ? 20  LEU A C   1 
ATOM   134 O  O   . LEU A 1 20  ? 6.810   -2.227  -4.824  1.00 64.62  ? 20  LEU A O   1 
ATOM   135 C  CB  . LEU A 1 20  ? 9.073   -4.331  -5.501  1.00 67.01  ? 20  LEU A CB  1 
ATOM   136 C  CG  . LEU A 1 20  ? 9.650   -4.485  -4.114  1.00 70.21  ? 20  LEU A CG  1 
ATOM   137 C  CD1 . LEU A 1 20  ? 9.176   -5.814  -3.493  1.00 62.90  ? 20  LEU A CD1 1 
ATOM   138 C  CD2 . LEU A 1 20  ? 11.160  -4.436  -4.246  1.00 82.02  ? 20  LEU A CD2 1 
ATOM   139 N  N   . THR A 1 21  ? 6.600   -3.924  -3.395  1.00 55.72  ? 21  THR A N   1 
ATOM   140 C  CA  . THR A 1 21  ? 5.721   -3.148  -2.535  1.00 61.86  ? 21  THR A CA  1 
ATOM   141 C  C   . THR A 1 21  ? 6.360   -2.739  -1.212  1.00 57.18  ? 21  THR A C   1 
ATOM   142 O  O   . THR A 1 21  ? 7.437   -3.195  -0.848  1.00 51.70  ? 21  THR A O   1 
ATOM   143 C  CB  . THR A 1 21  ? 4.466   -3.939  -2.269  1.00 75.18  ? 21  THR A CB  1 
ATOM   144 O  OG1 . THR A 1 21  ? 3.748   -3.343  -1.189  1.00 90.83  ? 21  THR A OG1 1 
ATOM   145 C  CG2 . THR A 1 21  ? 4.869   -5.339  -1.900  1.00 72.52  ? 21  THR A CG2 1 
ATOM   146 N  N   . GLY A 1 22  ? 5.661   -1.873  -0.497  1.00 61.16  ? 22  GLY A N   1 
ATOM   147 C  CA  . GLY A 1 22  ? 6.144   -1.336  0.747   1.00 46.85  ? 22  GLY A CA  1 
ATOM   148 C  C   . GLY A 1 22  ? 7.050   -0.138  0.492   1.00 60.25  ? 22  GLY A C   1 
ATOM   149 O  O   . GLY A 1 22  ? 7.837   -0.131  -0.463  1.00 58.50  ? 22  GLY A O   1 
ATOM   150 N  N   . PHE A 1 23  ? 6.927   0.867   1.362   1.00 52.00  ? 23  PHE A N   1 
ATOM   151 C  CA  . PHE A 1 23  ? 7.814   2.025   1.372   1.00 46.67  ? 23  PHE A CA  1 
ATOM   152 C  C   . PHE A 1 23  ? 9.323   1.667   1.400   1.00 61.21  ? 23  PHE A C   1 
ATOM   153 O  O   . PHE A 1 23  ? 10.150  2.475   0.966   1.00 67.02  ? 23  PHE A O   1 
ATOM   154 C  CB  . PHE A 1 23  ? 7.451   2.910   2.568   1.00 57.13  ? 23  PHE A CB  1 
ATOM   155 C  CG  . PHE A 1 23  ? 8.297   4.168   2.706   1.00 79.31  ? 23  PHE A CG  1 
ATOM   156 C  CD1 . PHE A 1 23  ? 7.973   5.321   2.002   1.00 78.32  ? 23  PHE A CD1 1 
ATOM   157 C  CD2 . PHE A 1 23  ? 9.378   4.213   3.584   1.00 82.96  ? 23  PHE A CD2 1 
ATOM   158 C  CE1 . PHE A 1 23  ? 8.723   6.470   2.144   1.00 82.52  ? 23  PHE A CE1 1 
ATOM   159 C  CE2 . PHE A 1 23  ? 10.136  5.374   3.726   1.00 83.76  ? 23  PHE A CE2 1 
ATOM   160 C  CZ  . PHE A 1 23  ? 9.805   6.495   3.005   1.00 83.53  ? 23  PHE A CZ  1 
ATOM   161 N  N   . TYR A 1 24  ? 9.686   0.474   1.904   1.00 53.82  ? 24  TYR A N   1 
ATOM   162 C  CA  . TYR A 1 24  ? 11.107  0.084   2.047   1.00 53.17  ? 24  TYR A CA  1 
ATOM   163 C  C   . TYR A 1 24  ? 11.388  -1.052  1.135   1.00 55.78  ? 24  TYR A C   1 
ATOM   164 O  O   . TYR A 1 24  ? 12.414  -1.737  1.252   1.00 59.28  ? 24  TYR A O   1 
ATOM   165 C  CB  . TYR A 1 24  ? 11.425  -0.337  3.469   1.00 39.61  ? 24  TYR A CB  1 
ATOM   166 C  CG  . TYR A 1 24  ? 11.110  0.744   4.467   1.00 55.21  ? 24  TYR A CG  1 
ATOM   167 C  CD1 . TYR A 1 24  ? 12.053  1.719   4.793   1.00 41.53  ? 24  TYR A CD1 1 
ATOM   168 C  CD2 . TYR A 1 24  ? 9.865   0.803   5.084   1.00 52.58  ? 24  TYR A CD2 1 
ATOM   169 C  CE1 . TYR A 1 24  ? 11.750  2.728   5.725   1.00 56.35  ? 24  TYR A CE1 1 
ATOM   170 C  CE2 . TYR A 1 24  ? 9.560   1.811   6.006   1.00 60.54  ? 24  TYR A CE2 1 
ATOM   171 C  CZ  . TYR A 1 24  ? 10.512  2.770   6.319   1.00 66.66  ? 24  TYR A CZ  1 
ATOM   172 O  OH  . TYR A 1 24  ? 10.223  3.774   7.227   1.00 68.59  ? 24  TYR A OH  1 
ATOM   173 N  N   . ARG A 1 25  ? 10.431  -1.260  0.231   1.00 53.91  ? 25  ARG A N   1 
ATOM   174 C  CA  . ARG A 1 25  ? 10.572  -2.187  -0.886  1.00 48.97  ? 25  ARG A CA  1 
ATOM   175 C  C   . ARG A 1 25  ? 10.974  -3.571  -0.419  1.00 65.54  ? 25  ARG A C   1 
ATOM   176 O  O   . ARG A 1 25  ? 11.720  -4.280  -1.086  1.00 59.85  ? 25  ARG A O   1 
ATOM   177 C  CB  . ARG A 1 25  ? 11.547  -1.607  -1.920  1.00 57.30  ? 25  ARG A CB  1 
ATOM   178 C  CG  . ARG A 1 25  ? 11.405  -0.067  -2.004  1.00 50.07  ? 25  ARG A CG  1 
ATOM   179 C  CD  . ARG A 1 25  ? 11.734  0.452   -3.337  1.00 67.51  ? 25  ARG A CD  1 
ATOM   180 N  NE  . ARG A 1 25  ? 10.772  0.057   -4.349  1.00 96.23  ? 25  ARG A NE  1 
ATOM   181 C  CZ  . ARG A 1 25  ? 10.913  0.357   -5.634  1.00 111.21 ? 25  ARG A CZ  1 
ATOM   182 N  NH1 . ARG A 1 25  ? 11.980  1.056   -6.021  1.00 109.30 ? 25  ARG A NH1 1 
ATOM   183 N  NH2 . ARG A 1 25  ? 10.000  -0.031  -6.525  1.00 118.44 ? 25  ARG A NH2 1 
ATOM   184 N  N   . ASP A 1 26  ? 10.438  -3.970  0.726   1.00 59.33  ? 26  ASP A N   1 
ATOM   185 C  CA  . ASP A 1 26  ? 10.640  -5.327  1.193   1.00 50.66  ? 26  ASP A CA  1 
ATOM   186 C  C   . ASP A 1 26  ? 9.359   -6.174  1.023   1.00 62.81  ? 26  ASP A C   1 
ATOM   187 O  O   . ASP A 1 26  ? 9.348   -7.381  1.325   1.00 52.17  ? 26  ASP A O   1 
ATOM   188 C  CB  . ASP A 1 26  ? 11.098  -5.308  2.638   1.00 40.85  ? 26  ASP A CB  1 
ATOM   189 C  CG  . ASP A 1 26  ? 10.109  -4.629  3.552   1.00 56.94  ? 26  ASP A CG  1 
ATOM   190 O  OD1 . ASP A 1 26  ? 9.052   -4.120  3.086   1.00 54.82  ? 26  ASP A OD1 1 
ATOM   191 O  OD2 . ASP A 1 26  ? 10.398  -4.608  4.764   1.00 68.66  ? 26  ASP A OD2 1 
ATOM   192 N  N   . GLY A 1 27  ? 8.285   -5.559  0.533   1.00 53.64  ? 27  GLY A N   1 
ATOM   193 C  CA  . GLY A 1 27  ? 7.077   -6.324  0.284   1.00 49.51  ? 27  GLY A CA  1 
ATOM   194 C  C   . GLY A 1 27  ? 6.014   -6.112  1.342   1.00 52.55  ? 27  GLY A C   1 
ATOM   195 O  O   . GLY A 1 27  ? 4.997   -6.778  1.351   1.00 50.40  ? 27  GLY A O   1 
ATOM   196 N  N   . PHE A 1 28  ? 6.246   -5.169  2.236   1.00 44.05  ? 28  PHE A N   1 
ATOM   197 C  CA  . PHE A 1 28  ? 5.413   -5.074  3.421   1.00 53.34  ? 28  PHE A CA  1 
ATOM   198 C  C   . PHE A 1 28  ? 4.948   -3.651  3.700   1.00 56.58  ? 28  PHE A C   1 
ATOM   199 O  O   . PHE A 1 28  ? 5.722   -2.706  3.671   1.00 58.82  ? 28  PHE A O   1 
ATOM   200 C  CB  . PHE A 1 28  ? 6.197   -5.612  4.656   1.00 51.36  ? 28  PHE A CB  1 
ATOM   201 C  CG  . PHE A 1 28  ? 6.311   -7.085  4.678   1.00 53.80  ? 28  PHE A CG  1 
ATOM   202 C  CD1 . PHE A 1 28  ? 5.387   -7.829  5.370   1.00 48.31  ? 28  PHE A CD1 1 
ATOM   203 C  CD2 . PHE A 1 28  ? 7.287   -7.746  3.931   1.00 66.46  ? 28  PHE A CD2 1 
ATOM   204 C  CE1 . PHE A 1 28  ? 5.451   -9.243  5.368   1.00 47.82  ? 28  PHE A CE1 1 
ATOM   205 C  CE2 . PHE A 1 28  ? 7.367   -9.154  3.918   1.00 49.61  ? 28  PHE A CE2 1 
ATOM   206 C  CZ  . PHE A 1 28  ? 6.443   -9.894  4.641   1.00 51.36  ? 28  PHE A CZ  1 
ATOM   207 N  N   . CYS A 1 29  ? 3.678   -3.499  4.024   1.00 59.51  ? 29  CYS A N   1 
ATOM   208 C  CA  . CYS A 1 29  ? 3.162   -2.180  4.365   1.00 57.86  ? 29  CYS A CA  1 
ATOM   209 C  C   . CYS A 1 29  ? 3.574   -1.820  5.749   1.00 63.89  ? 29  CYS A C   1 
ATOM   210 O  O   . CYS A 1 29  ? 2.754   -1.386  6.556   1.00 75.26  ? 29  CYS A O   1 
ATOM   211 C  CB  . CYS A 1 29  ? 1.637   -2.121  4.237   1.00 55.71  ? 29  CYS A CB  1 
ATOM   212 S  SG  . CYS A 1 29  ? 1.097   -2.497  2.581   1.00 63.10  ? 29  CYS A SG  1 
ATOM   213 N  N   . ARG A 1 30  ? 4.853   -1.985  6.037   1.00 62.62  ? 30  ARG A N   1 
ATOM   214 C  CA  . ARG A 1 30  ? 5.326   -1.586  7.344   1.00 64.68  ? 30  ARG A CA  1 
ATOM   215 C  C   . ARG A 1 30  ? 5.782   -0.158  7.245   1.00 71.20  ? 30  ARG A C   1 
ATOM   216 O  O   . ARG A 1 30  ? 6.118   0.345   6.165   1.00 78.54  ? 30  ARG A O   1 
ATOM   217 C  CB  . ARG A 1 30  ? 6.467   -2.477  7.836   1.00 61.19  ? 30  ARG A CB  1 
ATOM   218 C  CG  . ARG A 1 30  ? 7.665   -2.493  6.931   1.00 58.66  ? 30  ARG A CG  1 
ATOM   219 C  CD  . ARG A 1 30  ? 8.850   -2.888  7.726   1.00 67.46  ? 30  ARG A CD  1 
ATOM   220 N  NE  . ARG A 1 30  ? 9.977   -3.245  6.884   1.00 74.87  ? 30  ARG A NE  1 
ATOM   221 C  CZ  . ARG A 1 30  ? 11.056  -2.483  6.709   1.00 69.56  ? 30  ARG A CZ  1 
ATOM   222 N  NH1 . ARG A 1 30  ? 11.144  -1.306  7.327   1.00 67.36  ? 30  ARG A NH1 1 
ATOM   223 N  NH2 . ARG A 1 30  ? 12.055  -2.915  5.928   1.00 64.20  ? 30  ARG A NH2 1 
ATOM   224 N  N   . THR A 1 31  ? 5.776   0.507   8.381   1.00 75.10  ? 31  THR A N   1 
ATOM   225 C  CA  . THR A 1 31  ? 6.125   1.898   8.389   1.00 75.14  ? 31  THR A CA  1 
ATOM   226 C  C   . THR A 1 31  ? 7.439   2.014   9.158   1.00 65.13  ? 31  THR A C   1 
ATOM   227 O  O   . THR A 1 31  ? 8.068   1.000   9.490   1.00 63.72  ? 31  THR A O   1 
ATOM   228 C  CB  . THR A 1 31  ? 4.967   2.722   8.971   1.00 80.44  ? 31  THR A CB  1 
ATOM   229 O  OG1 . THR A 1 31  ? 5.174   4.124   8.740   1.00 71.16  ? 31  THR A OG1 1 
ATOM   230 C  CG2 . THR A 1 31  ? 4.782   2.416   10.454  1.00 84.37  ? 31  THR A CG2 1 
ATOM   231 N  N   . GLY A 1 32  ? 7.879   3.238   9.404   1.00 62.04  ? 32  GLY A N   1 
ATOM   232 C  CA  . GLY A 1 32  ? 9.168   3.434   10.019  1.00 58.59  ? 32  GLY A CA  1 
ATOM   233 C  C   . GLY A 1 32  ? 9.560   4.887   9.991   1.00 78.16  ? 32  GLY A C   1 
ATOM   234 O  O   . GLY A 1 32  ? 8.695   5.769   9.985   1.00 78.94  ? 32  GLY A O   1 
ATOM   235 N  N   . ALA A 1 33  ? 10.868  5.129   9.959   1.00 80.46  ? 33  ALA A N   1 
ATOM   236 C  CA  . ALA A 1 33  ? 11.416  6.451   10.212  1.00 73.59  ? 33  ALA A CA  1 
ATOM   237 C  C   . ALA A 1 33  ? 11.282  7.384   9.027   1.00 76.76  ? 33  ALA A C   1 
ATOM   238 O  O   . ALA A 1 33  ? 10.758  8.487   9.159   1.00 91.47  ? 33  ALA A O   1 
ATOM   239 C  CB  . ALA A 1 33  ? 12.869  6.340   10.637  1.00 84.14  ? 33  ALA A CB  1 
ATOM   240 N  N   . GLY A 1 34  ? 11.784  6.960   7.879   1.00 78.44  ? 34  GLY A N   1 
ATOM   241 C  CA  . GLY A 1 34  ? 11.789  7.818   6.710   1.00 92.27  ? 34  GLY A CA  1 
ATOM   242 C  C   . GLY A 1 34  ? 10.396  8.296   6.321   1.00 113.66 ? 34  GLY A C   1 
ATOM   243 O  O   . GLY A 1 34  ? 10.145  9.493   6.151   1.00 125.93 ? 34  GLY A O   1 
ATOM   244 N  N   . ASP A 1 35  ? 9.482   7.344   6.205   1.00 113.60 ? 35  ASP A N   1 
ATOM   245 C  CA  . ASP A 1 35  ? 8.112   7.619   5.837   1.00 106.50 ? 35  ASP A CA  1 
ATOM   246 C  C   . ASP A 1 35  ? 7.455   8.518   6.869   1.00 110.61 ? 35  ASP A C   1 
ATOM   247 O  O   . ASP A 1 35  ? 7.656   8.344   8.071   1.00 117.56 ? 35  ASP A O   1 
ATOM   248 C  CB  . ASP A 1 35  ? 7.358   6.286   5.748   1.00 92.62  ? 35  ASP A CB  1 
ATOM   249 C  CG  . ASP A 1 35  ? 5.934   6.446   5.280   1.00 89.23  ? 35  ASP A CG  1 
ATOM   250 O  OD1 . ASP A 1 35  ? 5.561   7.554   4.826   1.00 100.69 ? 35  ASP A OD1 1 
ATOM   251 O  OD2 . ASP A 1 35  ? 5.185   5.450   5.355   1.00 86.94  ? 35  ASP A OD2 1 
ATOM   252 N  N   . VAL A 1 36  ? 6.698   9.505   6.401   1.00 108.57 ? 36  VAL A N   1 
ATOM   253 C  CA  . VAL A 1 36  ? 5.836   10.247  7.305   1.00 105.21 ? 36  VAL A CA  1 
ATOM   254 C  C   . VAL A 1 36  ? 4.406   10.122  6.807   1.00 109.67 ? 36  VAL A C   1 
ATOM   255 O  O   . VAL A 1 36  ? 3.458   10.506  7.489   1.00 115.74 ? 36  VAL A O   1 
ATOM   256 C  CB  . VAL A 1 36  ? 6.257   11.723  7.467   1.00 107.20 ? 36  VAL A CB  1 
ATOM   257 C  CG1 . VAL A 1 36  ? 5.812   12.239  8.826   1.00 112.24 ? 36  VAL A CG1 1 
ATOM   258 C  CG2 . VAL A 1 36  ? 7.773   11.873  7.338   1.00 104.55 ? 36  VAL A CG2 1 
ATOM   259 N  N   . GLY A 1 37  ? 4.260   9.546   5.617   1.00 106.35 ? 37  GLY A N   1 
ATOM   260 C  CA  . GLY A 1 37  ? 2.950   9.334   5.031   1.00 105.65 ? 37  GLY A CA  1 
ATOM   261 C  C   . GLY A 1 37  ? 2.143   8.222   5.674   1.00 100.79 ? 37  GLY A C   1 
ATOM   262 O  O   . GLY A 1 37  ? 0.921   8.177   5.517   1.00 109.16 ? 37  GLY A O   1 
ATOM   263 N  N   . ALA A 1 38  ? 2.823   7.339   6.405   1.00 95.62  ? 38  ALA A N   1 
ATOM   264 C  CA  . ALA A 1 38  ? 2.213   6.114   6.947   1.00 92.03  ? 38  ALA A CA  1 
ATOM   265 C  C   . ALA A 1 38  ? 1.506   5.274   5.870   1.00 80.17  ? 38  ALA A C   1 
ATOM   266 O  O   . ALA A 1 38  ? 0.286   5.163   5.843   1.00 77.28  ? 38  ALA A O   1 
ATOM   267 C  CB  . ALA A 1 38  ? 1.263   6.432   8.111   1.00 96.99  ? 38  ALA A CB  1 
ATOM   268 N  N   . HIS A 1 39  ? 2.296   4.697   4.975   1.00 84.19  ? 39  HIS A N   1 
ATOM   269 C  CA  . HIS A 1 39  ? 1.801   3.787   3.961   1.00 68.23  ? 39  HIS A CA  1 
ATOM   270 C  C   . HIS A 1 39  ? 1.624   2.418   4.623   1.00 66.71  ? 39  HIS A C   1 
ATOM   271 O  O   . HIS A 1 39  ? 2.435   1.492   4.434   1.00 64.98  ? 39  HIS A O   1 
ATOM   272 C  CB  . HIS A 1 39  ? 2.808   3.701   2.806   1.00 64.35  ? 39  HIS A CB  1 
ATOM   273 C  CG  . HIS A 1 39  ? 3.101   5.022   2.163   1.00 87.55  ? 39  HIS A CG  1 
ATOM   274 N  ND1 . HIS A 1 39  ? 3.886   5.986   2.759   1.00 90.30  ? 39  HIS A ND1 1 
ATOM   275 C  CD2 . HIS A 1 39  ? 2.686   5.547   0.985   1.00 97.75  ? 39  HIS A CD2 1 
ATOM   276 C  CE1 . HIS A 1 39  ? 3.956   7.045   1.968   1.00 93.88  ? 39  HIS A CE1 1 
ATOM   277 N  NE2 . HIS A 1 39  ? 3.238   6.803   0.887   1.00 98.20  ? 39  HIS A NE2 1 
ATOM   278 N  N   . VAL A 1 40  ? 0.561   2.303   5.412   1.00 72.51  ? 40  VAL A N   1 
ATOM   279 C  CA  . VAL A 1 40  ? 0.300   1.098   6.181   1.00 73.75  ? 40  VAL A CA  1 
ATOM   280 C  C   . VAL A 1 40  ? -0.935  0.311   5.726   1.00 77.19  ? 40  VAL A C   1 
ATOM   281 O  O   . VAL A 1 40  ? -1.284  -0.678  6.376   1.00 68.14  ? 40  VAL A O   1 
ATOM   282 C  CB  . VAL A 1 40  ? 0.126   1.420   7.666   1.00 72.05  ? 40  VAL A CB  1 
ATOM   283 C  CG1 . VAL A 1 40  ? 1.461   1.787   8.304   1.00 59.96  ? 40  VAL A CG1 1 
ATOM   284 C  CG2 . VAL A 1 40  ? -0.908  2.510   7.857   1.00 64.74  ? 40  VAL A CG2 1 
ATOM   285 N  N   . VAL A 1 41  ? -1.572  0.727   4.624   1.00 78.64  ? 41  VAL A N   1 
ATOM   286 C  CA  . VAL A 1 41  ? -2.778  0.065   4.116   1.00 76.04  ? 41  VAL A CA  1 
ATOM   287 C  C   . VAL A 1 41  ? -2.534  -0.732  2.834   1.00 68.34  ? 41  VAL A C   1 
ATOM   288 O  O   . VAL A 1 41  ? -2.322  -0.143  1.757   1.00 64.58  ? 41  VAL A O   1 
ATOM   289 C  CB  . VAL A 1 41  ? -3.909  1.094   3.815   1.00 72.47  ? 41  VAL A CB  1 
ATOM   290 C  CG1 . VAL A 1 41  ? -5.038  0.443   3.033   1.00 66.47  ? 41  VAL A CG1 1 
ATOM   291 C  CG2 . VAL A 1 41  ? -4.452  1.717   5.089   1.00 62.96  ? 41  VAL A CG2 1 
ATOM   292 N  N   . CYS A 1 42  ? -2.595  -2.063  2.914   1.00 64.39  ? 42  CYS A N   1 
ATOM   293 C  CA  . CYS A 1 42  ? -2.464  -2.841  1.672   1.00 72.59  ? 42  CYS A CA  1 
ATOM   294 C  C   . CYS A 1 42  ? -3.773  -2.902  0.867   1.00 80.67  ? 42  CYS A C   1 
ATOM   295 O  O   . CYS A 1 42  ? -4.698  -3.681  1.186   1.00 72.91  ? 42  CYS A O   1 
ATOM   296 C  CB  . CYS A 1 42  ? -1.969  -4.257  1.910   1.00 64.26  ? 42  CYS A CB  1 
ATOM   297 S  SG  . CYS A 1 42  ? -1.832  -5.132  0.355   1.00 59.87  ? 42  CYS A SG  1 
ATOM   298 N  N   . ALA A 1 43  ? -3.850  -2.088  -0.183  1.00 79.06  ? 43  ALA A N   1 
ATOM   299 C  CA  . ALA A 1 43  ? -5.077  -2.006  -0.964  1.00 76.64  ? 43  ALA A CA  1 
ATOM   300 C  C   . ALA A 1 43  ? -4.859  -2.571  -2.346  1.00 72.98  ? 43  ALA A C   1 
ATOM   301 O  O   . ALA A 1 43  ? -3.715  -2.727  -2.781  1.00 65.54  ? 43  ALA A O   1 
ATOM   302 C  CB  . ALA A 1 43  ? -5.563  -0.579  -1.050  1.00 67.04  ? 43  ALA A CB  1 
ATOM   303 N  N   . GLN A 1 44  ? -5.952  -2.905  -3.027  1.00 82.61  ? 44  GLN A N   1 
ATOM   304 C  CA  . GLN A 1 44  ? -5.872  -3.290  -4.429  1.00 83.00  ? 44  GLN A CA  1 
ATOM   305 C  C   . GLN A 1 44  ? -6.342  -2.119  -5.287  1.00 86.25  ? 44  GLN A C   1 
ATOM   306 O  O   . GLN A 1 44  ? -7.368  -1.480  -5.007  1.00 99.76  ? 44  GLN A O   1 
ATOM   307 C  CB  . GLN A 1 44  ? -6.679  -4.545  -4.723  1.00 79.63  ? 44  GLN A CB  1 
ATOM   308 C  CG  . GLN A 1 44  ? -6.457  -5.024  -6.133  1.00 93.71  ? 44  GLN A CG  1 
ATOM   309 C  CD  . GLN A 1 44  ? -7.006  -6.405  -6.367  1.00 102.31 ? 44  GLN A CD  1 
ATOM   310 O  OE1 . GLN A 1 44  ? -8.050  -6.759  -5.831  1.00 104.78 ? 44  GLN A OE1 1 
ATOM   311 N  NE2 . GLN A 1 44  ? -6.299  -7.202  -7.166  1.00 106.04 ? 44  GLN A NE2 1 
HETATM 312 N  N   . MSE A 1 45  ? -5.584  -1.821  -6.331  1.00 86.84  ? 45  MSE A N   1 
HETATM 313 C  CA  . MSE A 1 45  ? -5.845  -0.601  -7.082  1.00 88.36  ? 45  MSE A CA  1 
HETATM 314 C  C   . MSE A 1 45  ? -7.112  -0.691  -7.940  1.00 104.30 ? 45  MSE A C   1 
HETATM 315 O  O   . MSE A 1 45  ? -7.284  -1.644  -8.710  1.00 106.12 ? 45  MSE A O   1 
HETATM 316 C  CB  . MSE A 1 45  ? -4.616  -0.202  -7.921  1.00 82.54  ? 45  MSE A CB  1 
HETATM 317 C  CG  . MSE A 1 45  ? -3.347  0.140   -7.087  1.00 71.99  ? 45  MSE A CG  1 
HETATM 318 SE SE  . MSE A 1 45  ? -3.596  1.708   -5.985  0.63 90.16  ? 45  MSE A SE  1 
HETATM 319 C  CE  . MSE A 1 45  ? -4.290  1.002   -4.310  1.00 61.17  ? 45  MSE A CE  1 
ATOM   320 N  N   . THR A 1 46  ? -8.007  0.286   -7.755  1.00 117.09 ? 46  THR A N   1 
ATOM   321 C  CA  . THR A 1 46  ? -9.165  0.494   -8.638  1.00 114.89 ? 46  THR A CA  1 
ATOM   322 C  C   . THR A 1 46  ? -9.016  1.831   -9.378  1.00 112.65 ? 46  THR A C   1 
ATOM   323 O  O   . THR A 1 46  ? -8.597  2.833   -8.787  1.00 105.84 ? 46  THR A O   1 
ATOM   324 C  CB  . THR A 1 46  ? -10.526 0.436   -7.873  1.00 97.83  ? 46  THR A CB  1 
ATOM   325 O  OG1 . THR A 1 46  ? -10.616 1.516   -6.932  1.00 102.21 ? 46  THR A OG1 1 
ATOM   326 C  CG2 . THR A 1 46  ? -10.684 -0.894  -7.139  1.00 103.81 ? 46  THR A CG2 1 
ATOM   327 N  N   . ALA A 1 47  ? -9.362  1.835   -10.667 1.00 116.11 ? 47  ALA A N   1 
ATOM   328 C  CA  . ALA A 1 47  ? -9.155  3.000   -11.533 1.00 111.22 ? 47  ALA A CA  1 
ATOM   329 C  C   . ALA A 1 47  ? -9.818  4.252   -10.995 1.00 109.14 ? 47  ALA A C   1 
ATOM   330 O  O   . ALA A 1 47  ? -9.326  5.352   -11.200 1.00 113.50 ? 47  ALA A O   1 
ATOM   331 C  CB  . ALA A 1 47  ? -9.646  2.718   -12.926 1.00 95.38  ? 47  ALA A CB  1 
ATOM   332 N  N   . GLU A 1 48  ? -10.939 4.079   -10.311 1.00 103.10 ? 48  GLU A N   1 
ATOM   333 C  CA  . GLU A 1 48  ? -11.637 5.200   -9.694  1.00 113.30 ? 48  GLU A CA  1 
ATOM   334 C  C   . GLU A 1 48  ? -10.777 5.882   -8.631  1.00 117.10 ? 48  GLU A C   1 
ATOM   335 O  O   . GLU A 1 48  ? -10.612 7.120   -8.624  1.00 94.76  ? 48  GLU A O   1 
ATOM   336 C  CB  . GLU A 1 48  ? -12.984 4.746   -9.104  1.00 111.08 ? 48  GLU A CB  1 
ATOM   337 C  CG  . GLU A 1 48  ? -12.944 3.440   -8.340  1.00 121.58 ? 48  GLU A CG  1 
ATOM   338 C  CD  . GLU A 1 48  ? -13.450 3.574   -6.904  1.00 131.16 ? 48  GLU A CD  1 
ATOM   339 O  OE1 . GLU A 1 48  ? -14.463 4.287   -6.681  1.00 127.56 ? 48  GLU A OE1 1 
ATOM   340 O  OE2 . GLU A 1 48  ? -12.820 2.963   -6.000  1.00 123.80 ? 48  GLU A OE2 1 
ATOM   341 N  N   . PHE A 1 49  ? -10.231 5.059   -7.736  1.00 110.99 ? 49  PHE A N   1 
ATOM   342 C  CA  . PHE A 1 49  ? -9.368  5.550   -6.675  1.00 106.51 ? 49  PHE A CA  1 
ATOM   343 C  C   . PHE A 1 49  ? -8.095  6.168   -7.232  1.00 105.01 ? 49  PHE A C   1 
ATOM   344 O  O   . PHE A 1 49  ? -7.608  7.177   -6.713  1.00 109.32 ? 49  PHE A O   1 
ATOM   345 C  CB  . PHE A 1 49  ? -8.987  4.440   -5.706  1.00 103.80 ? 49  PHE A CB  1 
ATOM   346 C  CG  . PHE A 1 49  ? -7.911  4.846   -4.752  1.00 108.62 ? 49  PHE A CG  1 
ATOM   347 C  CD1 . PHE A 1 49  ? -8.220  5.609   -3.620  1.00 118.64 ? 49  PHE A CD1 1 
ATOM   348 C  CD2 . PHE A 1 49  ? -6.589  4.511   -4.999  1.00 97.21  ? 49  PHE A CD2 1 
ATOM   349 C  CE1 . PHE A 1 49  ? -7.229  6.013   -2.738  1.00 72.69  ? 49  PHE A CE1 1 
ATOM   350 C  CE2 . PHE A 1 49  ? -5.605  4.918   -4.138  1.00 96.61  ? 49  PHE A CE2 1 
ATOM   351 C  CZ  . PHE A 1 49  ? -5.925  5.670   -3.005  1.00 102.86 ? 49  PHE A CZ  1 
ATOM   352 N  N   . LEU A 1 50  ? -7.540  5.540   -8.264  1.00 95.22  ? 50  LEU A N   1 
ATOM   353 C  CA  . LEU A 1 50  ? -6.374  6.080   -8.936  1.00 90.58  ? 50  LEU A CA  1 
ATOM   354 C  C   . LEU A 1 50  ? -6.698  7.505   -9.344  1.00 104.00 ? 50  LEU A C   1 
ATOM   355 O  O   . LEU A 1 50  ? -5.940  8.450   -9.095  1.00 116.41 ? 50  LEU A O   1 
ATOM   356 C  CB  . LEU A 1 50  ? -6.069  5.216   -10.154 1.00 93.13  ? 50  LEU A CB  1 
ATOM   357 C  CG  . LEU A 1 50  ? -5.584  3.841   -9.701  1.00 92.71  ? 50  LEU A CG  1 
ATOM   358 C  CD1 . LEU A 1 50  ? -5.453  2.880   -10.854 1.00 91.44  ? 50  LEU A CD1 1 
ATOM   359 C  CD2 . LEU A 1 50  ? -4.253  4.012   -8.975  1.00 78.32  ? 50  LEU A CD2 1 
ATOM   360 N  N   . THR A 1 51  ? -7.878  7.637   -9.932  1.00 101.95 ? 51  THR A N   1 
ATOM   361 C  CA  . THR A 1 51  ? -8.378  8.889   -10.435 1.00 102.11 ? 51  THR A CA  1 
ATOM   362 C  C   . THR A 1 51  ? -8.702  9.833   -9.282  1.00 104.85 ? 51  THR A C   1 
ATOM   363 O  O   . THR A 1 51  ? -8.244  10.981  -9.274  1.00 99.80  ? 51  THR A O   1 
ATOM   364 C  CB  . THR A 1 51  ? -9.559  8.597   -11.378 1.00 108.52 ? 51  THR A CB  1 
ATOM   365 O  OG1 . THR A 1 51  ? -9.024  8.081   -12.603 1.00 105.38 ? 51  THR A OG1 1 
ATOM   366 C  CG2 . THR A 1 51  ? -10.409 9.837   -11.667 1.00 108.75 ? 51  THR A CG2 1 
ATOM   367 N  N   . PHE A 1 52  ? -9.455  9.343   -8.299  1.00 98.65  ? 52  PHE A N   1 
ATOM   368 C  CA  . PHE A 1 52  ? -9.790  10.141  -7.111  1.00 100.43 ? 52  PHE A CA  1 
ATOM   369 C  C   . PHE A 1 52  ? -8.574  10.786  -6.375  1.00 110.28 ? 52  PHE A C   1 
ATOM   370 O  O   . PHE A 1 52  ? -8.535  12.003  -6.197  1.00 118.14 ? 52  PHE A O   1 
ATOM   371 C  CB  . PHE A 1 52  ? -10.657 9.328   -6.148  1.00 94.23  ? 52  PHE A CB  1 
ATOM   372 C  CG  . PHE A 1 52  ? -10.825 9.968   -4.804  1.00 117.16 ? 52  PHE A CG  1 
ATOM   373 C  CD1 . PHE A 1 52  ? -11.650 11.071  -4.643  1.00 110.13 ? 52  PHE A CD1 1 
ATOM   374 C  CD2 . PHE A 1 52  ? -10.154 9.474   -3.689  1.00 102.30 ? 52  PHE A CD2 1 
ATOM   375 C  CE1 . PHE A 1 52  ? -11.802 11.680  -3.391  1.00 108.75 ? 52  PHE A CE1 1 
ATOM   376 C  CE2 . PHE A 1 52  ? -10.291 10.086  -2.439  1.00 96.47  ? 52  PHE A CE2 1 
ATOM   377 C  CZ  . PHE A 1 52  ? -11.123 11.185  -2.292  1.00 112.58 ? 52  PHE A CZ  1 
ATOM   378 N  N   . THR A 1 53  ? -7.586  9.991   -5.960  1.00 95.06  ? 53  THR A N   1 
ATOM   379 C  CA  . THR A 1 53  ? -6.429  10.542  -5.223  1.00 96.61  ? 53  THR A CA  1 
ATOM   380 C  C   . THR A 1 53  ? -5.522  11.452  -6.047  1.00 104.63 ? 53  THR A C   1 
ATOM   381 O  O   . THR A 1 53  ? -4.894  12.352  -5.493  1.00 96.79  ? 53  THR A O   1 
ATOM   382 C  CB  . THR A 1 53  ? -5.520  9.460   -4.568  1.00 95.98  ? 53  THR A CB  1 
ATOM   383 O  OG1 . THR A 1 53  ? -5.659  8.219   -5.266  1.00 93.57  ? 53  THR A OG1 1 
ATOM   384 C  CG2 . THR A 1 53  ? -5.850  9.283   -3.092  1.00 92.99  ? 53  THR A CG2 1 
ATOM   385 N  N   . ARG A 1 54  ? -5.427  11.199  -7.350  1.00 108.68 ? 54  ARG A N   1 
ATOM   386 C  CA  . ARG A 1 54  ? -4.667  12.074  -8.234  1.00 109.38 ? 54  ARG A CA  1 
ATOM   387 C  C   . ARG A 1 54  ? -5.176  13.513  -8.091  1.00 113.47 ? 54  ARG A C   1 
ATOM   388 O  O   . ARG A 1 54  ? -4.391  14.460  -7.942  1.00 97.40  ? 54  ARG A O   1 
ATOM   389 C  CB  . ARG A 1 54  ? -4.785  11.595  -9.684  1.00 109.47 ? 54  ARG A CB  1 
ATOM   390 C  CG  . ARG A 1 54  ? -4.195  12.569  -10.675 1.00 126.72 ? 54  ARG A CG  1 
ATOM   391 C  CD  . ARG A 1 54  ? -4.563  12.200  -12.076 1.00 139.46 ? 54  ARG A CD  1 
ATOM   392 N  NE  . ARG A 1 54  ? -3.802  11.047  -12.541 1.00 143.35 ? 54  ARG A NE  1 
ATOM   393 C  CZ  . ARG A 1 54  ? -3.954  10.496  -13.741 1.00 146.97 ? 54  ARG A CZ  1 
ATOM   394 N  NH1 . ARG A 1 54  ? -4.846  10.994  -14.587 1.00 155.41 ? 54  ARG A NH1 1 
ATOM   395 N  NH2 . ARG A 1 54  ? -3.221  9.450   -14.094 1.00 138.57 ? 54  ARG A NH2 1 
ATOM   396 N  N   . SER A 1 55  ? -6.501  13.639  -8.106  1.00 110.88 ? 55  SER A N   1 
ATOM   397 C  CA  . SER A 1 55  ? -7.193  14.907  -7.960  1.00 123.60 ? 55  SER A CA  1 
ATOM   398 C  C   . SER A 1 55  ? -6.903  15.598  -6.630  1.00 128.77 ? 55  SER A C   1 
ATOM   399 O  O   . SER A 1 55  ? -7.017  16.825  -6.515  1.00 131.70 ? 55  SER A O   1 
ATOM   400 C  CB  . SER A 1 55  ? -8.699  14.680  -8.053  1.00 124.03 ? 55  SER A CB  1 
ATOM   401 O  OG  . SER A 1 55  ? -9.327  14.963  -6.809  1.00 123.34 ? 55  SER A OG  1 
ATOM   402 N  N   . ARG A 1 56  ? -6.555  14.808  -5.620  1.00 115.67 ? 56  ARG A N   1 
ATOM   403 C  CA  . ARG A 1 56  ? -6.380  15.341  -4.275  1.00 117.10 ? 56  ARG A CA  1 
ATOM   404 C  C   . ARG A 1 56  ? -4.941  15.793  -4.051  1.00 116.36 ? 56  ARG A C   1 
ATOM   405 O  O   . ARG A 1 56  ? -4.646  16.463  -3.061  1.00 120.87 ? 56  ARG A O   1 
ATOM   406 C  CB  . ARG A 1 56  ? -6.791  14.300  -3.231  1.00 123.99 ? 56  ARG A CB  1 
ATOM   407 C  CG  . ARG A 1 56  ? -8.282  13.942  -3.238  1.00 132.35 ? 56  ARG A CG  1 
ATOM   408 C  CD  . ARG A 1 56  ? -9.147  15.191  -3.150  1.00 135.63 ? 56  ARG A CD  1 
ATOM   409 N  NE  . ARG A 1 56  ? -10.515 14.916  -2.709  1.00 144.27 ? 56  ARG A NE  1 
ATOM   410 C  CZ  . ARG A 1 56  ? -11.084 15.481  -1.647  1.00 150.51 ? 56  ARG A CZ  1 
ATOM   411 N  NH1 . ARG A 1 56  ? -10.404 16.352  -0.914  1.00 155.05 ? 56  ARG A NH1 1 
ATOM   412 N  NH2 . ARG A 1 56  ? -12.334 15.179  -1.318  1.00 148.78 ? 56  ARG A NH2 1 
ATOM   413 N  N   . GLY A 1 57  ? -4.058  15.438  -4.982  1.00 118.00 ? 57  GLY A N   1 
ATOM   414 C  CA  . GLY A 1 57  ? -2.644  15.782  -4.900  1.00 91.42  ? 57  GLY A CA  1 
ATOM   415 C  C   . GLY A 1 57  ? -1.752  14.553  -4.776  1.00 105.67 ? 57  GLY A C   1 
ATOM   416 O  O   . GLY A 1 57  ? -0.576  14.656  -4.404  1.00 100.42 ? 57  GLY A O   1 
ATOM   417 N  N   . ASN A 1 58  ? -2.314  13.396  -5.125  1.00 102.87 ? 58  ASN A N   1 
ATOM   418 C  CA  . ASN A 1 58  ? -1.744  12.097  -4.800  1.00 99.72  ? 58  ASN A CA  1 
ATOM   419 C  C   . ASN A 1 58  ? -1.788  11.168  -6.025  1.00 103.05 ? 58  ASN A C   1 
ATOM   420 O  O   . ASN A 1 58  ? -2.324  10.057  -5.965  1.00 104.08 ? 58  ASN A O   1 
ATOM   421 C  CB  . ASN A 1 58  ? -2.534  11.510  -3.603  1.00 94.08  ? 58  ASN A CB  1 
ATOM   422 C  CG  . ASN A 1 58  ? -1.859  10.299  -2.951  1.00 91.26  ? 58  ASN A CG  1 
ATOM   423 O  OD1 . ASN A 1 58  ? -0.618  10.180  -2.900  1.00 79.06  ? 58  ASN A OD1 1 
ATOM   424 N  ND2 . ASN A 1 58  ? -2.692  9.394   -2.430  1.00 88.58  ? 58  ASN A ND2 1 
ATOM   425 N  N   . ASP A 1 59  ? -1.236  11.634  -7.144  1.00 101.30 ? 59  ASP A N   1 
ATOM   426 C  CA  . ASP A 1 59  ? -1.165  10.817  -8.358  1.00 99.45  ? 59  ASP A CA  1 
ATOM   427 C  C   . ASP A 1 59  ? -0.200  9.640   -8.187  1.00 105.33 ? 59  ASP A C   1 
ATOM   428 O  O   . ASP A 1 59  ? 1.007   9.836   -8.082  1.00 118.14 ? 59  ASP A O   1 
ATOM   429 C  CB  . ASP A 1 59  ? -0.773  11.689  -9.563  1.00 103.01 ? 59  ASP A CB  1 
ATOM   430 C  CG  . ASP A 1 59  ? -0.087  10.905  -10.676 1.00 111.36 ? 59  ASP A CG  1 
ATOM   431 O  OD1 . ASP A 1 59  ? 1.015   11.322  -11.092 1.00 127.78 ? 59  ASP A OD1 1 
ATOM   432 O  OD2 . ASP A 1 59  ? -0.636  9.894   -11.160 1.00 112.12 ? 59  ASP A OD2 1 
ATOM   433 N  N   . LEU A 1 60  ? -0.735  8.421   -8.138  1.00 102.81 ? 60  LEU A N   1 
ATOM   434 C  CA  . LEU A 1 60  ? 0.101   7.212   -8.057  1.00 98.22  ? 60  LEU A CA  1 
ATOM   435 C  C   . LEU A 1 60  ? 0.113   6.476   -9.389  1.00 97.76  ? 60  LEU A C   1 
ATOM   436 O  O   . LEU A 1 60  ? 0.386   5.273   -9.456  1.00 86.94  ? 60  LEU A O   1 
ATOM   437 C  CB  . LEU A 1 60  ? -0.399  6.250   -6.969  1.00 84.63  ? 60  LEU A CB  1 
ATOM   438 C  CG  . LEU A 1 60  ? -1.021  6.814   -5.683  1.00 83.41  ? 60  LEU A CG  1 
ATOM   439 C  CD1 . LEU A 1 60  ? -1.755  5.692   -4.977  1.00 66.50  ? 60  LEU A CD1 1 
ATOM   440 C  CD2 . LEU A 1 60  ? -0.012  7.478   -4.737  1.00 82.52  ? 60  LEU A CD2 1 
ATOM   441 N  N   . SER A 1 61  ? -0.195  7.206   -10.455 1.00 112.74 ? 61  SER A N   1 
ATOM   442 C  CA  . SER A 1 61  ? -0.498  6.572   -11.731 1.00 122.22 ? 61  SER A CA  1 
ATOM   443 C  C   . SER A 1 61  ? 0.594   6.798   -12.739 1.00 113.73 ? 61  SER A C   1 
ATOM   444 O  O   . SER A 1 61  ? 0.991   5.872   -13.457 1.00 97.81  ? 61  SER A O   1 
ATOM   445 C  CB  . SER A 1 61  ? -1.844  7.070   -12.264 1.00 86.39  ? 61  SER A CB  1 
ATOM   446 O  OG  . SER A 1 61  ? -2.917  6.416   -11.607 1.00 100.73 ? 61  SER A OG  1 
ATOM   447 N  N   . THR A 1 62  ? 1.083   8.031   -12.776 1.00 120.70 ? 62  THR A N   1 
ATOM   448 C  CA  . THR A 1 62  ? 2.111   8.413   -13.734 1.00 124.14 ? 62  THR A CA  1 
ATOM   449 C  C   . THR A 1 62  ? 3.451   7.731   -13.400 1.00 115.91 ? 62  THR A C   1 
ATOM   450 O  O   . THR A 1 62  ? 4.033   7.973   -12.332 1.00 93.38  ? 62  THR A O   1 
ATOM   451 C  CB  . THR A 1 62  ? 2.258   9.942   -13.777 1.00 117.39 ? 62  THR A CB  1 
ATOM   452 O  OG1 . THR A 1 62  ? 0.963   10.540  -13.631 1.00 104.47 ? 62  THR A OG1 1 
ATOM   453 C  CG2 . THR A 1 62  ? 2.886   10.392  -15.090 1.00 111.78 ? 62  THR A CG2 1 
ATOM   454 N  N   . PRO A 1 63  ? 3.937   6.869   -14.315 1.00 120.93 ? 63  PRO A N   1 
ATOM   455 C  CA  . PRO A 1 63  ? 5.177   6.113   -14.112 1.00 114.19 ? 63  PRO A CA  1 
ATOM   456 C  C   . PRO A 1 63  ? 6.332   7.065   -13.856 1.00 109.15 ? 63  PRO A C   1 
ATOM   457 O  O   . PRO A 1 63  ? 6.195   8.257   -14.129 1.00 98.75  ? 63  PRO A O   1 
ATOM   458 C  CB  . PRO A 1 63  ? 5.382   5.406   -15.454 1.00 117.69 ? 63  PRO A CB  1 
ATOM   459 C  CG  . PRO A 1 63  ? 4.033   5.362   -16.068 1.00 119.07 ? 63  PRO A CG  1 
ATOM   460 C  CD  . PRO A 1 63  ? 3.354   6.619   -15.643 1.00 121.02 ? 63  PRO A CD  1 
ATOM   461 N  N   . VAL A 1 64  ? 7.434   6.552   -13.316 1.00 108.57 ? 64  VAL A N   1 
ATOM   462 C  CA  . VAL A 1 64  ? 8.657   7.331   -13.140 1.00 118.94 ? 64  VAL A CA  1 
ATOM   463 C  C   . VAL A 1 64  ? 9.850   6.406   -12.896 1.00 122.56 ? 64  VAL A C   1 
ATOM   464 O  O   . VAL A 1 64  ? 10.079  5.952   -11.771 1.00 111.92 ? 64  VAL A O   1 
ATOM   465 C  CB  . VAL A 1 64  ? 8.532   8.406   -12.019 1.00 90.86  ? 64  VAL A CB  1 
ATOM   466 C  CG1 . VAL A 1 64  ? 7.752   7.877   -10.846 1.00 88.35  ? 64  VAL A CG1 1 
ATOM   467 C  CG2 . VAL A 1 64  ? 9.911   8.928   -11.588 1.00 99.36  ? 64  VAL A CG2 1 
ATOM   468 N  N   . PRO A 1 65  ? 10.603  6.099   -13.966 1.00 129.65 ? 65  PRO A N   1 
ATOM   469 C  CA  . PRO A 1 65  ? 11.755  5.214   -13.765 1.00 131.27 ? 65  PRO A CA  1 
ATOM   470 C  C   . PRO A 1 65  ? 13.005  5.893   -13.190 1.00 140.61 ? 65  PRO A C   1 
ATOM   471 O  O   . PRO A 1 65  ? 14.107  5.622   -13.674 1.00 148.58 ? 65  PRO A O   1 
ATOM   472 C  CB  . PRO A 1 65  ? 12.022  4.648   -15.168 1.00 126.10 ? 65  PRO A CB  1 
ATOM   473 C  CG  . PRO A 1 65  ? 11.399  5.620   -16.125 1.00 121.02 ? 65  PRO A CG  1 
ATOM   474 C  CD  . PRO A 1 65  ? 10.283  6.314   -15.392 1.00 123.56 ? 65  PRO A CD  1 
ATOM   475 N  N   . ALA A 1 66  ? 12.844  6.753   -12.186 1.00 133.71 ? 66  ALA A N   1 
ATOM   476 C  CA  . ALA A 1 66  ? 14.001  7.250   -11.444 1.00 113.41 ? 66  ALA A CA  1 
ATOM   477 C  C   . ALA A 1 66  ? 14.486  6.064   -10.645 1.00 112.64 ? 66  ALA A C   1 
ATOM   478 O  O   . ALA A 1 66  ? 15.650  5.669   -10.715 1.00 110.14 ? 66  ALA A O   1 
ATOM   479 C  CB  . ALA A 1 66  ? 13.612  8.380   -10.518 1.00 91.86  ? 66  ALA A CB  1 
ATOM   480 N  N   . TYR A 1 67  ? 13.543  5.494   -9.901  1.00 112.94 ? 67  TYR A N   1 
ATOM   481 C  CA  . TYR A 1 67  ? 13.722  4.282   -9.116  1.00 108.64 ? 67  TYR A CA  1 
ATOM   482 C  C   . TYR A 1 67  ? 13.514  3.024   -9.951  1.00 108.65 ? 67  TYR A C   1 
ATOM   483 O  O   . TYR A 1 67  ? 13.645  1.909   -9.445  1.00 102.00 ? 67  TYR A O   1 
ATOM   484 C  CB  . TYR A 1 67  ? 12.634  4.260   -8.054  1.00 110.95 ? 67  TYR A CB  1 
ATOM   485 C  CG  . TYR A 1 67  ? 13.015  4.841   -6.718  1.00 113.84 ? 67  TYR A CG  1 
ATOM   486 C  CD1 . TYR A 1 67  ? 14.173  4.438   -6.065  1.00 109.76 ? 67  TYR A CD1 1 
ATOM   487 C  CD2 . TYR A 1 67  ? 12.201  5.782   -6.092  1.00 115.91 ? 67  TYR A CD2 1 
ATOM   488 C  CE1 . TYR A 1 67  ? 14.516  4.961   -4.828  1.00 103.31 ? 67  TYR A CE1 1 
ATOM   489 C  CE2 . TYR A 1 67  ? 12.535  6.312   -4.857  1.00 104.47 ? 67  TYR A CE2 1 
ATOM   490 C  CZ  . TYR A 1 67  ? 13.694  5.894   -4.227  1.00 102.24 ? 67  TYR A CZ  1 
ATOM   491 O  OH  . TYR A 1 67  ? 14.027  6.414   -2.995  1.00 106.46 ? 67  TYR A OH  1 
ATOM   492 N  N   . GLN A 1 68  ? 13.203  3.206   -11.231 1.00 120.49 ? 68  GLN A N   1 
ATOM   493 C  CA  . GLN A 1 68  ? 12.513  2.182   -12.011 1.00 123.96 ? 68  GLN A CA  1 
ATOM   494 C  C   . GLN A 1 68  ? 11.197  1.848   -11.322 1.00 119.30 ? 68  GLN A C   1 
ATOM   495 O  O   . GLN A 1 68  ? 11.018  0.776   -10.740 1.00 118.49 ? 68  GLN A O   1 
ATOM   496 C  CB  . GLN A 1 68  ? 13.344  0.919   -12.259 1.00 124.40 ? 68  GLN A CB  1 
ATOM   497 C  CG  . GLN A 1 68  ? 12.793  0.069   -13.411 1.00 127.85 ? 68  GLN A CG  1 
ATOM   498 C  CD  . GLN A 1 68  ? 12.428  0.918   -14.631 1.00 134.64 ? 68  GLN A CD  1 
ATOM   499 O  OE1 . GLN A 1 68  ? 11.248  1.135   -14.934 1.00 137.14 ? 68  GLN A OE1 1 
ATOM   500 N  NE2 . GLN A 1 68  ? 13.446  1.408   -15.328 1.00 133.20 ? 68  GLN A NE2 1 
ATOM   501 N  N   . PHE A 1 69  ? 10.283  2.801   -11.378 1.00 119.55 ? 69  PHE A N   1 
ATOM   502 C  CA  . PHE A 1 69  ? 8.951   2.598   -10.874 1.00 114.85 ? 69  PHE A CA  1 
ATOM   503 C  C   . PHE A 1 69  ? 7.936   2.892   -11.975 1.00 115.97 ? 69  PHE A C   1 
ATOM   504 O  O   . PHE A 1 69  ? 7.513   4.031   -12.148 1.00 120.52 ? 69  PHE A O   1 
ATOM   505 C  CB  . PHE A 1 69  ? 8.708   3.499   -9.669  1.00 112.78 ? 69  PHE A CB  1 
ATOM   506 C  CG  . PHE A 1 69  ? 7.276   3.577   -9.266  1.00 118.46 ? 69  PHE A CG  1 
ATOM   507 C  CD1 . PHE A 1 69  ? 6.601   2.434   -8.888  1.00 118.73 ? 69  PHE A CD1 1 
ATOM   508 C  CD2 . PHE A 1 69  ? 6.602   4.793   -9.262  1.00 118.57 ? 69  PHE A CD2 1 
ATOM   509 C  CE1 . PHE A 1 69  ? 5.284   2.498   -8.516  1.00 116.19 ? 69  PHE A CE1 1 
ATOM   510 C  CE2 . PHE A 1 69  ? 5.273   4.866   -8.889  1.00 117.00 ? 69  PHE A CE2 1 
ATOM   511 C  CZ  . PHE A 1 69  ? 4.614   3.719   -8.515  1.00 116.49 ? 69  PHE A CZ  1 
ATOM   512 N  N   . PRO A 1 70  ? 7.561   1.861   -12.745 1.00 117.92 ? 70  PRO A N   1 
ATOM   513 C  CA  . PRO A 1 70  ? 6.367   1.972   -13.590 1.00 119.36 ? 70  PRO A CA  1 
ATOM   514 C  C   . PRO A 1 70  ? 5.172   2.156   -12.657 1.00 112.89 ? 70  PRO A C   1 
ATOM   515 O  O   . PRO A 1 70  ? 5.132   1.482   -11.634 1.00 123.12 ? 70  PRO A O   1 
ATOM   516 C  CB  . PRO A 1 70  ? 6.298   0.605   -14.281 1.00 117.07 ? 70  PRO A CB  1 
ATOM   517 C  CG  . PRO A 1 70  ? 7.111   -0.320  -13.405 1.00 119.51 ? 70  PRO A CG  1 
ATOM   518 C  CD  . PRO A 1 70  ? 8.191   0.532   -12.820 1.00 120.71 ? 70  PRO A CD  1 
ATOM   519 N  N   . GLY A 1 71  ? 4.245   3.059   -12.968 1.00 100.53 ? 71  GLY A N   1 
ATOM   520 C  CA  . GLY A 1 71  ? 3.131   3.355   -12.078 1.00 86.50  ? 71  GLY A CA  1 
ATOM   521 C  C   . GLY A 1 71  ? 2.183   2.186   -11.857 1.00 97.27  ? 71  GLY A C   1 
ATOM   522 O  O   . GLY A 1 71  ? 2.498   1.044   -12.193 1.00 105.42 ? 71  GLY A O   1 
ATOM   523 N  N   . LEU A 1 72  ? 1.002   2.465   -11.317 1.00 101.05 ? 72  LEU A N   1 
ATOM   524 C  CA  . LEU A 1 72  ? 0.124   1.391   -10.855 1.00 108.48 ? 72  LEU A CA  1 
ATOM   525 C  C   . LEU A 1 72  ? -1.124  1.128   -11.693 1.00 122.06 ? 72  LEU A C   1 
ATOM   526 O  O   . LEU A 1 72  ? -2.016  1.977   -11.755 1.00 127.57 ? 72  LEU A O   1 
ATOM   527 C  CB  . LEU A 1 72  ? -0.293  1.672   -9.406  1.00 100.90 ? 72  LEU A CB  1 
ATOM   528 C  CG  . LEU A 1 72  ? 0.885   1.763   -8.438  1.00 80.24  ? 72  LEU A CG  1 
ATOM   529 C  CD1 . LEU A 1 72  ? 0.465   2.287   -7.094  1.00 73.95  ? 72  LEU A CD1 1 
ATOM   530 C  CD2 . LEU A 1 72  ? 1.544   0.415   -8.324  1.00 77.99  ? 72  LEU A CD2 1 
ATOM   531 N  N   . LYS A 1 73  ? -1.197  -0.052  -12.311 1.00 127.22 ? 73  LYS A N   1 
ATOM   532 C  CA  . LYS A 1 73  ? -2.435  -0.490  -12.963 1.00 123.53 ? 73  LYS A CA  1 
ATOM   533 C  C   . LYS A 1 73  ? -3.482  -0.779  -11.881 1.00 115.95 ? 73  LYS A C   1 
ATOM   534 O  O   . LYS A 1 73  ? -3.122  -1.108  -10.744 1.00 110.76 ? 73  LYS A O   1 
ATOM   535 C  CB  . LYS A 1 73  ? -2.230  -1.761  -13.821 1.00 115.85 ? 73  LYS A CB  1 
ATOM   536 C  CG  . LYS A 1 73  ? -0.782  -2.139  -14.135 1.00 113.95 ? 73  LYS A CG  1 
ATOM   537 C  CD  . LYS A 1 73  ? -0.097  -1.130  -15.061 1.00 120.74 ? 73  LYS A CD  1 
ATOM   538 C  CE  . LYS A 1 73  ? 1.344   -0.850  -14.601 1.00 120.97 ? 73  LYS A CE  1 
ATOM   539 N  NZ  . LYS A 1 73  ? 1.980   0.350   -15.249 1.00 114.72 ? 73  LYS A NZ  1 
ATOM   540 N  N   . PRO A 1 74  ? -4.781  -0.641  -12.218 1.00 117.99 ? 74  PRO A N   1 
ATOM   541 C  CA  . PRO A 1 74  ? -5.768  -1.160  -11.266 1.00 117.76 ? 74  PRO A CA  1 
ATOM   542 C  C   . PRO A 1 74  ? -5.581  -2.666  -11.055 1.00 114.38 ? 74  PRO A C   1 
ATOM   543 O  O   . PRO A 1 74  ? -4.956  -3.344  -11.894 1.00 120.20 ? 74  PRO A O   1 
ATOM   544 C  CB  . PRO A 1 74  ? -7.112  -0.870  -11.954 1.00 113.65 ? 74  PRO A CB  1 
ATOM   545 C  CG  . PRO A 1 74  ? -6.848  0.292   -12.811 1.00 108.89 ? 74  PRO A CG  1 
ATOM   546 C  CD  . PRO A 1 74  ? -5.424  0.117   -13.307 1.00 119.88 ? 74  PRO A CD  1 
ATOM   547 N  N   . GLY A 1 75  ? -6.090  -3.177  -9.937  1.00 99.29  ? 75  GLY A N   1 
ATOM   548 C  CA  . GLY A 1 75  ? -5.902  -4.581  -9.620  1.00 104.92 ? 75  GLY A CA  1 
ATOM   549 C  C   . GLY A 1 75  ? -4.573  -4.878  -8.926  1.00 107.35 ? 75  GLY A C   1 
ATOM   550 O  O   . GLY A 1 75  ? -4.456  -5.861  -8.192  1.00 96.99  ? 75  GLY A O   1 
ATOM   551 N  N   . ASP A 1 76  ? -3.568  -4.039  -9.164  1.00 100.19 ? 76  ASP A N   1 
ATOM   552 C  CA  . ASP A 1 76  ? -2.296  -4.152  -8.464  1.00 94.20  ? 76  ASP A CA  1 
ATOM   553 C  C   . ASP A 1 76  ? -2.440  -3.782  -6.986  1.00 83.69  ? 76  ASP A C   1 
ATOM   554 O  O   . ASP A 1 76  ? -3.282  -2.963  -6.631  1.00 88.30  ? 76  ASP A O   1 
ATOM   555 C  CB  . ASP A 1 76  ? -1.234  -3.277  -9.137  1.00 101.78 ? 76  ASP A CB  1 
ATOM   556 C  CG  . ASP A 1 76  ? -0.655  -3.925  -10.392 1.00 108.99 ? 76  ASP A CG  1 
ATOM   557 O  OD1 . ASP A 1 76  ? -0.990  -5.104  -10.664 1.00 120.71 ? 76  ASP A OD1 1 
ATOM   558 O  OD2 . ASP A 1 76  ? 0.147   -3.261  -11.092 1.00 93.69  ? 76  ASP A OD2 1 
ATOM   559 N  N   . ARG A 1 77  ? -1.635  -4.415  -6.127  1.00 82.11  ? 77  ARG A N   1 
ATOM   560 C  CA  . ARG A 1 77  ? -1.638  -4.134  -4.676  1.00 80.09  ? 77  ARG A CA  1 
ATOM   561 C  C   . ARG A 1 77  ? -0.620  -3.019  -4.332  1.00 66.81  ? 77  ARG A C   1 
ATOM   562 O  O   . ARG A 1 77  ? 0.356   -2.789  -5.079  1.00 64.53  ? 77  ARG A O   1 
ATOM   563 C  CB  . ARG A 1 77  ? -1.332  -5.406  -3.859  1.00 69.73  ? 77  ARG A CB  1 
ATOM   564 C  CG  . ARG A 1 77  ? -1.740  -6.743  -4.524  1.00 81.13  ? 77  ARG A CG  1 
ATOM   565 C  CD  . ARG A 1 77  ? -3.253  -6.966  -4.528  1.00 94.65  ? 77  ARG A CD  1 
ATOM   566 N  NE  . ARG A 1 77  ? -3.652  -8.265  -3.980  1.00 98.18  ? 77  ARG A NE  1 
ATOM   567 C  CZ  . ARG A 1 77  ? -3.806  -9.373  -4.698  1.00 105.52 ? 77  ARG A CZ  1 
ATOM   568 N  NH1 . ARG A 1 77  ? -3.579  -9.364  -6.006  1.00 109.30 ? 77  ARG A NH1 1 
ATOM   569 N  NH2 . ARG A 1 77  ? -4.181  -10.496 -4.103  1.00 110.36 ? 77  ARG A NH2 1 
ATOM   570 N  N   . TRP A 1 78  ? -0.831  -2.321  -3.214  1.00 56.40  ? 78  TRP A N   1 
ATOM   571 C  CA  . TRP A 1 78  ? 0.079   -1.225  -2.885  1.00 61.43  ? 78  TRP A CA  1 
ATOM   572 C  C   . TRP A 1 78  ? -0.064  -0.735  -1.439  1.00 59.08  ? 78  TRP A C   1 
ATOM   573 O  O   . TRP A 1 78  ? -1.134  -0.887  -0.790  1.00 61.63  ? 78  TRP A O   1 
ATOM   574 C  CB  . TRP A 1 78  ? -0.111  -0.066  -3.891  1.00 76.29  ? 78  TRP A CB  1 
ATOM   575 C  CG  . TRP A 1 78  ? 1.023   0.917   -3.940  1.00 74.14  ? 78  TRP A CG  1 
ATOM   576 C  CD1 . TRP A 1 78  ? 1.010   2.212   -3.501  1.00 68.80  ? 78  TRP A CD1 1 
ATOM   577 C  CD2 . TRP A 1 78  ? 2.337   0.680   -4.457  1.00 76.63  ? 78  TRP A CD2 1 
ATOM   578 N  NE1 . TRP A 1 78  ? 2.246   2.795   -3.706  1.00 54.56  ? 78  TRP A NE1 1 
ATOM   579 C  CE2 . TRP A 1 78  ? 3.070   1.875   -4.292  1.00 76.90  ? 78  TRP A CE2 1 
ATOM   580 C  CE3 . TRP A 1 78  ? 2.960   -0.428  -5.040  1.00 61.73  ? 78  TRP A CE3 1 
ATOM   581 C  CZ2 . TRP A 1 78  ? 4.403   1.982   -4.679  1.00 65.70  ? 78  TRP A CZ2 1 
ATOM   582 C  CZ3 . TRP A 1 78  ? 4.276   -0.319  -5.434  1.00 70.10  ? 78  TRP A CZ3 1 
ATOM   583 C  CH2 . TRP A 1 78  ? 4.989   0.880   -5.258  1.00 70.27  ? 78  TRP A CH2 1 
ATOM   584 N  N   . CYS A 1 79  ? 1.006   -0.143  -0.917  1.00 49.83  ? 79  CYS A N   1 
ATOM   585 C  CA  . CYS A 1 79  ? 0.898   0.385   0.427   1.00 51.48  ? 79  CYS A CA  1 
ATOM   586 C  C   . CYS A 1 79  ? 0.659   1.886   0.360   1.00 68.63  ? 79  CYS A C   1 
ATOM   587 O  O   . CYS A 1 79  ? 1.518   2.658   -0.075  1.00 77.64  ? 79  CYS A O   1 
ATOM   588 C  CB  . CYS A 1 79  ? 2.109   -0.017  1.297   1.00 54.07  ? 79  CYS A CB  1 
ATOM   589 S  SG  . CYS A 1 79  ? 2.491   -1.802  1.259   1.00 67.40  ? 79  CYS A SG  1 
ATOM   590 N  N   . LEU A 1 80  ? -0.536  2.272   0.783   1.00 59.77  ? 80  LEU A N   1 
ATOM   591 C  CA  . LEU A 1 80  ? -1.037  3.618   0.620   1.00 78.42  ? 80  LEU A CA  1 
ATOM   592 C  C   . LEU A 1 80  ? -1.088  4.275   1.964   1.00 85.29  ? 80  LEU A C   1 
ATOM   593 O  O   . LEU A 1 80  ? -1.288  3.596   2.975   1.00 81.75  ? 80  LEU A O   1 
ATOM   594 C  CB  . LEU A 1 80  ? -2.484  3.563   0.148   1.00 93.23  ? 80  LEU A CB  1 
ATOM   595 C  CG  . LEU A 1 80  ? -2.895  2.582   -0.933  1.00 94.86  ? 80  LEU A CG  1 
ATOM   596 C  CD1 . LEU A 1 80  ? -4.338  2.861   -1.285  1.00 104.48 ? 80  LEU A CD1 1 
ATOM   597 C  CD2 . LEU A 1 80  ? -1.998  2.746   -2.124  1.00 93.43  ? 80  LEU A CD2 1 
ATOM   598 N  N   . CYS A 1 81  ? -0.960  5.598   1.989   1.00 86.65  ? 81  CYS A N   1 
ATOM   599 C  CA  . CYS A 1 81  ? -1.169  6.317   3.236   1.00 86.10  ? 81  CYS A CA  1 
ATOM   600 C  C   . CYS A 1 81  ? -2.576  6.045   3.733   1.00 78.68  ? 81  CYS A C   1 
ATOM   601 O  O   . CYS A 1 81  ? -3.502  5.780   2.954   1.00 79.99  ? 81  CYS A O   1 
ATOM   602 C  CB  . CYS A 1 81  ? -0.911  7.821   3.086   1.00 58.95  ? 81  CYS A CB  1 
ATOM   603 S  SG  . CYS A 1 81  ? 0.739   8.158   2.436   1.00 80.28  ? 81  CYS A SG  1 
ATOM   604 N  N   . ALA A 1 82  ? -2.708  6.069   5.050   1.00 71.93  ? 82  ALA A N   1 
ATOM   605 C  CA  . ALA A 1 82  ? -3.977  5.809   5.678   1.00 84.56  ? 82  ALA A CA  1 
ATOM   606 C  C   . ALA A 1 82  ? -4.860  6.989   5.342   1.00 92.94  ? 82  ALA A C   1 
ATOM   607 O  O   . ALA A 1 82  ? -5.958  6.818   4.814   1.00 103.83 ? 82  ALA A O   1 
ATOM   608 C  CB  . ALA A 1 82  ? -3.800  5.673   7.158   1.00 93.09  ? 82  ALA A CB  1 
ATOM   609 N  N   . SER A 1 83  ? -4.346  8.183   5.634   1.00 93.75  ? 83  SER A N   1 
ATOM   610 C  CA  . SER A 1 83  ? -5.016  9.439   5.321   1.00 90.61  ? 83  SER A CA  1 
ATOM   611 C  C   . SER A 1 83  ? -5.435  9.530   3.852   1.00 86.30  ? 83  SER A C   1 
ATOM   612 O  O   . SER A 1 83  ? -6.479  10.088  3.546   1.00 97.86  ? 83  SER A O   1 
ATOM   613 C  CB  . SER A 1 83  ? -4.116  10.607  5.697   1.00 96.83  ? 83  SER A CB  1 
ATOM   614 O  OG  . SER A 1 83  ? -2.807  10.145  5.996   1.00 108.65 ? 83  SER A OG  1 
ATOM   615 N  N   . ARG A 1 84  ? -4.645  8.959   2.949   1.00 83.50  ? 84  ARG A N   1 
ATOM   616 C  CA  . ARG A 1 84  ? -4.986  8.976   1.530   1.00 83.55  ? 84  ARG A CA  1 
ATOM   617 C  C   . ARG A 1 84  ? -6.021  7.929   1.172   1.00 91.28  ? 84  ARG A C   1 
ATOM   618 O  O   . ARG A 1 84  ? -6.560  7.925   0.065   1.00 103.56 ? 84  ARG A O   1 
ATOM   619 C  CB  . ARG A 1 84  ? -3.737  8.797   0.661   1.00 88.51  ? 84  ARG A CB  1 
ATOM   620 C  CG  . ARG A 1 84  ? -2.778  9.993   0.749   1.00 103.14 ? 84  ARG A CG  1 
ATOM   621 C  CD  . ARG A 1 84  ? -3.539  11.317  0.671   1.00 106.74 ? 84  ARG A CD  1 
ATOM   622 N  NE  . ARG A 1 84  ? -2.974  12.225  -0.330  1.00 104.61 ? 84  ARG A NE  1 
ATOM   623 C  CZ  . ARG A 1 84  ? -3.478  13.419  -0.651  1.00 105.73 ? 84  ARG A CZ  1 
ATOM   624 N  NH1 . ARG A 1 84  ? -4.575  13.881  -0.060  1.00 98.99  ? 84  ARG A NH1 1 
ATOM   625 N  NH2 . ARG A 1 84  ? -2.877  14.158  -1.569  1.00 116.84 ? 84  ARG A NH2 1 
ATOM   626 N  N   . TRP A 1 85  ? -6.298  7.037   2.113   1.00 91.40  ? 85  TRP A N   1 
ATOM   627 C  CA  . TRP A 1 85  ? -7.323  6.020   1.905   1.00 96.61  ? 85  TRP A CA  1 
ATOM   628 C  C   . TRP A 1 85  ? -8.591  6.482   2.586   1.00 107.05 ? 85  TRP A C   1 
ATOM   629 O  O   . TRP A 1 85  ? -9.679  6.390   2.030   1.00 115.69 ? 85  TRP A O   1 
ATOM   630 C  CB  . TRP A 1 85  ? -6.881  4.679   2.493   1.00 91.70  ? 85  TRP A CB  1 
ATOM   631 C  CG  . TRP A 1 85  ? -7.832  3.548   2.221   1.00 89.99  ? 85  TRP A CG  1 
ATOM   632 C  CD1 . TRP A 1 85  ? -7.884  2.770   1.098   1.00 79.32  ? 85  TRP A CD1 1 
ATOM   633 C  CD2 . TRP A 1 85  ? -8.858  3.058   3.097   1.00 93.61  ? 85  TRP A CD2 1 
ATOM   634 N  NE1 . TRP A 1 85  ? -8.882  1.825   1.217   1.00 74.21  ? 85  TRP A NE1 1 
ATOM   635 C  CE2 . TRP A 1 85  ? -9.499  1.984   2.432   1.00 86.31  ? 85  TRP A CE2 1 
ATOM   636 C  CE3 . TRP A 1 85  ? -9.299  3.425   4.379   1.00 92.17  ? 85  TRP A CE3 1 
ATOM   637 C  CZ2 . TRP A 1 85  ? -10.561 1.275   3.004   1.00 90.63  ? 85  TRP A CZ2 1 
ATOM   638 C  CZ3 . TRP A 1 85  ? -10.348 2.723   4.950   1.00 87.73  ? 85  TRP A CZ3 1 
ATOM   639 C  CH2 . TRP A 1 85  ? -10.971 1.653   4.259   1.00 93.08  ? 85  TRP A CH2 1 
ATOM   640 N  N   . ARG A 1 86  ? -8.425  6.994   3.801   1.00 110.81 ? 86  ARG A N   1 
ATOM   641 C  CA  . ARG A 1 86  ? -9.525  7.495   4.608   1.00 108.06 ? 86  ARG A CA  1 
ATOM   642 C  C   . ARG A 1 86  ? -10.204 8.647   3.885   1.00 104.27 ? 86  ARG A C   1 
ATOM   643 O  O   . ARG A 1 86  ? -11.365 8.964   4.144   1.00 109.05 ? 86  ARG A O   1 
ATOM   644 C  CB  . ARG A 1 86  ? -9.022  7.929   5.985   1.00 107.73 ? 86  ARG A CB  1 
ATOM   645 C  CG  . ARG A 1 86  ? -10.121 8.296   6.951   1.00 105.82 ? 86  ARG A CG  1 
ATOM   646 C  CD  . ARG A 1 86  ? -9.588  9.207   8.026   1.00 106.02 ? 86  ARG A CD  1 
ATOM   647 N  NE  . ARG A 1 86  ? -8.571  10.108  7.486   1.00 111.74 ? 86  ARG A NE  1 
ATOM   648 C  CZ  . ARG A 1 86  ? -7.617  10.681  8.211   1.00 121.73 ? 86  ARG A CZ  1 
ATOM   649 N  NH1 . ARG A 1 86  ? -7.538  10.452  9.515   1.00 117.74 ? 86  ARG A NH1 1 
ATOM   650 N  NH2 . ARG A 1 86  ? -6.734  11.480  7.629   1.00 135.31 ? 86  ARG A NH2 1 
ATOM   651 N  N   . GLU A 1 87  ? -9.469  9.271   2.975   1.00 98.44  ? 87  GLU A N   1 
ATOM   652 C  CA  . GLU A 1 87  ? -10.054 10.228  2.052   1.00 109.24 ? 87  GLU A CA  1 
ATOM   653 C  C   . GLU A 1 87  ? -11.067 9.531   1.139   1.00 115.23 ? 87  GLU A C   1 
ATOM   654 O  O   . GLU A 1 87  ? -12.219 9.948   1.055   1.00 134.92 ? 87  GLU A O   1 
ATOM   655 C  CB  . GLU A 1 87  ? -8.958  10.846  1.194   1.00 115.89 ? 87  GLU A CB  1 
ATOM   656 C  CG  . GLU A 1 87  ? -8.661  12.304  1.438   1.00 116.40 ? 87  GLU A CG  1 
ATOM   657 C  CD  . GLU A 1 87  ? -7.695  12.831  0.398   1.00 122.59 ? 87  GLU A CD  1 
ATOM   658 O  OE1 . GLU A 1 87  ? -7.463  14.058  0.354   1.00 129.08 ? 87  GLU A OE1 1 
ATOM   659 O  OE2 . GLU A 1 87  ? -7.168  12.005  -0.390  1.00 120.75 ? 87  GLU A OE2 1 
ATOM   660 N  N   . ALA A 1 88  ? -10.635 8.472   0.457   1.00 104.15 ? 88  ALA A N   1 
ATOM   661 C  CA  . ALA A 1 88  ? -11.509 7.772   -0.481  1.00 103.06 ? 88  ALA A CA  1 
ATOM   662 C  C   . ALA A 1 88  ? -12.641 7.045   0.214   1.00 110.41 ? 88  ALA A C   1 
ATOM   663 O  O   . ALA A 1 88  ? -13.633 6.704   -0.423  1.00 119.75 ? 88  ALA A O   1 
ATOM   664 C  CB  . ALA A 1 88  ? -10.716 6.811   -1.366  1.00 107.59 ? 88  ALA A CB  1 
ATOM   665 N  N   . LEU A 1 89  ? -12.496 6.807   1.518   1.00 115.74 ? 89  LEU A N   1 
ATOM   666 C  CA  . LEU A 1 89  ? -13.563 6.176   2.311   1.00 125.32 ? 89  LEU A CA  1 
ATOM   667 C  C   . LEU A 1 89  ? -14.748 7.123   2.513   1.00 134.94 ? 89  LEU A C   1 
ATOM   668 O  O   . LEU A 1 89  ? -15.891 6.755   2.246   1.00 147.22 ? 89  LEU A O   1 
ATOM   669 C  CB  . LEU A 1 89  ? -13.057 5.688   3.680   1.00 123.00 ? 89  LEU A CB  1 
ATOM   670 C  CG  . LEU A 1 89  ? -14.124 5.169   4.665   1.00 123.60 ? 89  LEU A CG  1 
ATOM   671 C  CD1 . LEU A 1 89  ? -14.444 3.681   4.449   1.00 118.88 ? 89  LEU A CD1 1 
ATOM   672 C  CD2 . LEU A 1 89  ? -13.760 5.435   6.135   1.00 120.19 ? 89  LEU A CD2 1 
ATOM   673 N  N   . GLU A 1 90  ? -14.471 8.335   2.990   1.00 131.80 ? 90  GLU A N   1 
ATOM   674 C  CA  . GLU A 1 90  ? -15.512 9.338   3.188   1.00 141.10 ? 90  GLU A CA  1 
ATOM   675 C  C   . GLU A 1 90  ? -15.928 9.991   1.861   1.00 134.99 ? 90  GLU A C   1 
ATOM   676 O  O   . GLU A 1 90  ? -16.892 10.760  1.819   1.00 139.51 ? 90  GLU A O   1 
ATOM   677 C  CB  . GLU A 1 90  ? -15.073 10.384  4.223   1.00 147.43 ? 90  GLU A CB  1 
ATOM   678 C  CG  . GLU A 1 90  ? -13.767 11.096  3.887   1.00 150.79 ? 90  GLU A CG  1 
ATOM   679 C  CD  . GLU A 1 90  ? -12.954 11.477  5.123   1.00 148.30 ? 90  GLU A CD  1 
ATOM   680 O  OE1 . GLU A 1 90  ? -13.135 10.843  6.187   1.00 141.67 ? 90  GLU A OE1 1 
ATOM   681 O  OE2 . GLU A 1 90  ? -12.128 12.411  5.025   1.00 146.96 ? 90  GLU A OE2 1 
ATOM   682 N  N   . ALA A 1 91  ? -15.205 9.679   0.785   1.00 119.91 ? 91  ALA A N   1 
ATOM   683 C  CA  . ALA A 1 91  ? -15.598 10.104  -0.551  1.00 114.32 ? 91  ALA A CA  1 
ATOM   684 C  C   . ALA A 1 91  ? -16.177 8.926   -1.322  1.00 122.57 ? 91  ALA A C   1 
ATOM   685 O  O   . ALA A 1 91  ? -16.207 8.921   -2.551  1.00 115.82 ? 91  ALA A O   1 
ATOM   686 C  CB  . ALA A 1 91  ? -14.430 10.679  -1.289  1.00 100.39 ? 91  ALA A CB  1 
ATOM   687 N  N   . GLY A 1 92  ? -16.611 7.916   -0.582  1.00 130.89 ? 92  GLY A N   1 
ATOM   688 C  CA  . GLY A 1 92  ? -17.291 6.762   -1.142  1.00 132.89 ? 92  GLY A CA  1 
ATOM   689 C  C   . GLY A 1 92  ? -16.597 6.010   -2.262  1.00 122.12 ? 92  GLY A C   1 
ATOM   690 O  O   . GLY A 1 92  ? -17.254 5.365   -3.066  1.00 116.31 ? 92  GLY A O   1 
ATOM   691 N  N   . VAL A 1 93  ? -15.272 6.069   -2.326  1.00 116.61 ? 93  VAL A N   1 
ATOM   692 C  CA  . VAL A 1 93  ? -14.562 5.420   -3.429  1.00 116.38 ? 93  VAL A CA  1 
ATOM   693 C  C   . VAL A 1 93  ? -13.346 4.598   -2.985  1.00 106.68 ? 93  VAL A C   1 
ATOM   694 O  O   . VAL A 1 93  ? -12.476 4.286   -3.800  1.00 102.36 ? 93  VAL A O   1 
ATOM   695 C  CB  . VAL A 1 93  ? -14.169 6.442   -4.524  1.00 130.38 ? 93  VAL A CB  1 
ATOM   696 C  CG1 . VAL A 1 93  ? -15.423 6.973   -5.228  1.00 138.00 ? 93  VAL A CG1 1 
ATOM   697 C  CG2 . VAL A 1 93  ? -13.347 7.582   -3.935  1.00 130.50 ? 93  VAL A CG2 1 
ATOM   698 N  N   . ALA A 1 94  ? -13.322 4.235   -1.699  1.00 108.27 ? 94  ALA A N   1 
ATOM   699 C  CA  . ALA A 1 94  ? -12.245 3.451   -1.078  1.00 100.46 ? 94  ALA A CA  1 
ATOM   700 C  C   . ALA A 1 94  ? -11.944 2.113   -1.769  1.00 83.15  ? 94  ALA A C   1 
ATOM   701 O  O   . ALA A 1 94  ? -12.842 1.313   -1.983  1.00 77.50  ? 94  ALA A O   1 
ATOM   702 C  CB  . ALA A 1 94  ? -12.580 3.203   0.380   1.00 101.72 ? 94  ALA A CB  1 
ATOM   703 N  N   . PRO A 1 95  ? -10.662 1.851   -2.085  1.00 86.93  ? 95  PRO A N   1 
ATOM   704 C  CA  . PRO A 1 95  ? -10.264 0.608   -2.760  1.00 86.44  ? 95  PRO A CA  1 
ATOM   705 C  C   . PRO A 1 95  ? -10.216 -0.578  -1.788  1.00 87.23  ? 95  PRO A C   1 
ATOM   706 O  O   . PRO A 1 95  ? -10.065 -0.398  -0.562  1.00 81.95  ? 95  PRO A O   1 
ATOM   707 C  CB  . PRO A 1 95  ? -8.860  0.937   -3.272  1.00 87.39  ? 95  PRO A CB  1 
ATOM   708 C  CG  . PRO A 1 95  ? -8.324  1.826   -2.228  1.00 90.90  ? 95  PRO A CG  1 
ATOM   709 C  CD  . PRO A 1 95  ? -9.493  2.696   -1.792  1.00 92.00  ? 95  PRO A CD  1 
ATOM   710 N  N   . PRO A 1 96  ? -10.338 -1.795  -2.336  1.00 92.52  ? 96  PRO A N   1 
ATOM   711 C  CA  . PRO A 1 96  ? -10.448 -3.012  -1.525  1.00 94.45  ? 96  PRO A CA  1 
ATOM   712 C  C   . PRO A 1 96  ? -9.156  -3.356  -0.782  1.00 87.77  ? 96  PRO A C   1 
ATOM   713 O  O   . PRO A 1 96  ? -8.115  -3.575  -1.406  1.00 87.95  ? 96  PRO A O   1 
ATOM   714 C  CB  . PRO A 1 96  ? -10.773 -4.094  -2.563  1.00 93.79  ? 96  PRO A CB  1 
ATOM   715 C  CG  . PRO A 1 96  ? -10.183 -3.582  -3.820  1.00 98.39  ? 96  PRO A CG  1 
ATOM   716 C  CD  . PRO A 1 96  ? -10.320 -2.088  -3.777  1.00 90.75  ? 96  PRO A CD  1 
ATOM   717 N  N   . VAL A 1 97  ? -9.240  -3.423  0.541   1.00 80.90  ? 97  VAL A N   1 
ATOM   718 C  CA  . VAL A 1 97  ? -8.072  -3.705  1.359   1.00 89.97  ? 97  VAL A CA  1 
ATOM   719 C  C   . VAL A 1 97  ? -7.942  -5.177  1.759   1.00 80.62  ? 97  VAL A C   1 
ATOM   720 O  O   . VAL A 1 97  ? -8.937  -5.900  1.905   1.00 78.57  ? 97  VAL A O   1 
ATOM   721 C  CB  . VAL A 1 97  ? -8.056  -2.836  2.618   1.00 104.33 ? 97  VAL A CB  1 
ATOM   722 C  CG1 . VAL A 1 97  ? -8.366  -1.401  2.250   1.00 116.63 ? 97  VAL A CG1 1 
ATOM   723 C  CG2 . VAL A 1 97  ? -9.069  -3.339  3.616   1.00 110.51 ? 97  VAL A CG2 1 
ATOM   724 N  N   . ILE A 1 98  ? -6.689  -5.594  1.917   1.00 75.59  ? 98  ILE A N   1 
ATOM   725 C  CA  . ILE A 1 98  ? -6.312  -6.921  2.401   1.00 67.07  ? 98  ILE A CA  1 
ATOM   726 C  C   . ILE A 1 98  ? -5.797  -6.747  3.827   1.00 62.53  ? 98  ILE A C   1 
ATOM   727 O  O   . ILE A 1 98  ? -4.677  -6.308  4.007   1.00 65.53  ? 98  ILE A O   1 
ATOM   728 C  CB  . ILE A 1 98  ? -5.167  -7.485  1.535   1.00 65.26  ? 98  ILE A CB  1 
ATOM   729 C  CG1 . ILE A 1 98  ? -5.585  -7.559  0.063   1.00 80.09  ? 98  ILE A CG1 1 
ATOM   730 C  CG2 . ILE A 1 98  ? -4.697  -8.832  2.054   1.00 64.31  ? 98  ILE A CG2 1 
ATOM   731 C  CD1 . ILE A 1 98  ? -4.705  -8.466  -0.793  1.00 81.55  ? 98  ILE A CD1 1 
ATOM   732 N  N   . LEU A 1 99  ? -6.599  -7.098  4.832   1.00 76.66  ? 99  LEU A N   1 
ATOM   733 C  CA  . LEU A 1 99  ? -6.341  -6.696  6.232   1.00 72.97  ? 99  LEU A CA  1 
ATOM   734 C  C   . LEU A 1 99  ? -5.172  -7.377  6.926   1.00 65.85  ? 99  LEU A C   1 
ATOM   735 O  O   . LEU A 1 99  ? -4.584  -6.825  7.854   1.00 76.71  ? 99  LEU A O   1 
ATOM   736 C  CB  . LEU A 1 99  ? -7.584  -6.876  7.112   1.00 75.74  ? 99  LEU A CB  1 
ATOM   737 C  CG  . LEU A 1 99  ? -8.709  -5.858  6.935   1.00 78.59  ? 99  LEU A CG  1 
ATOM   738 C  CD1 . LEU A 1 99  ? -9.538  -6.229  5.738   1.00 82.12  ? 99  LEU A CD1 1 
ATOM   739 C  CD2 . LEU A 1 99  ? -9.561  -5.774  8.200   1.00 90.25  ? 99  LEU A CD2 1 
ATOM   740 N  N   . GLU A 1 100 ? -4.837  -8.584  6.503   1.00 70.99  ? 100 GLU A N   1 
ATOM   741 C  CA  . GLU A 1 100 ? -3.734  -9.280  7.141   1.00 71.84  ? 100 GLU A CA  1 
ATOM   742 C  C   . GLU A 1 100 ? -2.414  -8.652  6.666   1.00 73.44  ? 100 GLU A C   1 
ATOM   743 O  O   . GLU A 1 100 ? -1.333  -8.910  7.221   1.00 67.30  ? 100 GLU A O   1 
ATOM   744 C  CB  . GLU A 1 100 ? -3.837  -10.793 6.882   1.00 67.03  ? 100 GLU A CB  1 
ATOM   745 C  CG  . GLU A 1 100 ? -5.185  -11.402 7.333   1.00 60.59  ? 100 GLU A CG  1 
ATOM   746 C  CD  . GLU A 1 100 ? -6.236  -11.457 6.216   1.00 70.69  ? 100 GLU A CD  1 
ATOM   747 O  OE1 . GLU A 1 100 ? -6.008  -10.867 5.125   1.00 73.76  ? 100 GLU A OE1 1 
ATOM   748 O  OE2 . GLU A 1 100 ? -7.296  -12.110 6.419   1.00 87.20  ? 100 GLU A OE2 1 
ATOM   749 N  N   . ALA A 1 101 ? -2.528  -7.782  5.661   1.00 64.68  ? 101 ALA A N   1 
ATOM   750 C  CA  . ALA A 1 101 ? -1.377  -7.139  5.043   1.00 58.93  ? 101 ALA A CA  1 
ATOM   751 C  C   . ALA A 1 101 ? -1.319  -5.657  5.328   1.00 58.75  ? 101 ALA A C   1 
ATOM   752 O  O   . ALA A 1 101 ? -0.541  -4.938  4.682   1.00 58.52  ? 101 ALA A O   1 
ATOM   753 C  CB  . ALA A 1 101 ? -1.375  -7.366  3.540   1.00 58.98  ? 101 ALA A CB  1 
ATOM   754 N  N   . THR A 1 102 ? -2.119  -5.183  6.282   1.00 46.26  ? 102 THR A N   1 
ATOM   755 C  CA  . THR A 1 102 ? -2.063  -3.766  6.614   1.00 61.57  ? 102 THR A CA  1 
ATOM   756 C  C   . THR A 1 102 ? -1.758  -3.524  8.088   1.00 63.30  ? 102 THR A C   1 
ATOM   757 O  O   . THR A 1 102 ? -2.382  -4.106  8.983   1.00 57.46  ? 102 THR A O   1 
ATOM   758 C  CB  . THR A 1 102 ? -3.321  -2.934  6.128   1.00 70.08  ? 102 THR A CB  1 
ATOM   759 O  OG1 . THR A 1 102 ? -4.077  -2.471  7.253   1.00 77.89  ? 102 THR A OG1 1 
ATOM   760 C  CG2 . THR A 1 102 ? -4.196  -3.742  5.241   1.00 54.71  ? 102 THR A CG2 1 
ATOM   761 N  N   . HIS A 1 103 ? -0.815  -2.616  8.316   1.00 62.74  ? 103 HIS A N   1 
ATOM   762 C  CA  . HIS A 1 103 ? -0.256  -2.412  9.645   1.00 78.71  ? 103 HIS A CA  1 
ATOM   763 C  C   . HIS A 1 103 ? -1.288  -1.992  10.689  1.00 76.52  ? 103 HIS A C   1 
ATOM   764 O  O   . HIS A 1 103 ? -2.312  -1.404  10.362  1.00 81.63  ? 103 HIS A O   1 
ATOM   765 C  CB  . HIS A 1 103 ? 0.908   -1.410  9.598   1.00 77.32  ? 103 HIS A CB  1 
ATOM   766 C  CG  . HIS A 1 103 ? 1.809   -1.488  10.784  1.00 66.63  ? 103 HIS A CG  1 
ATOM   767 N  ND1 . HIS A 1 103 ? 1.839   -0.518  11.763  1.00 77.82  ? 103 HIS A ND1 1 
ATOM   768 C  CD2 . HIS A 1 103 ? 2.691   -2.441  11.171  1.00 73.86  ? 103 HIS A CD2 1 
ATOM   769 C  CE1 . HIS A 1 103 ? 2.714   -0.863  12.691  1.00 82.16  ? 103 HIS A CE1 1 
ATOM   770 N  NE2 . HIS A 1 103 ? 3.244   -2.027  12.358  1.00 77.66  ? 103 HIS A NE2 1 
ATOM   771 N  N   . ALA A 1 104 ? -0.994  -2.299  11.950  1.00 81.69  ? 104 ALA A N   1 
ATOM   772 C  CA  . ALA A 1 104 ? -1.936  -2.098  13.058  1.00 73.12  ? 104 ALA A CA  1 
ATOM   773 C  C   . ALA A 1 104 ? -2.248  -0.636  13.276  1.00 80.80  ? 104 ALA A C   1 
ATOM   774 O  O   . ALA A 1 104 ? -3.350  -0.287  13.713  1.00 76.87  ? 104 ALA A O   1 
ATOM   775 C  CB  . ALA A 1 104 ? -1.395  -2.705  14.345  1.00 50.12  ? 104 ALA A CB  1 
ATOM   776 N  N   . SER A 1 105 ? -1.263  0.208   12.971  1.00 82.98  ? 105 SER A N   1 
ATOM   777 C  CA  . SER A 1 105 ? -1.390  1.653   13.113  1.00 79.02  ? 105 SER A CA  1 
ATOM   778 C  C   . SER A 1 105 ? -2.385  2.280   12.135  1.00 78.69  ? 105 SER A C   1 
ATOM   779 O  O   . SER A 1 105 ? -2.683  3.456   12.259  1.00 85.04  ? 105 SER A O   1 
ATOM   780 C  CB  . SER A 1 105 ? -0.026  2.314   12.949  1.00 68.54  ? 105 SER A CB  1 
ATOM   781 O  OG  . SER A 1 105 ? 0.540   1.950   11.703  1.00 67.45  ? 105 SER A OG  1 
ATOM   782 N  N   . ALA A 1 106 ? -2.891  1.521   11.163  1.00 79.55  ? 106 ALA A N   1 
ATOM   783 C  CA  . ALA A 1 106 ? -3.969  2.039   10.326  1.00 80.65  ? 106 ALA A CA  1 
ATOM   784 C  C   . ALA A 1 106 ? -5.152  2.381   11.220  1.00 82.64  ? 106 ALA A C   1 
ATOM   785 O  O   . ALA A 1 106 ? -5.906  3.316   10.947  1.00 90.14  ? 106 ALA A O   1 
ATOM   786 C  CB  . ALA A 1 106 ? -4.373  1.030   9.255   1.00 74.06  ? 106 ALA A CB  1 
ATOM   787 N  N   . LEU A 1 107 ? -5.279  1.632   12.312  1.00 90.76  ? 107 LEU A N   1 
ATOM   788 C  CA  . LEU A 1 107 ? -6.388  1.786   13.258  1.00 95.86  ? 107 LEU A CA  1 
ATOM   789 C  C   . LEU A 1 107 ? -6.329  3.082   14.078  1.00 99.37  ? 107 LEU A C   1 
ATOM   790 O  O   . LEU A 1 107 ? -7.319  3.498   14.688  1.00 98.03  ? 107 LEU A O   1 
ATOM   791 C  CB  . LEU A 1 107 ? -6.492  0.563   14.182  1.00 93.46  ? 107 LEU A CB  1 
ATOM   792 C  CG  . LEU A 1 107 ? -6.610  -0.797  13.488  1.00 91.99  ? 107 LEU A CG  1 
ATOM   793 C  CD1 . LEU A 1 107 ? -7.124  -1.837  14.470  1.00 92.53  ? 107 LEU A CD1 1 
ATOM   794 C  CD2 . LEU A 1 107 ? -7.496  -0.718  12.256  1.00 80.08  ? 107 LEU A CD2 1 
ATOM   795 N  N   . GLU A 1 108 ? -5.157  3.708   14.097  1.00 98.53  ? 108 GLU A N   1 
ATOM   796 C  CA  . GLU A 1 108 ? -5.027  5.060   14.628  1.00 100.46 ? 108 GLU A CA  1 
ATOM   797 C  C   . GLU A 1 108 ? -5.576  6.078   13.615  1.00 109.77 ? 108 GLU A C   1 
ATOM   798 O  O   . GLU A 1 108 ? -5.684  7.268   13.920  1.00 121.58 ? 108 GLU A O   1 
ATOM   799 C  CB  . GLU A 1 108 ? -3.567  5.369   14.997  1.00 96.51  ? 108 GLU A CB  1 
ATOM   800 C  CG  . GLU A 1 108 ? -3.128  4.812   16.355  1.00 104.63 ? 108 GLU A CG  1 
ATOM   801 C  CD  . GLU A 1 108 ? -1.627  4.549   16.452  1.00 110.46 ? 108 GLU A CD  1 
ATOM   802 O  OE1 . GLU A 1 108 ? -0.858  5.173   15.686  1.00 109.34 ? 108 GLU A OE1 1 
ATOM   803 O  OE2 . GLU A 1 108 ? -1.219  3.705   17.288  1.00 113.23 ? 108 GLU A OE2 1 
ATOM   804 N  N   . TYR A 1 109 ? -5.936  5.600   12.421  1.00 96.80  ? 109 TYR A N   1 
ATOM   805 C  CA  . TYR A 1 109 ? -6.489  6.460   11.382  1.00 85.81  ? 109 TYR A CA  1 
ATOM   806 C  C   . TYR A 1 109 ? -7.940  6.125   11.127  1.00 91.78  ? 109 TYR A C   1 
ATOM   807 O  O   . TYR A 1 109 ? -8.786  7.016   11.089  1.00 101.36 ? 109 TYR A O   1 
ATOM   808 C  CB  . TYR A 1 109 ? -5.699  6.332   10.084  1.00 87.65  ? 109 TYR A CB  1 
ATOM   809 C  CG  . TYR A 1 109 ? -4.350  7.020   10.131  1.00 95.53  ? 109 TYR A CG  1 
ATOM   810 C  CD1 . TYR A 1 109 ? -4.106  8.169   9.380   1.00 102.05 ? 109 TYR A CD1 1 
ATOM   811 C  CD2 . TYR A 1 109 ? -3.319  6.526   10.936  1.00 95.88  ? 109 TYR A CD2 1 
ATOM   812 C  CE1 . TYR A 1 109 ? -2.862  8.803   9.421   1.00 111.19 ? 109 TYR A CE1 1 
ATOM   813 C  CE2 . TYR A 1 109 ? -2.080  7.153   10.986  1.00 102.06 ? 109 TYR A CE2 1 
ATOM   814 C  CZ  . TYR A 1 109 ? -1.857  8.294   10.230  1.00 110.06 ? 109 TYR A CZ  1 
ATOM   815 O  OH  . TYR A 1 109 ? -0.635  8.923   10.279  1.00 109.57 ? 109 TYR A OH  1 
ATOM   816 N  N   . VAL A 1 110 ? -8.229  4.842   10.932  1.00 91.54  ? 110 VAL A N   1 
ATOM   817 C  CA  . VAL A 1 110 ? -9.611  4.396   10.741  1.00 95.45  ? 110 VAL A CA  1 
ATOM   818 C  C   . VAL A 1 110 ? -9.927  3.246   11.679  1.00 96.66  ? 110 VAL A C   1 
ATOM   819 O  O   . VAL A 1 110 ? -9.103  2.906   12.521  1.00 98.45  ? 110 VAL A O   1 
ATOM   820 C  CB  . VAL A 1 110 ? -9.878  3.966   9.307   1.00 85.31  ? 110 VAL A CB  1 
ATOM   821 C  CG1 . VAL A 1 110 ? -9.747  5.154   8.389   1.00 73.84  ? 110 VAL A CG1 1 
ATOM   822 C  CG2 . VAL A 1 110 ? -8.900  2.881   8.910   1.00 89.34  ? 110 VAL A CG2 1 
ATOM   823 N  N   . SER A 1 111 ? -11.111 2.649   11.537  1.00 97.06  ? 111 SER A N   1 
ATOM   824 C  CA  . SER A 1 111 ? -11.543 1.576   12.452  1.00 94.19  ? 111 SER A CA  1 
ATOM   825 C  C   . SER A 1 111 ? -11.431 0.186   11.807  1.00 94.74  ? 111 SER A C   1 
ATOM   826 O  O   . SER A 1 111 ? -11.193 0.078   10.607  1.00 105.17 ? 111 SER A O   1 
ATOM   827 C  CB  . SER A 1 111 ? -12.975 1.833   12.952  1.00 95.01  ? 111 SER A CB  1 
ATOM   828 O  OG  . SER A 1 111 ? -13.938 1.463   11.988  1.00 92.86  ? 111 SER A OG  1 
ATOM   829 N  N   . LEU A 1 112 ? -11.562 -0.881  12.593  1.00 100.32 ? 112 LEU A N   1 
ATOM   830 C  CA  . LEU A 1 112 ? -11.480 -2.218  12.005  1.00 101.19 ? 112 LEU A CA  1 
ATOM   831 C  C   . LEU A 1 112 ? -12.673 -2.375  11.084  1.00 101.18 ? 112 LEU A C   1 
ATOM   832 O  O   . LEU A 1 112 ? -12.591 -2.985  10.020  1.00 99.41  ? 112 LEU A O   1 
ATOM   833 C  CB  . LEU A 1 112 ? -11.552 -3.318  13.067  1.00 106.88 ? 112 LEU A CB  1 
ATOM   834 C  CG  . LEU A 1 112 ? -10.874 -3.225  14.435  1.00 112.53 ? 112 LEU A CG  1 
ATOM   835 C  CD1 . LEU A 1 112 ? -11.836 -2.706  15.504  1.00 122.85 ? 112 LEU A CD1 1 
ATOM   836 C  CD2 . LEU A 1 112 ? -10.331 -4.583  14.843  1.00 103.33 ? 112 LEU A CD2 1 
ATOM   837 N  N   . GLU A 1 113 ? -13.778 -1.779  11.515  1.00 103.89 ? 113 GLU A N   1 
ATOM   838 C  CA  . GLU A 1 113 ? -15.087 -2.009  10.921  1.00 117.47 ? 113 GLU A CA  1 
ATOM   839 C  C   . GLU A 1 113 ? -15.232 -1.438  9.512   1.00 110.06 ? 113 GLU A C   1 
ATOM   840 O  O   . GLU A 1 113 ? -15.923 -2.018  8.681   1.00 117.88 ? 113 GLU A O   1 
ATOM   841 C  CB  . GLU A 1 113 ? -16.210 -1.509  11.856  1.00 129.44 ? 113 GLU A CB  1 
ATOM   842 C  CG  . GLU A 1 113 ? -15.745 -0.718  13.093  1.00 136.86 ? 113 GLU A CG  1 
ATOM   843 C  CD  . GLU A 1 113 ? -15.244 -1.594  14.237  1.00 134.79 ? 113 GLU A CD  1 
ATOM   844 O  OE1 . GLU A 1 113 ? -15.534 -2.810  14.245  1.00 140.37 ? 113 GLU A OE1 1 
ATOM   845 O  OE2 . GLU A 1 113 ? -14.558 -1.059  15.138  1.00 121.10 ? 113 GLU A OE2 1 
ATOM   846 N  N   . ASP A 1 114 ? -14.586 -0.309  9.245   1.00 103.88 ? 114 ASP A N   1 
ATOM   847 C  CA  . ASP A 1 114 ? -14.629 0.282   7.912   1.00 109.35 ? 114 ASP A CA  1 
ATOM   848 C  C   . ASP A 1 114 ? -13.557 -0.343  7.028   1.00 101.22 ? 114 ASP A C   1 
ATOM   849 O  O   . ASP A 1 114 ? -13.632 -0.316  5.790   1.00 102.89 ? 114 ASP A O   1 
ATOM   850 C  CB  . ASP A 1 114 ? -14.472 1.802   7.988   1.00 121.64 ? 114 ASP A CB  1 
ATOM   851 C  CG  . ASP A 1 114 ? -13.446 2.242   9.026   1.00 121.77 ? 114 ASP A CG  1 
ATOM   852 O  OD1 . ASP A 1 114 ? -13.732 3.215   9.764   1.00 119.90 ? 114 ASP A OD1 1 
ATOM   853 O  OD2 . ASP A 1 114 ? -12.354 1.638   9.091   1.00 105.47 ? 114 ASP A OD2 1 
ATOM   854 N  N   . LEU A 1 115 ? -12.560 -0.915  7.692   1.00 97.48  ? 115 LEU A N   1 
ATOM   855 C  CA  . LEU A 1 115 ? -11.540 -1.709  7.038   1.00 91.34  ? 115 LEU A CA  1 
ATOM   856 C  C   . LEU A 1 115 ? -12.116 -3.038  6.613   1.00 93.58  ? 115 LEU A C   1 
ATOM   857 O  O   . LEU A 1 115 ? -12.022 -3.411  5.438   1.00 89.61  ? 115 LEU A O   1 
ATOM   858 C  CB  . LEU A 1 115 ? -10.392 -1.942  8.002   1.00 89.16  ? 115 LEU A CB  1 
ATOM   859 C  CG  . LEU A 1 115 ? -9.329  -0.860  7.903   1.00 84.68  ? 115 LEU A CG  1 
ATOM   860 C  CD1 . LEU A 1 115 ? -8.254  -1.139  8.912   1.00 75.68  ? 115 LEU A CD1 1 
ATOM   861 C  CD2 . LEU A 1 115 ? -8.780  -0.886  6.498   1.00 76.43  ? 115 LEU A CD2 1 
ATOM   862 N  N   . LYS A 1 116 ? -12.706 -3.742  7.584   1.00 98.53  ? 116 LYS A N   1 
ATOM   863 C  CA  . LYS A 1 116 ? -13.413 -5.012  7.359   1.00 96.00  ? 116 LYS A CA  1 
ATOM   864 C  C   . LYS A 1 116 ? -14.493 -4.833  6.303   1.00 90.72  ? 116 LYS A C   1 
ATOM   865 O  O   . LYS A 1 116 ? -14.598 -5.637  5.359   1.00 88.35  ? 116 LYS A O   1 
ATOM   866 C  CB  . LYS A 1 116 ? -14.061 -5.500  8.661   1.00 96.05  ? 116 LYS A CB  1 
ATOM   867 C  CG  . LYS A 1 116 ? -13.362 -6.668  9.345   1.00 93.46  ? 116 LYS A CG  1 
ATOM   868 C  CD  . LYS A 1 116 ? -13.396 -6.492  10.860  1.00 94.25  ? 116 LYS A CD  1 
ATOM   869 C  CE  . LYS A 1 116 ? -13.297 -7.823  11.596  1.00 85.57  ? 116 LYS A CE  1 
ATOM   870 N  NZ  . LYS A 1 116 ? -13.768 -7.692  13.021  1.00 95.00  ? 116 LYS A NZ  1 
ATOM   871 N  N   . ALA A 1 117 ? -15.279 -3.769  6.482   1.00 92.52  ? 117 ALA A N   1 
ATOM   872 C  CA  . ALA A 1 117 ? -16.301 -3.349  5.524   1.00 104.66 ? 117 ALA A CA  1 
ATOM   873 C  C   . ALA A 1 117 ? -15.794 -3.441  4.101   1.00 103.14 ? 117 ALA A C   1 
ATOM   874 O  O   . ALA A 1 117 ? -16.469 -3.995  3.217   1.00 91.25  ? 117 ALA A O   1 
ATOM   875 C  CB  . ALA A 1 117 ? -16.743 -1.911  5.811   1.00 100.47 ? 117 ALA A CB  1 
ATOM   876 N  N   . HIS A 1 118 ? -14.618 -2.874  3.892   1.00 95.48  ? 118 HIS A N   1 
ATOM   877 C  CA  . HIS A 1 118 ? -14.040 -2.882  2.564   1.00 96.52  ? 118 HIS A CA  1 
ATOM   878 C  C   . HIS A 1 118 ? -12.890 -3.838  2.343   1.00 102.28 ? 118 HIS A C   1 
ATOM   879 O  O   . HIS A 1 118 ? -11.879 -3.477  1.748   1.00 114.40 ? 118 HIS A O   1 
ATOM   880 C  CB  . HIS A 1 118 ? -13.637 -1.464  2.164   1.00 103.57 ? 118 HIS A CB  1 
ATOM   881 C  CG  . HIS A 1 118 ? -14.476 -0.902  1.050   1.00 103.67 ? 118 HIS A CG  1 
ATOM   882 N  ND1 . HIS A 1 118 ? -14.342 -1.316  -0.257  1.00 107.57 ? 118 HIS A ND1 1 
ATOM   883 C  CD2 . HIS A 1 118 ? -15.487 -0.007  1.068   1.00 102.81 ? 118 HIS A CD2 1 
ATOM   884 C  CE1 . HIS A 1 118 ? -15.244 -0.695  -1.003  1.00 120.68 ? 118 HIS A CE1 1 
ATOM   885 N  NE2 . HIS A 1 118 ? -15.950 0.100   -0.229  1.00 121.05 ? 118 HIS A NE2 1 
ATOM   886 N  N   . ALA A 1 119 ? -13.053 -5.069  2.817   1.00 105.87 ? 119 ALA A N   1 
ATOM   887 C  CA  . ALA A 1 119 ? -12.021 -6.086  2.643   1.00 100.78 ? 119 ALA A CA  1 
ATOM   888 C  C   . ALA A 1 119 ? -12.070 -6.559  1.185   1.00 98.61  ? 119 ALA A C   1 
ATOM   889 O  O   . ALA A 1 119 ? -12.494 -5.815  0.297   1.00 102.80 ? 119 ALA A O   1 
ATOM   890 C  CB  . ALA A 1 119 ? -12.269 -7.254  3.584   1.00 92.53  ? 119 ALA A CB  1 
ATOM   891 N  N   . LEU A 1 120 ? -11.623 -7.784  0.922   1.00 83.09  ? 120 LEU A N   1 
ATOM   892 C  CA  . LEU A 1 120 ? -11.645 -8.290  -0.445  1.00 83.96  ? 120 LEU A CA  1 
ATOM   893 C  C   . LEU A 1 120 ? -12.641 -9.433  -0.667  1.00 107.05 ? 120 LEU A C   1 
ATOM   894 O  O   . LEU A 1 120 ? -12.752 -9.951  -1.780  1.00 110.74 ? 120 LEU A O   1 
ATOM   895 C  CB  . LEU A 1 120 ? -10.237 -8.730  -0.877  1.00 64.13  ? 120 LEU A CB  1 
ATOM   896 C  CG  . LEU A 1 120 ? -9.611  -7.920  -2.028  1.00 65.14  ? 120 LEU A CG  1 
ATOM   897 C  CD1 . LEU A 1 120 ? -8.458  -8.704  -2.682  1.00 63.26  ? 120 LEU A CD1 1 
ATOM   898 C  CD2 . LEU A 1 120 ? -10.695 -7.649  -3.056  1.00 71.36  ? 120 LEU A CD2 1 
ATOM   899 N  N   . GLY A 1 121 ? -13.380 -9.808  0.379   1.00 113.15 ? 121 GLY A N   1 
ATOM   900 C  CA  . GLY A 1 121 ? -14.351 -10.888 0.254   1.00 105.58 ? 121 GLY A CA  1 
ATOM   901 C  C   . GLY A 1 121 ? -15.768 -10.530 0.693   1.00 109.67 ? 121 GLY A C   1 
ATOM   902 O  O   . GLY A 1 121 ? -16.612 -11.455 0.837   1.00 109.32 ? 121 GLY A O   1 
HETATM 903 O  O   . HOH B 2 .   ? 8.208   -1.931  3.450   1.00 54.01  ? 201 HOH A O   1 
HETATM 904 O  O   . HOH B 2 .   ? 2.165   -5.753  4.150   1.00 63.42  ? 202 HOH A O   1 
HETATM 905 O  O   . HOH B 2 .   ? 11.353  8.169   -3.383  1.00 113.97 ? 203 HOH A O   1 
HETATM 906 O  O   . HOH B 2 .   ? -0.750  6.773   -0.656  1.00 55.58  ? 204 HOH A O   1 
HETATM 907 O  O   . HOH B 2 .   ? -7.491  5.746   -12.918 1.00 67.19  ? 205 HOH A O   1 
HETATM 908 O  O   . HOH B 2 .   ? 5.277   0.391   3.456   1.00 87.67  ? 206 HOH A O   1 
HETATM 909 O  O   . HOH B 2 .   ? 19.065  -9.830  3.280   1.00 91.67  ? 207 HOH A O   1 
HETATM 910 O  O   . HOH B 2 .   ? 3.575   0.595   -1.548  1.00 57.76  ? 208 HOH A O   1 
HETATM 911 O  O   . HOH B 2 .   ? -16.189 -4.703  0.858   1.00 85.09  ? 209 HOH A O   1 
HETATM 912 O  O   . HOH B 2 .   ? -15.827 -2.414  -12.080 1.00 84.11  ? 210 HOH A O   1 
HETATM 913 O  O   . HOH B 2 .   ? 8.787   -6.740  8.678   1.00 95.77  ? 211 HOH A O   1 
HETATM 914 O  O   . HOH B 2 .   ? 13.829  -2.812  3.250   1.00 83.10  ? 212 HOH A O   1 
HETATM 915 O  O   . HOH B 2 .   ? -13.457 3.207   -15.045 0.50 70.34  ? 213 HOH A O   1 
HETATM 916 O  O   . HOH B 2 .   ? 11.808  -9.153  1.317   1.00 89.56  ? 214 HOH A O   1 
HETATM 917 O  O   . HOH B 2 .   ? 11.514  -9.294  4.642   1.00 68.06  ? 215 HOH A O   1 
HETATM 918 O  O   . HOH B 2 .   ? 0.940   -8.690  -14.931 0.50 66.97  ? 216 HOH A O   1 
HETATM 919 O  O   . HOH B 2 .   ? -0.757  9.201   7.253   1.00 77.50  ? 217 HOH A O   1 
# 
loop_
_atom_site_anisotrop.id 
_atom_site_anisotrop.type_symbol 
_atom_site_anisotrop.pdbx_label_atom_id 
_atom_site_anisotrop.pdbx_label_alt_id 
_atom_site_anisotrop.pdbx_label_comp_id 
_atom_site_anisotrop.pdbx_label_asym_id 
_atom_site_anisotrop.pdbx_label_seq_id 
_atom_site_anisotrop.pdbx_PDB_ins_code 
_atom_site_anisotrop.U[1][1] 
_atom_site_anisotrop.U[2][2] 
_atom_site_anisotrop.U[3][3] 
_atom_site_anisotrop.U[1][2] 
_atom_site_anisotrop.U[1][3] 
_atom_site_anisotrop.U[2][3] 
_atom_site_anisotrop.pdbx_auth_seq_id 
_atom_site_anisotrop.pdbx_auth_comp_id 
_atom_site_anisotrop.pdbx_auth_asym_id 
_atom_site_anisotrop.pdbx_auth_atom_id 
1   N  N   . MSE A 2   ? 1.5521 1.4290 1.3390 0.0246  -0.2507 0.0011  2   MSE A N   
2   C  CA  . MSE A 2   ? 1.4496 1.3556 1.3019 0.0311  -0.2478 -0.0061 2   MSE A CA  
3   C  C   . MSE A 2   ? 1.3267 1.2567 1.2004 0.0197  -0.2208 -0.0158 2   MSE A C   
4   O  O   . MSE A 2   ? 1.0682 0.9907 0.9203 0.0119  -0.1988 -0.0144 2   MSE A O   
5   C  CB  . MSE A 2   ? 1.4418 1.3351 1.3120 0.0426  -0.2432 -0.0005 2   MSE A CB  
6   C  CG  . MSE A 2   ? 1.3973 1.3069 1.3279 0.0579  -0.2612 -0.0014 2   MSE A CG  
7   SE SE  . MSE A 2   ? 1.4818 1.3631 1.3913 0.0746  -0.3047 0.0184  2   MSE A SE  
8   C  CE  . MSE A 2   ? 1.2481 1.1346 1.2381 0.0959  -0.3013 0.0200  2   MSE A CE  
9   N  N   . THR A 3   ? 1.3889 1.3475 1.3052 0.0177  -0.2239 -0.0244 3   THR A N   
10  C  CA  . THR A 3   ? 1.3280 1.3082 1.2652 0.0070  -0.1999 -0.0306 3   THR A CA  
11  C  C   . THR A 3   ? 1.2884 1.2762 1.2519 0.0084  -0.1795 -0.0336 3   THR A C   
12  O  O   . THR A 3   ? 1.3666 1.3620 1.3708 0.0186  -0.1846 -0.0375 3   THR A O   
13  C  CB  . THR A 3   ? 1.3872 1.3925 1.3635 0.0034  -0.2071 -0.0388 3   THR A CB  
14  O  OG1 . THR A 3   ? 1.3012 1.3288 1.3354 0.0090  -0.2054 -0.0451 3   THR A OG1 
15  C  CG2 . THR A 3   ? 1.5152 1.5122 1.4750 0.0053  -0.2354 -0.0399 3   THR A CG2 
16  N  N   . THR A 4   ? 1.0547 1.0408 0.9966 -0.0023 -0.1567 -0.0323 4   THR A N   
17  C  CA  . THR A 4   ? 0.8166 0.8033 0.7690 -0.0041 -0.1362 -0.0370 4   THR A CA  
18  C  C   . THR A 4   ? 0.8317 0.8455 0.8239 -0.0105 -0.1198 -0.0453 4   THR A C   
19  O  O   . THR A 4   ? 0.8551 0.8837 0.8491 -0.0196 -0.1165 -0.0434 4   THR A O   
20  C  CB  . THR A 4   ? 1.0341 1.0035 0.9404 -0.0136 -0.1227 -0.0325 4   THR A CB  
21  O  OG1 . THR A 4   ? 0.9406 0.9194 0.8510 -0.0242 -0.0997 -0.0389 4   THR A OG1 
22  C  CG2 . THR A 4   ? 1.0697 1.0384 0.9450 -0.0220 -0.1262 -0.0245 4   THR A CG2 
23  N  N   . MSE A 5   ? 0.8405 0.8580 0.8650 -0.0060 -0.1073 -0.0545 5   MSE A N   
24  C  CA  . MSE A 5   ? 0.8390 0.8816 0.9146 -0.0077 -0.0945 -0.0642 5   MSE A CA  
25  C  C   . MSE A 5   ? 0.9513 0.9985 1.0286 -0.0196 -0.0611 -0.0740 5   MSE A C   
26  O  O   . MSE A 5   ? 0.8590 0.8889 0.9158 -0.0208 -0.0489 -0.0784 5   MSE A O   
27  C  CB  . MSE A 5   ? 0.9279 0.9747 1.0566 0.0102  -0.1100 -0.0691 5   MSE A CB  
28  C  CG  . MSE A 5   ? 1.0663 1.1419 1.2534 0.0124  -0.1173 -0.0748 5   MSE A CG  
29  SE SE  . MSE A 5   ? 1.1228 1.1997 1.3048 0.0195  -0.1622 -0.0662 5   MSE A SE  
30  C  CE  . MSE A 5   ? 0.6028 0.6726 0.7239 0.0007  -0.1526 -0.0593 5   MSE A CE  
31  N  N   . ASN A 6   ? 0.9327 1.0013 1.0338 -0.0296 -0.0451 -0.0786 6   ASN A N   
32  C  CA  . ASN A 6   ? 0.7717 0.8438 0.8691 -0.0434 -0.0117 -0.0885 6   ASN A CA  
33  C  C   . ASN A 6   ? 0.7638 0.8468 0.9235 -0.0361 0.0054  -0.1048 6   ASN A C   
34  O  O   . ASN A 6   ? 0.8383 0.9282 1.0481 -0.0189 -0.0124 -0.1066 6   ASN A O   
35  C  CB  . ASN A 6   ? 0.7046 0.7889 0.7784 -0.0625 0.0007  -0.0811 6   ASN A CB  
36  C  CG  . ASN A 6   ? 0.6171 0.7205 0.7309 -0.0607 -0.0078 -0.0772 6   ASN A CG  
37  O  OD1 . ASN A 6   ? 0.5710 0.6889 0.7414 -0.0550 -0.0015 -0.0881 6   ASN A OD1 
38  N  ND2 . ASN A 6   ? 0.5652 0.6690 0.6545 -0.0660 -0.0210 -0.0627 6   ASN A ND2 
39  N  N   . VAL A 7   ? 0.8425 0.9274 0.9997 -0.0497 0.0400  -0.1170 7   VAL A N   
40  C  CA  . VAL A 7   ? 0.9351 1.0294 1.1556 -0.0434 0.0626  -0.1352 7   VAL A CA  
41  C  C   . VAL A 7   ? 1.0075 1.1299 1.2953 -0.0366 0.0543  -0.1354 7   VAL A C   
42  O  O   . VAL A 7   ? 1.1079 1.2415 1.4656 -0.0209 0.0520  -0.1447 7   VAL A O   
43  C  CB  . VAL A 7   ? 1.1275 1.2177 1.3258 -0.0638 0.1069  -0.1507 7   VAL A CB  
44  C  CG1 . VAL A 7   ? 0.9490 1.0379 1.0775 -0.0869 0.1117  -0.1388 7   VAL A CG1 
45  C  CG2 . VAL A 7   ? 1.2731 1.3833 1.5398 -0.0643 0.1359  -0.1669 7   VAL A CG2 
46  N  N   . LEU A 8   ? 1.0443 1.1775 1.3135 -0.0482 0.0477  -0.1241 8   LEU A N   
47  C  CA  . LEU A 8   ? 0.9037 1.0628 1.2316 -0.0481 0.0449  -0.1255 8   LEU A CA  
48  C  C   . LEU A 8   ? 0.9901 1.1582 1.3584 -0.0295 0.0045  -0.1211 8   LEU A C   
49  O  O   . LEU A 8   ? 1.1673 1.3593 1.6003 -0.0263 -0.0009 -0.1268 8   LEU A O   
50  C  CB  . LEU A 8   ? 0.7838 0.9462 1.0755 -0.0677 0.0530  -0.1138 8   LEU A CB  
51  C  CG  . LEU A 8   ? 0.7722 0.9260 1.0162 -0.0887 0.0896  -0.1152 8   LEU A CG  
52  C  CD1 . LEU A 8   ? 0.6027 0.7632 0.8292 -0.1076 0.1015  -0.1027 8   LEU A CD1 
53  C  CD2 . LEU A 8   ? 0.8630 1.0213 1.1461 -0.0896 0.1240  -0.1369 8   LEU A CD2 
54  N  N   . GLY A 9   ? 0.9232 1.0722 1.2517 -0.0191 -0.0236 -0.1113 9   GLY A N   
55  C  CA  . GLY A 9   ? 0.7690 0.9219 1.1209 -0.0038 -0.0630 -0.1061 9   GLY A CA  
56  C  C   . GLY A 9   ? 0.8541 1.0003 1.1596 -0.0107 -0.0839 -0.0940 9   GLY A C   
57  O  O   . GLY A 9   ? 0.9607 1.1079 1.2735 -0.0020 -0.1163 -0.0906 9   GLY A O   
58  N  N   . THR A 10  ? 0.7974 0.9362 1.0554 -0.0265 -0.0657 -0.0875 10  THR A N   
59  C  CA  . THR A 10  ? 0.8118 0.9429 1.0302 -0.0329 -0.0804 -0.0760 10  THR A CA  
60  C  C   . THR A 10  ? 0.8732 0.9794 1.0273 -0.0312 -0.0880 -0.0662 10  THR A C   
61  O  O   . THR A 10  ? 0.8500 0.9448 0.9871 -0.0280 -0.0789 -0.0683 10  THR A O   
62  C  CB  . THR A 10  ? 0.8774 1.0166 1.0907 -0.0504 -0.0581 -0.0713 10  THR A CB  
63  O  OG1 . THR A 10  ? 1.1290 1.2700 1.3359 -0.0597 -0.0268 -0.0747 10  THR A OG1 
64  C  CG2 . THR A 10  ? 0.7132 0.8728 0.9842 -0.0532 -0.0607 -0.0778 10  THR A CG2 
65  N  N   . PRO A 11  ? 0.8988 0.9959 1.0210 -0.0336 -0.1030 -0.0571 11  PRO A N   
66  C  CA  . PRO A 11  ? 0.8278 0.9038 0.8930 -0.0345 -0.1051 -0.0478 11  PRO A CA  
67  C  C   . PRO A 11  ? 0.8474 0.9236 0.8859 -0.0474 -0.0812 -0.0428 11  PRO A C   
68  O  O   . PRO A 11  ? 0.7229 0.8106 0.7677 -0.0587 -0.0677 -0.0387 11  PRO A O   
69  C  CB  . PRO A 11  ? 0.7673 0.8377 0.8147 -0.0367 -0.1190 -0.0413 11  PRO A CB  
70  C  CG  . PRO A 11  ? 0.6693 0.7510 0.7582 -0.0320 -0.1350 -0.0499 11  PRO A CG  
71  C  CD  . PRO A 11  ? 0.6818 0.7852 0.8204 -0.0351 -0.1185 -0.0573 11  PRO A CD  
72  N  N   . LEU A 12  ? 0.9151 0.9771 0.9228 -0.0466 -0.0771 -0.0430 12  LEU A N   
73  C  CA  . LEU A 12  ? 0.7404 0.8009 0.7154 -0.0604 -0.0586 -0.0397 12  LEU A CA  
74  C  C   . LEU A 12  ? 0.7057 0.7712 0.6578 -0.0711 -0.0598 -0.0248 12  LEU A C   
75  O  O   . LEU A 12  ? 0.8768 0.9356 0.8176 -0.0669 -0.0743 -0.0172 12  LEU A O   
76  C  CB  . LEU A 12  ? 0.7594 0.8003 0.7029 -0.0577 -0.0607 -0.0416 12  LEU A CB  
77  C  CG  . LEU A 12  ? 0.7177 0.7555 0.6272 -0.0730 -0.0429 -0.0431 12  LEU A CG  
78  C  CD1 . LEU A 12  ? 0.7326 0.7737 0.6603 -0.0770 -0.0205 -0.0583 12  LEU A CD1 
79  C  CD2 . LEU A 12  ? 0.7123 0.7298 0.5912 -0.0711 -0.0493 -0.0424 12  LEU A CD2 
80  N  N   . GLU A 13  ? 0.6492 0.7255 0.5945 -0.0854 -0.0436 -0.0200 13  GLU A N   
81  C  CA  . GLU A 13  ? 0.6360 0.7171 0.5640 -0.0944 -0.0463 -0.0023 13  GLU A CA  
82  C  C   . GLU A 13  ? 0.7549 0.8332 0.6401 -0.1054 -0.0449 0.0057  13  GLU A C   
83  O  O   . GLU A 13  ? 0.8037 0.8742 0.6699 -0.1072 -0.0402 -0.0048 13  GLU A O   
84  C  CB  . GLU A 13  ? 0.6209 0.7145 0.5664 -0.1043 -0.0329 0.0038  13  GLU A CB  
85  C  CG  . GLU A 13  ? 0.6736 0.7708 0.6562 -0.0980 -0.0400 0.0070  13  GLU A CG  
86  C  CD  . GLU A 13  ? 0.9606 1.0683 0.9807 -0.1016 -0.0254 -0.0016 13  GLU A CD  
87  O  OE1 . GLU A 13  ? 0.9473 1.0603 0.9600 -0.1155 -0.0078 0.0069  13  GLU A OE1 
88  O  OE2 . GLU A 13  ? 1.1359 1.2471 1.1930 -0.0915 -0.0318 -0.0162 13  GLU A OE2 
89  N  N   . CYS A 14  ? 0.8459 0.9309 0.7193 -0.1129 -0.0496 0.0242  14  CYS A N   
90  C  CA  . CYS A 14  ? 0.7304 0.8179 0.5676 -0.1247 -0.0524 0.0337  14  CYS A CA  
91  C  C   . CYS A 14  ? 0.7744 0.8652 0.5844 -0.1413 -0.0367 0.0280  14  CYS A C   
92  O  O   . CYS A 14  ? 0.8016 0.8966 0.6202 -0.1466 -0.0225 0.0259  14  CYS A O   
93  C  CB  . CYS A 14  ? 0.8064 0.9036 0.6456 -0.1287 -0.0616 0.0578  14  CYS A CB  
94  S  SG  . CYS A 14  ? 0.8668 0.9732 0.6691 -0.1434 -0.0719 0.0718  14  CYS A SG  
95  N  N   . CYS A 15  ? 0.8011 0.8889 0.5773 -0.1514 -0.0373 0.0233  15  CYS A N   
96  C  CA  . CYS A 15  ? 0.9365 1.0280 0.6766 -0.1721 -0.0241 0.0209  15  CYS A CA  
97  C  C   . CYS A 15  ? 0.9661 1.0708 0.6828 -0.1843 -0.0398 0.0455  15  CYS A C   
98  O  O   . CYS A 15  ? 0.9174 1.0249 0.6058 -0.1953 -0.0481 0.0461  15  CYS A O   
99  C  CB  . CYS A 15  ? 0.9270 1.0065 0.6432 -0.1789 -0.0147 -0.0010 15  CYS A CB  
100 S  SG  . CYS A 15  ? 0.9963 1.0762 0.6625 -0.2074 0.0071  -0.0110 15  CYS A SG  
101 N  N   . CYS A 16  ? 0.9680 1.0812 0.7014 -0.1820 -0.0447 0.0666  16  CYS A N   
102 C  CA  . CYS A 16  ? 0.8852 1.0111 0.6116 -0.1876 -0.0631 0.0945  16  CYS A CA  
103 C  C   . CYS A 16  ? 0.9775 1.1111 0.6601 -0.2105 -0.0614 0.1087  16  CYS A C   
104 O  O   . CYS A 16  ? 1.1375 1.2651 0.7999 -0.2213 -0.0410 0.0988  16  CYS A O   
105 C  CB  . CYS A 16  ? 0.8693 0.9968 0.6385 -0.1732 -0.0685 0.1120  16  CYS A CB  
106 S  SG  . CYS A 16  ? 1.0802 1.2024 0.8920 -0.1504 -0.0800 0.1075  16  CYS A SG  
107 N  N   . GLN A 17  ? 0.9733 1.1207 0.6422 -0.2185 -0.0827 0.1324  17  GLN A N   
108 C  CA  . GLN A 17  ? 1.0772 1.2327 0.7028 -0.2401 -0.0874 0.1536  17  GLN A CA  
109 C  C   . GLN A 17  ? 1.0764 1.2342 0.7251 -0.2344 -0.0917 0.1849  17  GLN A C   
110 O  O   . GLN A 17  ? 0.9507 1.1093 0.6506 -0.2148 -0.0997 0.1953  17  GLN A O   
111 C  CB  . GLN A 17  ? 1.0424 1.2094 0.6608 -0.2469 -0.1078 0.1586  17  GLN A CB  
112 C  CG  . GLN A 17  ? 1.1649 1.3256 0.7394 -0.2661 -0.0976 0.1357  17  GLN A CG  
113 C  CD  . GLN A 17  ? 1.1957 1.3471 0.7687 -0.2641 -0.0879 0.1037  17  GLN A CD  
114 O  OE1 . GLN A 17  ? 1.1643 1.3186 0.7678 -0.2503 -0.0976 0.1021  17  GLN A OE1 
115 N  NE2 . GLN A 17  ? 1.0942 1.2324 0.6318 -0.2783 -0.0672 0.0781  17  GLN A NE2 
116 N  N   . ASN A 18  ? 1.3038 1.4590 0.9156 -0.2516 -0.0838 0.1983  18  ASN A N   
117 C  CA  . ASN A 18  ? 1.3451 1.5013 0.9736 -0.2488 -0.0920 0.2334  18  ASN A CA  
118 C  C   . ASN A 18  ? 1.2406 1.4107 0.8842 -0.2447 -0.1213 0.2537  18  ASN A C   
119 O  O   . ASN A 18  ? 1.3135 1.4899 0.9285 -0.2567 -0.1299 0.2461  18  ASN A O   
120 C  CB  . ASN A 18  ? 1.3910 1.5360 0.9813 -0.2657 -0.0725 0.2380  18  ASN A CB  
121 C  CG  . ASN A 18  ? 1.3561 1.4895 0.9704 -0.2616 -0.0471 0.2374  18  ASN A CG  
122 O  OD1 . ASN A 18  ? 1.3657 1.4958 1.0215 -0.2496 -0.0515 0.2600  18  ASN A OD1 
123 N  ND2 . ASN A 18  ? 1.2983 1.4238 0.9047 -0.2664 -0.0189 0.2043  18  ASN A ND2 
124 N  N   . PRO A 19  ? 1.1578 1.3330 0.8490 -0.2291 -0.1355 0.2807  19  PRO A N   
125 C  CA  . PRO A 19  ? 1.0947 1.2598 0.8220 -0.2172 -0.1262 0.2965  19  PRO A CA  
126 C  C   . PRO A 19  ? 1.0086 1.1675 0.7814 -0.1973 -0.1155 0.2646  19  PRO A C   
127 O  O   . PRO A 19  ? 1.0737 1.2410 0.8561 -0.1907 -0.1261 0.2519  19  PRO A O   
128 C  CB  . PRO A 19  ? 1.0128 1.1848 0.7829 -0.2054 -0.1471 0.3307  19  PRO A CB  
129 C  CG  . PRO A 19  ? 1.1158 1.3073 0.8911 -0.2045 -0.1686 0.3252  19  PRO A CG  
130 C  CD  . PRO A 19  ? 1.1161 1.3086 0.8348 -0.2228 -0.1622 0.2970  19  PRO A CD  
131 N  N   . LEU A 20  ? 1.0552 1.1991 0.8553 -0.1888 -0.0950 0.2523  20  LEU A N   
132 C  CA  . LEU A 20  ? 0.8195 0.9563 0.6565 -0.1717 -0.0864 0.2220  20  LEU A CA  
133 C  C   . LEU A 20  ? 0.7126 0.8465 0.6042 -0.1535 -0.0944 0.2325  20  LEU A C   
134 O  O   . LEU A 20  ? 0.8035 0.9335 0.7185 -0.1513 -0.0960 0.2584  20  LEU A O   
135 C  CB  . LEU A 20  ? 0.8596 0.9850 0.7013 -0.1733 -0.0625 0.2016  20  LEU A CB  
136 C  CG  . LEU A 20  ? 0.8892 1.0075 0.7708 -0.1564 -0.0570 0.1740  20  LEU A CG  
137 C  CD1 . LEU A 20  ? 0.8005 0.9216 0.6679 -0.1513 -0.0648 0.1523  20  LEU A CD1 
138 C  CD2 . LEU A 20  ? 1.0380 1.1504 0.9280 -0.1604 -0.0356 0.1566  20  LEU A CD2 
139 N  N   . THR A 21  ? 0.6907 0.8234 0.6029 -0.1405 -0.0971 0.2117  21  THR A N   
140 C  CA  . THR A 21  ? 0.7537 0.8851 0.7116 -0.1257 -0.1045 0.2216  21  THR A CA  
141 C  C   . THR A 21  ? 0.6884 0.8034 0.6807 -0.1121 -0.0927 0.1990  21  THR A C   
142 O  O   . THR A 21  ? 0.6246 0.7322 0.6076 -0.1125 -0.0829 0.1749  21  THR A O   
143 C  CB  . THR A 21  ? 0.9195 1.0637 0.8733 -0.1239 -0.1184 0.2207  21  THR A CB  
144 O  OG1 . THR A 21  ? 1.1035 1.2437 1.1041 -0.1085 -0.1187 0.2208  21  THR A OG1 
145 C  CG2 . THR A 21  ? 0.8974 1.0387 0.8192 -0.1273 -0.1134 0.1902  21  THR A CG2 
146 N  N   . GLY A 22  ? 0.7267 0.8366 0.7605 -0.1004 -0.0942 0.2069  22  GLY A N   
147 C  CA  . GLY A 22  ? 0.5412 0.6338 0.6054 -0.0899 -0.0837 0.1864  22  GLY A CA  
148 C  C   . GLY A 22  ? 0.7066 0.7876 0.7951 -0.0916 -0.0732 0.1937  22  GLY A C   
149 O  O   . GLY A 22  ? 0.6897 0.7735 0.7594 -0.1023 -0.0692 0.2015  22  GLY A O   
150 N  N   . PHE A 23  ? 0.5931 0.6592 0.7234 -0.0824 -0.0662 0.1897  23  PHE A N   
151 C  CA  . PHE A 23  ? 0.5209 0.5719 0.6805 -0.0841 -0.0541 0.1906  23  PHE A CA  
152 C  C   . PHE A 23  ? 0.7104 0.7603 0.8550 -0.0921 -0.0470 0.1678  23  PHE A C   
153 O  O   . PHE A 23  ? 0.7805 0.8234 0.9427 -0.0985 -0.0368 0.1737  23  PHE A O   
154 C  CB  . PHE A 23  ? 0.6455 0.6781 0.8471 -0.0738 -0.0463 0.1784  23  PHE A CB  
155 C  CG  . PHE A 23  ? 0.9208 0.9345 1.1581 -0.0762 -0.0328 0.1759  23  PHE A CG  
156 C  CD1 . PHE A 23  ? 0.9002 0.9050 1.1706 -0.0756 -0.0273 0.2066  23  PHE A CD1 
157 C  CD2 . PHE A 23  ? 0.9692 0.9733 1.2097 -0.0794 -0.0265 0.1435  23  PHE A CD2 
158 C  CE1 . PHE A 23  ? 0.9487 0.9331 1.2537 -0.0790 -0.0129 0.2037  23  PHE A CE1 
159 C  CE2 . PHE A 23  ? 0.9730 0.9601 1.2494 -0.0838 -0.0139 0.1390  23  PHE A CE2 
160 C  CZ  . PHE A 23  ? 0.9631 0.9392 1.2716 -0.0839 -0.0055 0.1685  23  PHE A CZ  
161 N  N   . TYR A 24  ? 0.6238 0.6803 0.7410 -0.0916 -0.0520 0.1430  24  TYR A N   
162 C  CA  . TYR A 24  ? 0.6164 0.6743 0.7295 -0.0965 -0.0470 0.1203  24  TYR A CA  
163 C  C   . TYR A 24  ? 0.6569 0.7292 0.7333 -0.1037 -0.0480 0.1216  24  TYR A C   
164 O  O   . TYR A 24  ? 0.7015 0.7783 0.7726 -0.1058 -0.0452 0.1015  24  TYR A O   
165 C  CB  . TYR A 24  ? 0.4459 0.4973 0.5618 -0.0891 -0.0525 0.0900  24  TYR A CB  
166 C  CG  . TYR A 24  ? 0.6390 0.6735 0.7854 -0.0840 -0.0494 0.0834  24  TYR A CG  
167 C  CD1 . TYR A 24  ? 0.4579 0.4832 0.6368 -0.0883 -0.0421 0.0724  24  TYR A CD1 
168 C  CD2 . TYR A 24  ? 0.6086 0.6354 0.7538 -0.0764 -0.0514 0.0863  24  TYR A CD2 
169 C  CE1 . TYR A 24  ? 0.6430 0.6493 0.8487 -0.0854 -0.0370 0.0629  24  TYR A CE1 
170 C  CE2 . TYR A 24  ? 0.7061 0.7145 0.8798 -0.0725 -0.0442 0.0773  24  TYR A CE2 
171 C  CZ  . TYR A 24  ? 0.7779 0.7749 0.9798 -0.0774 -0.0370 0.0650  24  TYR A CZ  
172 O  OH  . TYR A 24  ? 0.8005 0.7763 1.0291 -0.0755 -0.0277 0.0529  24  TYR A OH  
173 N  N   . ARG A 25  ? 0.6386 0.7181 0.6915 -0.1077 -0.0528 0.1451  25  ARG A N   
174 C  CA  . ARG A 25  ? 0.5857 0.6768 0.5982 -0.1188 -0.0518 0.1500  25  ARG A CA  
175 C  C   . ARG A 25  ? 0.8011 0.8957 0.7932 -0.1164 -0.0536 0.1229  25  ARG A C   
176 O  O   . ARG A 25  ? 0.7340 0.8336 0.7063 -0.1246 -0.0451 0.1143  25  ARG A O   
177 C  CB  . ARG A 25  ? 0.6914 0.7820 0.7039 -0.1314 -0.0368 0.1598  25  ARG A CB  
178 C  CG  . ARG A 25  ? 0.5919 0.6719 0.6387 -0.1306 -0.0329 0.1824  25  ARG A CG  
179 C  CD  . ARG A 25  ? 0.8186 0.8975 0.8489 -0.1452 -0.0226 0.2071  25  ARG A CD  
180 N  NE  . ARG A 25  ? 1.1939 1.2813 1.1810 -0.1529 -0.0339 0.2322  25  ARG A NE  
181 C  CZ  . ARG A 25  ? 1.3942 1.4806 1.3506 -0.1684 -0.0279 0.2569  25  ARG A CZ  
182 N  NH1 . ARG A 25  ? 1.3697 1.4457 1.3374 -0.1771 -0.0073 0.2590  25  ARG A NH1 
183 N  NH2 . ARG A 25  ? 1.4971 1.5927 1.4103 -0.1770 -0.0424 0.2792  25  ARG A NH2 
184 N  N   . ASP A 26  ? 0.7225 0.8124 0.7192 -0.1053 -0.0630 0.1102  26  ASP A N   
185 C  CA  . ASP A 26  ? 0.6200 0.7097 0.5951 -0.1021 -0.0664 0.0893  26  ASP A CA  
186 C  C   . ASP A 26  ? 0.7822 0.8760 0.7285 -0.1035 -0.0751 0.0963  26  ASP A C   
187 O  O   . ASP A 26  ? 0.6551 0.7465 0.5805 -0.1021 -0.0773 0.0815  26  ASP A O   
188 C  CB  . ASP A 26  ? 0.4929 0.5722 0.4870 -0.0908 -0.0709 0.0688  26  ASP A CB  
189 C  CG  . ASP A 26  ? 0.6956 0.7657 0.7019 -0.0837 -0.0760 0.0730  26  ASP A CG  
190 O  OD1 . ASP A 26  ? 0.6665 0.7400 0.6763 -0.0852 -0.0763 0.0931  26  ASP A OD1 
191 O  OD2 . ASP A 26  ? 0.8456 0.9046 0.8586 -0.0767 -0.0797 0.0558  26  ASP A OD2 
192 N  N   . GLY A 27  ? 0.6629 0.7631 0.6118 -0.1065 -0.0803 0.1194  27  GLY A N   
193 C  CA  . GLY A 27  ? 0.6151 0.7236 0.5425 -0.1100 -0.0897 0.1264  27  GLY A CA  
194 C  C   . GLY A 27  ? 0.6476 0.7525 0.5963 -0.0995 -0.0951 0.1269  27  GLY A C   
195 O  O   . GLY A 27  ? 0.6217 0.7334 0.5599 -0.1015 -0.1016 0.1294  27  GLY A O   
196 N  N   . PHE A 28  ? 0.5335 0.6270 0.5131 -0.0898 -0.0904 0.1229  28  PHE A N   
197 C  CA  . PHE A 28  ? 0.6488 0.7338 0.6438 -0.0806 -0.0900 0.1158  28  PHE A CA  
198 C  C   . PHE A 28  ? 0.6771 0.7580 0.7147 -0.0742 -0.0856 0.1281  28  PHE A C   
199 O  O   . PHE A 28  ? 0.7016 0.7749 0.7584 -0.0733 -0.0801 0.1290  28  PHE A O   
200 C  CB  . PHE A 28  ? 0.6339 0.7014 0.6162 -0.0749 -0.0868 0.0885  28  PHE A CB  
201 C  CG  . PHE A 28  ? 0.6767 0.7436 0.6239 -0.0775 -0.0904 0.0771  28  PHE A CG  
202 C  CD1 . PHE A 28  ? 0.6137 0.6746 0.5474 -0.0756 -0.0911 0.0719  28  PHE A CD1 
203 C  CD2 . PHE A 28  ? 0.8413 0.9128 0.7711 -0.0829 -0.0906 0.0720  28  PHE A CD2 
204 C  CE1 . PHE A 28  ? 0.6193 0.6763 0.5214 -0.0786 -0.0932 0.0624  28  PHE A CE1 
205 C  CE2 . PHE A 28  ? 0.6387 0.7067 0.5395 -0.0850 -0.0918 0.0610  28  PHE A CE2 
206 C  CZ  . PHE A 28  ? 0.6683 0.7280 0.5551 -0.0828 -0.0940 0.0569  28  PHE A CZ  
207 N  N   . CYS A 29  ? 0.7063 0.7911 0.7636 -0.0697 -0.0861 0.1363  29  CYS A N   
208 C  CA  . CYS A 29  ? 0.6718 0.7505 0.7762 -0.0619 -0.0790 0.1463  29  CYS A CA  
209 C  C   . CYS A 29  ? 0.7539 0.8090 0.8647 -0.0560 -0.0665 0.1206  29  CYS A C   
210 O  O   . CYS A 29  ? 0.8925 0.9390 1.0281 -0.0497 -0.0568 0.1158  29  CYS A O   
211 C  CB  . CYS A 29  ? 0.6302 0.7234 0.7630 -0.0584 -0.0823 0.1633  29  CYS A CB  
212 S  SG  . CYS A 29  ? 0.7173 0.8404 0.8397 -0.0680 -0.1025 0.1950  29  CYS A SG  
213 N  N   . ARG A 30  ? 0.7483 0.7932 0.8376 -0.0587 -0.0664 0.1030  30  ARG A N   
214 C  CA  . ARG A 30  ? 0.7810 0.8040 0.8724 -0.0555 -0.0582 0.0783  30  ARG A CA  
215 C  C   . ARG A 30  ? 0.8538 0.8677 0.9839 -0.0548 -0.0502 0.0822  30  ARG A C   
216 O  O   . ARG A 30  ? 0.9384 0.9616 1.0843 -0.0579 -0.0522 0.1019  30  ARG A O   
217 C  CB  . ARG A 30  ? 0.7510 0.7685 0.8054 -0.0583 -0.0654 0.0571  30  ARG A CB  
218 C  CG  . ARG A 30  ? 0.7156 0.7435 0.7699 -0.0633 -0.0706 0.0610  30  ARG A CG  
219 C  CD  . ARG A 30  ? 0.8347 0.8545 0.8740 -0.0635 -0.0760 0.0376  30  ARG A CD  
220 N  NE  . ARG A 30  ? 0.9244 0.9571 0.9633 -0.0678 -0.0797 0.0386  30  ARG A NE  
221 C  CZ  . ARG A 30  ? 0.8481 0.8823 0.9125 -0.0715 -0.0770 0.0339  30  ARG A CZ  
222 N  NH1 . ARG A 30  ? 0.8155 0.8375 0.9063 -0.0718 -0.0719 0.0276  30  ARG A NH1 
223 N  NH2 . ARG A 30  ? 0.7755 0.8226 0.8412 -0.0757 -0.0771 0.0336  30  ARG A NH2 
224 N  N   . THR A 31  ? 0.9057 0.8989 1.0488 -0.0524 -0.0395 0.0630  31  THR A N   
225 C  CA  . THR A 31  ? 0.8970 0.8774 1.0805 -0.0525 -0.0292 0.0638  31  THR A CA  
226 C  C   . THR A 31  ? 0.7795 0.7470 0.9485 -0.0586 -0.0309 0.0362  31  THR A C   
227 O  O   . THR A 31  ? 0.7725 0.7450 0.9037 -0.0612 -0.0427 0.0226  31  THR A O   
228 C  CB  . THR A 31  ? 0.9567 0.9233 1.1764 -0.0457 -0.0130 0.0643  31  THR A CB  
229 O  OG1 . THR A 31  ? 0.8276 0.7812 1.0950 -0.0448 -0.0018 0.0715  31  THR A OG1 
230 C  CG2 . THR A 31  ? 1.0214 0.9684 1.2159 -0.0466 -0.0041 0.0327  31  THR A CG2 
231 N  N   . GLY A 32  ? 0.7344 0.6863 0.9369 -0.0613 -0.0206 0.0288  32  GLY A N   
232 C  CA  . GLY A 32  ? 0.6956 0.6395 0.8912 -0.0691 -0.0248 0.0037  32  GLY A CA  
233 C  C   . GLY A 32  ? 0.9335 0.8613 1.1747 -0.0736 -0.0112 0.0010  32  GLY A C   
234 O  O   . GLY A 32  ? 0.9370 0.8508 1.2114 -0.0690 0.0043  0.0100  32  GLY A O   
235 N  N   . ALA A 33  ? 0.9596 0.8899 1.2076 -0.0825 -0.0166 -0.0113 33  ALA A N   
236 C  CA  . ALA A 33  ? 0.8655 0.7772 1.1534 -0.0902 -0.0042 -0.0232 33  ALA A CA  
237 C  C   . ALA A 33  ? 0.8916 0.8017 1.2232 -0.0895 0.0087  0.0069  33  ALA A C   
238 O  O   . ALA A 33  ? 1.0730 0.9611 1.4415 -0.0878 0.0254  0.0103  33  ALA A O   
239 C  CB  . ALA A 33  ? 0.9985 0.9164 1.2821 -0.1014 -0.0161 -0.0480 33  ALA A CB  
240 N  N   . GLY A 34  ? 0.9076 0.8384 1.2346 -0.0915 0.0022  0.0286  34  GLY A N   
241 C  CA  . GLY A 34  ? 1.0725 1.0005 1.4327 -0.0933 0.0132  0.0592  34  GLY A CA  
242 C  C   . GLY A 34  ? 1.3403 1.2595 1.7189 -0.0824 0.0201  0.0880  34  GLY A C   
243 O  O   . GLY A 34  ? 1.4880 1.3867 1.9100 -0.0813 0.0346  0.1006  34  GLY A O   
244 N  N   . ASP A 35  ? 1.3440 1.2789 1.6934 -0.0741 0.0095  0.0982  35  ASP A N   
245 C  CA  . ASP A 35  ? 1.2477 1.1819 1.6168 -0.0633 0.0116  0.1256  35  ASP A CA  
246 C  C   . ASP A 35  ? 1.2956 1.2039 1.7030 -0.0568 0.0281  0.1101  35  ASP A C   
247 O  O   . ASP A 35  ? 1.3922 1.2894 1.7851 -0.0593 0.0323  0.0743  35  ASP A O   
248 C  CB  . ASP A 35  ? 1.0776 1.0348 1.4067 -0.0583 -0.0032 0.1299  35  ASP A CB  
249 C  CG  . ASP A 35  ? 1.0248 0.9888 1.3770 -0.0481 -0.0049 0.1595  35  ASP A CG  
250 O  OD1 . ASP A 35  ? 1.1583 1.1113 1.5564 -0.0436 0.0027  0.1835  35  ASP A OD1 
251 O  OD2 . ASP A 35  ? 0.9983 0.9792 1.3258 -0.0447 -0.0146 0.1599  35  ASP A OD2 
252 N  N   . VAL A 36  ? 1.2574 1.1545 1.7135 -0.0490 0.0380  0.1370  36  VAL A N   
253 C  CA  . VAL A 36  ? 1.2087 1.0829 1.7059 -0.0404 0.0561  0.1243  36  VAL A CA  
254 C  C   . VAL A 36  ? 1.2520 1.1405 1.7743 -0.0262 0.0519  0.1560  36  VAL A C   
255 O  O   . VAL A 36  ? 1.3209 1.1975 1.8791 -0.0167 0.0666  0.1482  36  VAL A O   
256 C  CB  . VAL A 36  ? 1.2275 1.0686 1.7769 -0.0431 0.0768  0.1201  36  VAL A CB  
257 C  CG1 . VAL A 36  ? 1.2934 1.1070 1.8644 -0.0408 0.0985  0.0840  36  VAL A CG1 
258 C  CG2 . VAL A 36  ? 1.2009 1.0383 1.7331 -0.0589 0.0748  0.1055  36  VAL A CG2 
259 N  N   . GLY A 37  ? 1.2076 1.1227 1.7104 -0.0261 0.0317  0.1904  37  GLY A N   
260 C  CA  . GLY A 37  ? 1.1849 1.1201 1.7092 -0.0149 0.0212  0.2228  37  GLY A CA  
261 C  C   . GLY A 37  ? 1.1254 1.0785 1.6256 -0.0115 0.0164  0.2053  37  GLY A C   
262 O  O   . GLY A 37  ? 1.2158 1.1827 1.7491 -0.0013 0.0133  0.2240  37  GLY A O   
263 N  N   . ALA A 38  ? 1.0780 1.0306 1.5244 -0.0202 0.0158  0.1708  38  ALA A N   
264 C  CA  . ALA A 38  ? 1.0391 1.0071 1.4505 -0.0197 0.0101  0.1554  38  ALA A CA  
265 C  C   . ALA A 38  ? 0.8818 0.8833 1.2808 -0.0189 -0.0115 0.1864  38  ALA A C   
266 O  O   . ALA A 38  ? 0.8309 0.8458 1.2596 -0.0111 -0.0127 0.1994  38  ALA A O   
267 C  CB  . ALA A 38  ? 1.0963 1.0490 1.5397 -0.0119 0.0314  0.1351  38  ALA A CB  
268 N  N   . HIS A 39  ? 0.9426 0.9575 1.2989 -0.0282 -0.0276 0.1967  39  HIS A N   
269 C  CA  . HIS A 39  ? 0.7393 0.7835 1.0698 -0.0319 -0.0482 0.2199  39  HIS A CA  
270 C  C   . HIS A 39  ? 0.7316 0.7842 1.0190 -0.0354 -0.0511 0.1942  39  HIS A C   
271 O  O   . HIS A 39  ? 0.7253 0.7824 0.9615 -0.0442 -0.0585 0.1823  39  HIS A O   
272 C  CB  . HIS A 39  ? 0.6993 0.7494 0.9961 -0.0429 -0.0587 0.2358  39  HIS A CB  
273 C  CG  . HIS A 39  ? 0.9854 1.0230 1.3182 -0.0417 -0.0541 0.2617  39  HIS A CG  
274 N  ND1 . HIS A 39  ? 1.0207 1.0315 1.3788 -0.0408 -0.0362 0.2463  39  HIS A ND1 
275 C  CD2 . HIS A 39  ? 1.1065 1.1532 1.4543 -0.0419 -0.0657 0.3033  39  HIS A CD2 
276 C  CE1 . HIS A 39  ? 1.0588 1.0606 1.4476 -0.0402 -0.0345 0.2772  39  HIS A CE1 
277 N  NE2 . HIS A 39  ? 1.1088 1.1317 1.4905 -0.0404 -0.0528 0.3136  39  HIS A NE2 
278 N  N   . VAL A 40  ? 0.7970 0.8497 1.1083 -0.0282 -0.0429 0.1857  40  VAL A N   
279 C  CA  . VAL A 40  ? 0.8243 0.8794 1.0982 -0.0312 -0.0415 0.1617  40  VAL A CA  
280 C  C   . VAL A 40  ? 0.8567 0.9390 1.1373 -0.0315 -0.0525 0.1774  40  VAL A C   
281 O  O   . VAL A 40  ? 0.7506 0.8334 1.0051 -0.0345 -0.0489 0.1590  40  VAL A O   
282 C  CB  . VAL A 40  ? 0.8078 0.8374 1.0923 -0.0266 -0.0189 0.1318  40  VAL A CB  
283 C  CG1 . VAL A 40  ? 0.6715 0.6758 0.9309 -0.0308 -0.0123 0.1074  40  VAL A CG1 
284 C  CG2 . VAL A 40  ? 0.6931 0.7193 1.0475 -0.0162 -0.0039 0.1425  40  VAL A CG2 
285 N  N   . VAL A 41  ? 0.8565 0.9611 1.1704 -0.0297 -0.0670 0.2115  41  VAL A N   
286 C  CA  . VAL A 41  ? 0.8089 0.9439 1.1365 -0.0314 -0.0813 0.2282  41  VAL A CA  
287 C  C   . VAL A 41  ? 0.7190 0.8763 1.0015 -0.0442 -0.1063 0.2454  41  VAL A C   
288 O  O   . VAL A 41  ? 0.6671 0.8327 0.9539 -0.0466 -0.1205 0.2738  41  VAL A O   
289 C  CB  . VAL A 41  ? 0.7326 0.8817 1.1394 -0.0198 -0.0835 0.2570  41  VAL A CB  
290 C  CG1 . VAL A 41  ? 0.6390 0.8261 1.0604 -0.0239 -0.1062 0.2794  41  VAL A CG1 
291 C  CG2 . VAL A 41  ? 0.6016 0.7320 1.0587 -0.0079 -0.0551 0.2373  41  VAL A CG2 
292 N  N   . CYS A 42  ? 0.6812 0.8463 0.9191 -0.0539 -0.1109 0.2291  42  CYS A N   
293 C  CA  . CYS A 42  ? 0.7923 0.9778 0.9880 -0.0680 -0.1326 0.2429  42  CYS A CA  
294 C  C   . CYS A 42  ? 0.8727 1.0925 1.0999 -0.0714 -0.1539 0.2706  42  CYS A C   
295 O  O   . CYS A 42  ? 0.7659 1.0011 1.0034 -0.0743 -0.1558 0.2625  42  CYS A O   
296 C  CB  . CYS A 42  ? 0.7085 0.8880 0.8451 -0.0783 -0.1301 0.2161  42  CYS A CB  
297 S  SG  . CYS A 42  ? 0.6624 0.8637 0.7487 -0.0975 -0.1524 0.2296  42  CYS A SG  
298 N  N   . ALA A 43  ? 0.8429 1.0751 1.0859 -0.0718 -0.1710 0.3043  43  ALA A N   
299 C  CA  . ALA A 43  ? 0.7889 1.0556 1.0675 -0.0740 -0.1962 0.3350  43  ALA A CA  
300 C  C   . ALA A 43  ? 0.7559 1.0399 0.9771 -0.0934 -0.2218 0.3518  43  ALA A C   
301 O  O   . ALA A 43  ? 0.6866 0.9533 0.8504 -0.1024 -0.2167 0.3447  43  ALA A O   
302 C  CB  . ALA A 43  ? 0.6429 0.9115 0.9930 -0.0583 -0.1989 0.3657  43  ALA A CB  
303 N  N   . GLN A 44  ? 0.8610 1.1797 1.0978 -0.1012 -0.2486 0.3719  44  GLN A N   
304 C  CA  . GLN A 44  ? 0.8815 1.2102 1.0621 -0.1212 -0.2681 0.3834  44  GLN A CA  
305 C  C   . GLN A 44  ? 0.9098 1.2441 1.1234 -0.1166 -0.2816 0.4182  44  GLN A C   
306 O  O   . GLN A 44  ? 1.0513 1.4010 1.3383 -0.1031 -0.2888 0.4365  44  GLN A O   
307 C  CB  . GLN A 44  ? 0.8387 1.1883 0.9985 -0.1372 -0.2789 0.3677  44  GLN A CB  
308 C  CG  . GLN A 44  ? 1.0395 1.3883 1.1328 -0.1588 -0.2891 0.3675  44  GLN A CG  
309 C  CD  . GLN A 44  ? 1.1543 1.5158 1.2170 -0.1763 -0.2948 0.3454  44  GLN A CD  
310 O  OE1 . GLN A 44  ? 1.1637 1.5463 1.2710 -0.1734 -0.3017 0.3434  44  GLN A OE1 
311 N  NE2 . GLN A 44  ? 1.2301 1.5784 1.2205 -0.1946 -0.2898 0.3277  44  GLN A NE2 
312 N  N   . MSE A 45  ? 0.9387 1.2600 1.1009 -0.1276 -0.2837 0.4276  45  MSE A N   
313 C  CA  . MSE A 45  ? 0.9485 1.2700 1.1389 -0.1224 -0.2947 0.4621  45  MSE A CA  
314 C  C   . MSE A 45  ? 1.1358 1.4850 1.3422 -0.1298 -0.3213 0.4807  45  MSE A C   
315 O  O   . MSE A 45  ? 1.1729 1.5330 1.3260 -0.1495 -0.3328 0.4700  45  MSE A O   
316 C  CB  . MSE A 45  ? 0.9021 1.2007 1.0335 -0.1323 -0.2873 0.4675  45  MSE A CB  
317 C  CG  . MSE A 45  ? 0.7794 1.0495 0.9063 -0.1233 -0.2619 0.4549  45  MSE A CG  
318 SE SE  . MSE A 45  ? 0.9806 1.2367 1.2083 -0.0934 -0.2510 0.4768  45  MSE A SE  
319 C  CE  . MSE A 45  ? 0.5923 0.8593 0.8727 -0.0780 -0.2431 0.4513  45  MSE A CE  
320 N  N   . THR A 46  ? 1.2683 1.6282 1.5524 -0.1134 -0.3300 0.5071  46  THR A N   
321 C  CA  . THR A 46  ? 1.2242 1.6090 1.5320 -0.1178 -0.3578 0.5324  46  THR A CA  
322 C  C   . THR A 46  ? 1.1941 1.5684 1.5175 -0.1116 -0.3656 0.5681  46  THR A C   
323 O  O   . THR A 46  ? 1.1002 1.4550 1.4663 -0.0942 -0.3489 0.5771  46  THR A O   
324 C  CB  . THR A 46  ? 0.9712 1.3816 1.3646 -0.1044 -0.3637 0.5342  46  THR A CB  
325 O  OG1 . THR A 46  ? 1.0035 1.4029 1.4773 -0.0795 -0.3467 0.5440  46  THR A OG1 
326 C  CG2 . THR A 46  ? 1.0488 1.4691 1.4264 -0.1113 -0.3553 0.4996  46  THR A CG2 
327 N  N   . ALA A 47  ? 1.2458 1.6318 1.5339 -0.1264 -0.3909 0.5882  47  ALA A N   
328 C  CA  . ALA A 47  ? 1.1878 1.5627 1.4755 -0.1242 -0.4006 0.6231  47  ALA A CA  
329 C  C   . ALA A 47  ? 1.1283 1.5039 1.5145 -0.0994 -0.4003 0.6495  47  ALA A C   
330 O  O   . ALA A 47  ? 1.1863 1.5411 1.5851 -0.0909 -0.3938 0.6710  47  ALA A O   
331 C  CB  . ALA A 47  ? 0.9975 1.3889 1.2375 -0.1435 -0.4315 0.6408  47  ALA A CB  
332 N  N   . GLU A 48  ? 1.0203 1.4186 1.4784 -0.0883 -0.4051 0.6469  48  GLU A N   
333 C  CA  . GLU A 48  ? 1.1152 1.5139 1.6759 -0.0640 -0.4000 0.6672  48  GLU A CA  
334 C  C   . GLU A 48  ? 1.1639 1.5309 1.7545 -0.0470 -0.3649 0.6549  48  GLU A C   
335 O  O   . GLU A 48  ? 0.8725 1.2212 1.5067 -0.0331 -0.3570 0.6766  48  GLU A O   
336 C  CB  . GLU A 48  ? 1.0533 1.4826 1.6848 -0.0563 -0.4076 0.6610  48  GLU A CB  
337 C  CG  . GLU A 48  ? 1.1918 1.6292 1.7983 -0.0636 -0.3956 0.6223  48  GLU A CG  
338 C  CD  . GLU A 48  ? 1.2843 1.7224 1.9768 -0.0428 -0.3709 0.6059  48  GLU A CD  
339 O  OE1 . GLU A 48  ? 1.2048 1.6551 1.9867 -0.0271 -0.3737 0.6234  48  GLU A OE1 
340 O  OE2 . GLU A 48  ? 1.2026 1.6282 1.8730 -0.0423 -0.3476 0.5749  48  GLU A OE2 
341 N  N   . PHE A 49  ? 1.0969 1.4567 1.6634 -0.0486 -0.3443 0.6198  49  PHE A N   
342 C  CA  . PHE A 49  ? 1.0433 1.3729 1.6306 -0.0345 -0.3120 0.6038  49  PHE A CA  
343 C  C   . PHE A 49  ? 1.0516 1.3516 1.5868 -0.0399 -0.3041 0.6128  49  PHE A C   
344 O  O   . PHE A 49  ? 1.1019 1.3753 1.6765 -0.0254 -0.2834 0.6172  49  PHE A O   
345 C  CB  . PHE A 49  ? 1.0180 1.3470 1.5789 -0.0372 -0.2959 0.5660  49  PHE A CB  
346 C  CG  . PHE A 49  ? 1.0891 1.3849 1.6532 -0.0264 -0.2662 0.5494  49  PHE A CG  
347 C  CD1 . PHE A 49  ? 1.1924 1.4747 1.8406 -0.0039 -0.2432 0.5445  49  PHE A CD1 
348 C  CD2 . PHE A 49  ? 0.9775 1.2532 1.4630 -0.0389 -0.2592 0.5375  49  PHE A CD2 
349 C  CE1 . PHE A 49  ? 0.6209 0.8690 1.2720 0.0055  -0.2156 0.5277  49  PHE A CE1 
350 C  CE2 . PHE A 49  ? 0.9785 1.2226 1.4695 -0.0294 -0.2336 0.5237  49  PHE A CE2 
351 C  CZ  . PHE A 49  ? 1.0355 1.2648 1.6080 -0.0073 -0.2126 0.5188  49  PHE A CZ  
352 N  N   . LEU A 50  ? 0.9561 1.2589 1.4031 -0.0616 -0.3178 0.6125  50  LEU A N   
353 C  CA  . LEU A 50  ? 0.9238 1.2001 1.3176 -0.0691 -0.3105 0.6220  50  LEU A CA  
354 C  C   . LEU A 50  ? 1.0790 1.3460 1.5265 -0.0566 -0.3154 0.6586  50  LEU A C   
355 O  O   . LEU A 50  ? 1.2405 1.4779 1.7045 -0.0476 -0.2956 0.6645  50  LEU A O   
356 C  CB  . LEU A 50  ? 0.9843 1.2698 1.2844 -0.0947 -0.3274 0.6198  50  LEU A CB  
357 C  CG  . LEU A 50  ? 0.9953 1.2843 1.2428 -0.1066 -0.3173 0.5807  50  LEU A CG  
358 C  CD1 . LEU A 50  ? 1.0043 1.3032 1.1670 -0.1320 -0.3319 0.5736  50  LEU A CD1 
359 C  CD2 . LEU A 50  ? 0.8285 1.0872 1.0602 -0.1021 -0.2878 0.5622  50  LEU A CD2 
360 N  N   . THR A 51  ? 1.0341 1.3264 1.5130 -0.0559 -0.3419 0.6824  51  THR A N   
361 C  CA  . THR A 51  ? 1.0201 1.3088 1.5509 -0.0448 -0.3526 0.7205  51  THR A CA  
362 C  C   . THR A 51  ? 1.0251 1.3010 1.6576 -0.0194 -0.3298 0.7201  51  THR A C   
363 O  O   . THR A 51  ? 0.9608 1.2099 1.6212 -0.0091 -0.3160 0.7359  51  THR A O   
364 C  CB  . THR A 51  ? 1.0897 1.4118 1.6216 -0.0530 -0.3900 0.7438  51  THR A CB  
365 O  OG1 . THR A 51  ? 1.0833 1.4049 1.5159 -0.0766 -0.4065 0.7488  51  THR A OG1 
366 C  CG2 . THR A 51  ? 1.0654 1.3907 1.6758 -0.0369 -0.4036 0.7835  51  THR A CG2 
367 N  N   . PHE A 52  ? 0.9231 1.2157 1.6093 -0.0100 -0.3229 0.6998  52  PHE A N   
368 C  CA  . PHE A 52  ? 0.9182 1.1972 1.7005 0.0134  -0.2963 0.6927  52  PHE A CA  
369 C  C   . PHE A 52  ? 1.0570 1.2946 1.8383 0.0211  -0.2615 0.6763  52  PHE A C   
370 O  O   . PHE A 52  ? 1.1450 1.3606 1.9833 0.0349  -0.2467 0.6899  52  PHE A O   
371 C  CB  . PHE A 52  ? 0.8183 1.1189 1.6433 0.0193  -0.2906 0.6676  52  PHE A CB  
372 C  CG  . PHE A 52  ? 1.0869 1.3683 1.9963 0.0406  -0.2559 0.6500  52  PHE A CG  
373 C  CD1 . PHE A 52  ? 0.9674 1.2466 1.9705 0.0576  -0.2496 0.6687  52  PHE A CD1 
374 C  CD2 . PHE A 52  ? 0.9095 1.1731 1.8045 0.0434  -0.2283 0.6134  52  PHE A CD2 
375 C  CE1 . PHE A 52  ? 0.9314 1.1894 2.0112 0.0757  -0.2128 0.6478  52  PHE A CE1 
376 C  CE2 . PHE A 52  ? 0.8182 1.0601 1.7871 0.0620  -0.1934 0.5935  52  PHE A CE2 
377 C  CZ  . PHE A 52  ? 0.9929 1.2314 2.0532 0.0774  -0.1840 0.6090  52  PHE A CZ  
378 N  N   . THR A 53  ? 0.8890 1.1149 1.6077 0.0118  -0.2485 0.6471  53  THR A N   
379 C  CA  . THR A 53  ? 0.9219 1.1085 1.6402 0.0180  -0.2166 0.6296  53  THR A CA  
380 C  C   . THR A 53  ? 1.0422 1.2029 1.7304 0.0126  -0.2143 0.6512  53  THR A C   
381 O  O   . THR A 53  ? 0.9435 1.0707 1.6634 0.0219  -0.1880 0.6453  53  THR A O   
382 C  CB  . THR A 53  ? 0.9368 1.1153 1.5947 0.0090  -0.2042 0.5943  53  THR A CB  
383 O  OG1 . THR A 53  ? 0.9199 1.1274 1.5079 -0.0092 -0.2286 0.5915  53  THR A OG1 
384 C  CG2 . THR A 53  ? 0.8824 1.0542 1.5967 0.0244  -0.1811 0.5650  53  THR A CG2 
385 N  N   . ARG A 54  ? 1.1105 1.2841 1.7349 -0.0035 -0.2396 0.6733  54  ARG A N   
386 C  CA  . ARG A 54  ? 1.1372 1.2867 1.7320 -0.0090 -0.2383 0.6973  54  ARG A CA  
387 C  C   . ARG A 54  ? 1.1651 1.2995 1.8466 0.0099  -0.2308 0.7216  54  ARG A C   
388 O  O   . ARG A 54  ? 0.9689 1.0685 1.6635 0.0146  -0.2085 0.7241  54  ARG A O   
389 C  CB  . ARG A 54  ? 1.1570 1.3252 1.6772 -0.0282 -0.2689 0.7195  54  ARG A CB  
390 C  CG  . ARG A 54  ? 1.3926 1.5360 1.8860 -0.0328 -0.2697 0.7500  54  ARG A CG  
391 C  CD  . ARG A 54  ? 1.5689 1.7309 1.9992 -0.0494 -0.3018 0.7747  54  ARG A CD  
392 N  NE  . ARG A 54  ? 1.6494 1.8148 1.9825 -0.0721 -0.3020 0.7524  54  ARG A NE  
393 C  CZ  . ARG A 54  ? 1.7146 1.8934 1.9762 -0.0911 -0.3254 0.7640  54  ARG A CZ  
394 N  NH1 . ARG A 54  ? 1.8128 2.0038 2.0881 -0.0900 -0.3536 0.8000  54  ARG A NH1 
395 N  NH2 . ARG A 54  ? 1.6360 1.8152 1.8137 -0.1113 -0.3201 0.7392  54  ARG A NH2 
396 N  N   . SER A 55  ? 1.1031 1.2637 1.8462 0.0200  -0.2479 0.7373  55  SER A N   
397 C  CA  . SER A 55  ? 1.2364 1.3886 2.0710 0.0387  -0.2427 0.7603  55  SER A CA  
398 C  C   . SER A 55  ? 1.2889 1.4116 2.1922 0.0552  -0.2030 0.7344  55  SER A C   
399 O  O   . SER A 55  ? 1.3121 1.4135 2.2786 0.0682  -0.1888 0.7488  55  SER A O   
400 C  CB  . SER A 55  ? 1.2106 1.4003 2.1016 0.0454  -0.2664 0.7747  55  SER A CB  
401 O  OG  . SER A 55  ? 1.1722 1.3601 2.1542 0.0636  -0.2422 0.7547  55  SER A OG  
402 N  N   . ARG A 56  ? 1.1280 1.2483 2.0188 0.0541  -0.1848 0.6952  56  ARG A N   
403 C  CA  . ARG A 56  ? 1.1346 1.2273 2.0875 0.0684  -0.1469 0.6652  56  ARG A CA  
404 C  C   . ARG A 56  ? 1.1507 1.2023 2.0680 0.0630  -0.1221 0.6499  56  ARG A C   
405 O  O   . ARG A 56  ? 1.2020 1.2234 2.1670 0.0726  -0.0894 0.6262  56  ARG A O   
406 C  CB  . ARG A 56  ? 1.2143 1.3218 2.1750 0.0709  -0.1387 0.6306  56  ARG A CB  
407 C  CG  . ARG A 56  ? 1.2901 1.4353 2.3032 0.0775  -0.1559 0.6405  56  ARG A CG  
408 C  CD  . ARG A 56  ? 1.3006 1.4409 2.4116 0.0940  -0.1468 0.6594  56  ARG A CD  
409 N  NE  . ARG A 56  ? 1.3783 1.5460 2.5574 0.1031  -0.1492 0.6567  56  ARG A NE  
410 C  CZ  . ARG A 56  ? 1.4335 1.5881 2.6971 0.1181  -0.1171 0.6372  56  ARG A CZ  
411 N  NH1 . ARG A 56  ? 1.4963 1.6107 2.7843 0.1252  -0.0809 0.6173  56  ARG A NH1 
412 N  NH2 . ARG A 56  ? 1.3830 1.5636 2.7062 0.1248  -0.1192 0.6353  56  ARG A NH2 
413 N  N   . GLY A 57  ? 1.2002 1.2496 2.0338 0.0461  -0.1361 0.6615  57  GLY A N   
414 C  CA  . GLY A 57  ? 0.8888 0.9014 1.6832 0.0375  -0.1142 0.6485  57  GLY A CA  
415 C  C   . GLY A 57  ? 1.0948 1.1108 1.8091 0.0212  -0.1149 0.6234  57  GLY A C   
416 O  O   . GLY A 57  ? 1.0465 1.0332 1.7359 0.0138  -0.0930 0.6030  57  GLY A O   
417 N  N   . ASN A 58  ? 1.0604 1.1125 1.7358 0.0143  -0.1402 0.6249  58  ASN A N   
418 C  CA  . ASN A 58  ? 1.0387 1.0990 1.6513 0.0019  -0.1409 0.5975  58  ASN A CA  
419 C  C   . ASN A 58  ? 1.0977 1.1870 1.6306 -0.0165 -0.1699 0.6120  58  ASN A C   
420 O  O   . ASN A 58  ? 1.1091 1.2271 1.6182 -0.0214 -0.1856 0.6011  58  ASN A O   
421 C  CB  . ASN A 58  ? 0.9482 1.0207 1.6058 0.0143  -0.1355 0.5725  58  ASN A CB  
422 C  CG  . ASN A 58  ? 0.9306 1.0018 1.5353 0.0052  -0.1299 0.5405  58  ASN A CG  
423 O  OD1 . ASN A 58  ? 0.7989 0.8472 1.3577 -0.0063 -0.1170 0.5275  58  ASN A OD1 
424 N  ND2 . ASN A 58  ? 0.8851 0.9811 1.4995 0.0098  -0.1390 0.5280  58  ASN A ND2 
425 N  N   . ASP A 59  ? 1.0930 1.1723 1.5834 -0.0277 -0.1753 0.6350  59  ASP A N   
426 C  CA  . ASP A 59  ? 1.0904 1.1902 1.4981 -0.0475 -0.1982 0.6452  59  ASP A CA  
427 C  C   . ASP A 59  ? 1.1884 1.2883 1.5252 -0.0637 -0.1892 0.6142  59  ASP A C   
428 O  O   . ASP A 59  ? 1.3678 1.4413 1.6795 -0.0709 -0.1671 0.6037  59  ASP A O   
429 C  CB  . ASP A 59  ? 1.1507 1.2335 1.5298 -0.0552 -0.2020 0.6774  59  ASP A CB  
430 C  CG  . ASP A 59  ? 1.2886 1.3752 1.5672 -0.0795 -0.2097 0.6768  59  ASP A CG  
431 O  OD1 . ASP A 59  ? 1.5185 1.5769 1.7599 -0.0894 -0.1914 0.6796  59  ASP A OD1 
432 O  OD2 . ASP A 59  ? 1.3025 1.4181 1.5397 -0.0901 -0.2314 0.6722  59  ASP A OD2 
433 N  N   . LEU A 60  ? 1.1561 1.2853 1.4648 -0.0701 -0.2050 0.5988  60  LEU A N   
434 C  CA  . LEU A 60  ? 1.1202 1.2519 1.3599 -0.0861 -0.1982 0.5695  60  LEU A CA  
435 C  C   . LEU A 60  ? 1.1352 1.2834 1.2960 -0.1074 -0.2154 0.5745  60  LEU A C   
436 O  O   . LEU A 60  ? 1.0123 1.1719 1.1192 -0.1208 -0.2162 0.5498  60  LEU A O   
437 C  CB  . LEU A 60  ? 0.9362 1.0846 1.1947 -0.0793 -0.1994 0.5428  60  LEU A CB  
438 C  CG  . LEU A 60  ? 0.8942 1.0358 1.2393 -0.0564 -0.1896 0.5388  60  LEU A CG  
439 C  CD1 . LEU A 60  ? 0.6706 0.8363 1.0200 -0.0537 -0.1979 0.5179  60  LEU A CD1 
440 C  CD2 . LEU A 60  ? 0.8866 0.9904 1.2582 -0.0490 -0.1600 0.5253  60  LEU A CD2 
441 N  N   . SER A 61  ? 1.3277 1.4745 1.4815 -0.1106 -0.2285 0.6059  61  SER A N   
442 C  CA  . SER A 61  ? 1.4642 1.6279 1.5515 -0.1294 -0.2495 0.6135  61  SER A CA  
443 C  C   . SER A 61  ? 1.3875 1.5277 1.4061 -0.1462 -0.2373 0.6204  61  SER A C   
444 O  O   . SER A 61  ? 1.2089 1.3540 1.1535 -0.1662 -0.2377 0.6053  61  SER A O   
445 C  CB  . SER A 61  ? 0.9909 1.1746 1.1167 -0.1226 -0.2787 0.6452  61  SER A CB  
446 O  OG  . SER A 61  ? 1.1491 1.3618 1.3164 -0.1154 -0.2922 0.6332  61  SER A OG  
447 N  N   . THR A 62  ? 1.4760 1.5891 1.5211 -0.1386 -0.2238 0.6418  62  THR A N   
448 C  CA  . THR A 62  ? 1.5482 1.6349 1.5335 -0.1540 -0.2090 0.6523  62  THR A CA  
449 C  C   . THR A 62  ? 1.4622 1.5357 1.4061 -0.1665 -0.1792 0.6187  62  THR A C   
450 O  O   . THR A 62  ? 1.1668 1.2276 1.1537 -0.1572 -0.1584 0.6032  62  THR A O   
451 C  CB  . THR A 62  ? 1.4569 1.5153 1.4882 -0.1419 -0.2001 0.6834  62  THR A CB  
452 O  OG1 . THR A 62  ? 1.2662 1.3401 1.3633 -0.1243 -0.2242 0.7079  62  THR A OG1 
453 C  CG2 . THR A 62  ? 1.4155 1.4507 1.3808 -0.1585 -0.1949 0.7061  62  THR A CG2 
454 N  N   . PRO A 63  ? 1.5521 1.6281 1.4144 -0.1883 -0.1765 0.6065  63  PRO A N   
455 C  CA  . PRO A 63  ? 1.4830 1.5501 1.3056 -0.2018 -0.1481 0.5738  63  PRO A CA  
456 C  C   . PRO A 63  ? 1.4233 1.4584 1.2657 -0.2014 -0.1167 0.5786  63  PRO A C   
457 O  O   . PRO A 63  ? 1.2889 1.3054 1.1577 -0.1943 -0.1172 0.6087  63  PRO A O   
458 C  CB  . PRO A 63  ? 1.5559 1.6249 1.2909 -0.2251 -0.1499 0.5705  63  PRO A CB  
459 C  CG  . PRO A 63  ? 1.5674 1.6574 1.2995 -0.2232 -0.1864 0.5915  63  PRO A CG  
460 C  CD  . PRO A 63  ? 1.5690 1.6549 1.3742 -0.2022 -0.1987 0.6238  63  PRO A CD  
461 N  N   . VAL A 64  ? 1.4203 1.4494 1.2556 -0.2092 -0.0895 0.5491  64  VAL A N   
462 C  CA  . VAL A 64  ? 1.5553 1.5561 1.4077 -0.2141 -0.0563 0.5487  64  VAL A CA  
463 C  C   . VAL A 64  ? 1.6089 1.6128 1.4351 -0.2296 -0.0291 0.5132  64  VAL A C   
464 O  O   . VAL A 64  ? 1.4584 1.4722 1.3217 -0.2236 -0.0244 0.4896  64  VAL A O   
465 C  CB  . VAL A 64  ? 1.1748 1.1624 1.1149 -0.1942 -0.0525 0.5568  64  VAL A CB  
466 C  CG1 . VAL A 64  ? 1.1209 1.1297 1.1062 -0.1777 -0.0693 0.5412  64  VAL A CG1 
467 C  CG2 . VAL A 64  ? 1.2819 1.2459 1.2474 -0.2021 -0.0160 0.5432  64  VAL A CG2 
468 N  N   . PRO A 65  ? 1.7228 1.7182 1.4853 -0.2503 -0.0103 0.5090  65  PRO A N   
469 C  CA  . PRO A 65  ? 1.7475 1.7480 1.4921 -0.2651 0.0184  0.4738  65  PRO A CA  
470 C  C   . PRO A 65  ? 1.8547 1.8395 1.6484 -0.2696 0.0525  0.4655  65  PRO A C   
471 O  O   . PRO A 65  ? 1.9659 1.9454 1.7342 -0.2879 0.0839  0.4494  65  PRO A O   
472 C  CB  . PRO A 65  ? 1.7108 1.7076 1.3727 -0.2851 0.0280  0.4711  65  PRO A CB  
473 C  CG  . PRO A 65  ? 1.6592 1.6391 1.2998 -0.2838 0.0136  0.5104  65  PRO A CG  
474 C  CD  . PRO A 65  ? 1.6694 1.6555 1.3699 -0.2609 -0.0177 0.5327  65  PRO A CD  
475 N  N   . ALA A 66  ? 1.7453 1.7232 1.6119 -0.2540 0.0482  0.4736  66  ALA A N   
476 C  CA  . ALA A 66  ? 1.4719 1.4405 1.3965 -0.2570 0.0772  0.4552  66  ALA A CA  
477 C  C   . ALA A 66  ? 1.4513 1.4428 1.3858 -0.2508 0.0805  0.4019  66  ALA A C   
478 O  O   . ALA A 66  ? 1.4184 1.4133 1.3533 -0.2618 0.1071  0.3729  66  ALA A O   
479 C  CB  . ALA A 66  ? 1.1787 1.1325 1.1790 -0.2373 0.0699  0.4650  66  ALA A CB  
480 N  N   . TYR A 67  ? 1.4467 1.4537 1.3911 -0.2330 0.0530  0.3916  67  TYR A N   
481 C  CA  . TYR A 67  ? 1.3843 1.4115 1.3321 -0.2249 0.0491  0.3474  67  TYR A CA  
482 C  C   . TYR A 67  ? 1.4033 1.4452 1.2796 -0.2381 0.0451  0.3421  67  TYR A C   
483 O  O   . TYR A 67  ? 1.3154 1.3720 1.1881 -0.2329 0.0428  0.3078  67  TYR A O   
484 C  CB  . TYR A 67  ? 1.3999 1.4337 1.3819 -0.2024 0.0222  0.3444  67  TYR A CB  
485 C  CG  . TYR A 67  ? 1.4159 1.4424 1.4671 -0.1870 0.0272  0.3204  67  TYR A CG  
486 C  CD1 . TYR A 67  ? 1.3552 1.3866 1.4287 -0.1876 0.0426  0.2805  67  TYR A CD1 
487 C  CD2 . TYR A 67  ? 1.4312 1.4462 1.5267 -0.1721 0.0160  0.3366  67  TYR A CD2 
488 C  CE1 . TYR A 67  ? 1.2564 1.2816 1.3875 -0.1760 0.0439  0.2577  67  TYR A CE1 
489 C  CE2 . TYR A 67  ? 1.2703 1.2762 1.4230 -0.1607 0.0219  0.3115  67  TYR A CE2 
490 C  CZ  . TYR A 67  ? 1.2356 1.2470 1.4023 -0.1636 0.0344  0.2719  67  TYR A CZ  
491 O  OH  . TYR A 67  ? 1.2747 1.2776 1.4926 -0.1548 0.0371  0.2462  67  TYR A OH  
492 N  N   . GLN A 68  ? 1.5748 1.6104 1.3929 -0.2561 0.0442  0.3762  68  GLN A N   
493 C  CA  . GLN A 68  ? 1.6379 1.6867 1.3853 -0.2678 0.0289  0.3804  68  GLN A CA  
494 C  C   . GLN A 68  ? 1.5679 1.6319 1.3330 -0.2494 -0.0064 0.3837  68  GLN A C   
495 O  O   . GLN A 68  ? 1.5529 1.6313 1.3177 -0.2426 -0.0129 0.3521  68  GLN A O   
496 C  CB  . GLN A 68  ? 1.6524 1.7094 1.3646 -0.2804 0.0506  0.3402  68  GLN A CB  
497 C  CG  . GLN A 68  ? 1.7217 1.7834 1.3528 -0.2970 0.0421  0.3437  68  GLN A CG  
498 C  CD  . GLN A 68  ? 1.8245 1.8706 1.4207 -0.3021 0.0359  0.3755  68  GLN A CD  
499 O  OE1 . GLN A 68  ? 1.8576 1.9086 1.4444 -0.2942 0.0034  0.3975  68  GLN A OE1 
500 N  NE2 . GLN A 68  ? 1.8175 1.8458 1.3976 -0.3159 0.0679  0.3781  68  GLN A NE2 
501 N  N   . PHE A 69  ? 1.5657 1.6249 1.3519 -0.2401 -0.0274 0.4211  69  PHE A N   
502 C  CA  . PHE A 69  ? 1.4939 1.5687 1.3013 -0.2234 -0.0594 0.4277  69  PHE A CA  
503 C  C   . PHE A 69  ? 1.5160 1.5948 1.2954 -0.2238 -0.0832 0.4533  69  PHE A C   
504 O  O   . PHE A 69  ? 1.5668 1.6354 1.3770 -0.2145 -0.0914 0.4835  69  PHE A O   
505 C  CB  . PHE A 69  ? 1.4434 1.5106 1.3309 -0.2011 -0.0616 0.4312  69  PHE A CB  
506 C  CG  . PHE A 69  ? 1.5014 1.5818 1.4178 -0.1853 -0.0914 0.4488  69  PHE A CG  
507 C  CD1 . PHE A 69  ? 1.5020 1.6040 1.4053 -0.1819 -0.1068 0.4272  69  PHE A CD1 
508 C  CD2 . PHE A 69  ? 1.4901 1.5613 1.4538 -0.1716 -0.1013 0.4800  69  PHE A CD2 
509 C  CE1 . PHE A 69  ? 1.4543 1.5706 1.3898 -0.1683 -0.1318 0.4420  69  PHE A CE1 
510 C  CE2 . PHE A 69  ? 1.4527 1.5391 1.4535 -0.1552 -0.1257 0.4904  69  PHE A CE2 
511 C  CZ  . PHE A 69  ? 1.4428 1.5528 1.4304 -0.1541 -0.1405 0.4714  69  PHE A CZ  
512 N  N   . PRO A 70  ? 1.5549 1.6477 1.2778 -0.2358 -0.0939 0.4405  70  PRO A N   
513 C  CA  . PRO A 70  ? 1.5748 1.6789 1.2814 -0.2359 -0.1234 0.4621  70  PRO A CA  
514 C  C   . PRO A 70  ? 1.4662 1.5875 1.2359 -0.2153 -0.1483 0.4706  70  PRO A C   
515 O  O   . PRO A 70  ? 1.5851 1.7158 1.3771 -0.2081 -0.1465 0.4474  70  PRO A O   
516 C  CB  . PRO A 70  ? 1.5628 1.6790 1.2064 -0.2534 -0.1258 0.4358  70  PRO A CB  
517 C  CG  . PRO A 70  ? 1.5927 1.7098 1.2384 -0.2543 -0.1045 0.3991  70  PRO A CG  
518 C  CD  . PRO A 70  ? 1.6030 1.7021 1.2814 -0.2498 -0.0790 0.4041  70  PRO A CD  
519 N  N   . GLY A 71  ? 1.2983 1.4230 1.0986 -0.2058 -0.1693 0.5032  71  GLY A N   
520 C  CA  . GLY A 71  ? 1.0923 1.2324 0.9619 -0.1855 -0.1883 0.5123  71  GLY A CA  
521 C  C   . GLY A 71  ? 1.2209 1.3889 1.0860 -0.1870 -0.2071 0.4934  71  GLY A C   
522 O  O   . GLY A 71  ? 1.3403 1.5138 1.1515 -0.2024 -0.2027 0.4673  71  GLY A O   
523 N  N   . LEU A 72  ? 1.2434 1.4282 1.1678 -0.1715 -0.2261 0.5057  72  LEU A N   
524 C  CA  . LEU A 72  ? 1.3267 1.5360 1.2589 -0.1713 -0.2392 0.4858  72  LEU A CA  
525 C  C   . LEU A 72  ? 1.4920 1.7259 1.4198 -0.1785 -0.2678 0.5001  72  LEU A C   
526 O  O   . LEU A 72  ? 1.5417 1.7847 1.5207 -0.1672 -0.2844 0.5290  72  LEU A O   
527 C  CB  . LEU A 72  ? 1.2056 1.4172 1.2110 -0.1493 -0.2354 0.4820  72  LEU A CB  
528 C  CG  . LEU A 72  ? 0.9502 1.1388 0.9598 -0.1433 -0.2092 0.4643  72  LEU A CG  
529 C  CD1 . LEU A 72  ? 0.8471 1.0317 0.9308 -0.1212 -0.2049 0.4656  72  LEU A CD1 
530 C  CD2 . LEU A 72  ? 0.9400 1.1302 0.8931 -0.1569 -0.1996 0.4295  72  LEU A CD2 
531 N  N   . LYS A 73  ? 1.5730 1.8168 1.4438 -0.1974 -0.2728 0.4794  73  LYS A N   
532 C  CA  . LYS A 73  ? 1.5186 1.7875 1.3876 -0.2059 -0.3001 0.4880  73  LYS A CA  
533 C  C   . LYS A 73  ? 1.3940 1.6832 1.3282 -0.1913 -0.3084 0.4819  73  LYS A C   
534 O  O   . LYS A 73  ? 1.3236 1.6066 1.2783 -0.1813 -0.2914 0.4600  73  LYS A O   
535 C  CB  . LYS A 73  ? 1.4458 1.7170 1.2391 -0.2306 -0.3000 0.4630  73  LYS A CB  
536 C  CG  . LYS A 73  ? 1.4505 1.6974 1.1818 -0.2427 -0.2729 0.4410  73  LYS A CG  
537 C  CD  . LYS A 73  ? 1.5526 1.7809 1.2541 -0.2480 -0.2683 0.4664  73  LYS A CD  
538 C  CE  . LYS A 73  ? 1.5674 1.7701 1.2589 -0.2444 -0.2360 0.4541  73  LYS A CE  
539 N  NZ  . LYS A 73  ? 1.4991 1.6810 1.1788 -0.2451 -0.2283 0.4827  73  LYS A NZ  
540 N  N   . PRO A 74  ? 1.4005 1.7138 1.3687 -0.1903 -0.3346 0.5021  74  PRO A N   
541 C  CA  . PRO A 74  ? 1.3729 1.7066 1.3946 -0.1807 -0.3400 0.4909  74  PRO A CA  
542 C  C   . PRO A 74  ? 1.3448 1.6807 1.3206 -0.1948 -0.3312 0.4524  74  PRO A C   
543 O  O   . PRO A 74  ? 1.4451 1.7721 1.3499 -0.2144 -0.3270 0.4376  74  PRO A O   
544 C  CB  . PRO A 74  ? 1.3016 1.6616 1.3550 -0.1823 -0.3710 0.5189  74  PRO A CB  
545 C  CG  . PRO A 74  ? 1.2466 1.5961 1.2945 -0.1811 -0.3793 0.5524  74  PRO A CG  
546 C  CD  . PRO A 74  ? 1.4206 1.7431 1.3914 -0.1943 -0.3595 0.5381  74  PRO A CD  
547 N  N   . GLY A 75  ? 1.1368 1.4822 1.1536 -0.1849 -0.3262 0.4360  75  GLY A N   
548 C  CA  . GLY A 75  ? 1.2213 1.5656 1.1995 -0.1965 -0.3160 0.3999  75  GLY A CA  
549 C  C   . GLY A 75  ? 1.2706 1.5891 1.2193 -0.1932 -0.2886 0.3744  75  GLY A C   
550 O  O   . GLY A 75  ? 1.1435 1.4590 1.0828 -0.1943 -0.2774 0.3461  75  GLY A O   
551 N  N   . ASP A 76  ? 1.1910 1.4902 1.1255 -0.1896 -0.2781 0.3850  76  ASP A N   
552 C  CA  . ASP A 76  ? 1.1291 1.4053 1.0448 -0.1848 -0.2536 0.3649  76  ASP A CA  
553 C  C   . ASP A 76  ? 0.9771 1.2515 0.9510 -0.1635 -0.2466 0.3634  76  ASP A C   
554 O  O   . ASP A 76  ? 1.0114 1.2967 1.0470 -0.1493 -0.2566 0.3857  76  ASP A O   
555 C  CB  . ASP A 76  ? 1.2398 1.4972 1.1300 -0.1875 -0.2444 0.3793  76  ASP A CB  
556 C  CG  . ASP A 76  ? 1.3574 1.6088 1.1747 -0.2103 -0.2408 0.3683  76  ASP A CG  
557 O  OD1 . ASP A 76  ? 1.5134 1.7725 1.3004 -0.2233 -0.2435 0.3462  76  ASP A OD1 
558 O  OD2 . ASP A 76  ? 1.1772 1.4142 0.9683 -0.2155 -0.2332 0.3809  76  ASP A OD2 
559 N  N   . ARG A 77  ? 0.9681 1.2282 0.9236 -0.1613 -0.2292 0.3363  77  ARG A N   
560 C  CA  . ARG A 77  ? 0.9290 1.1824 0.9317 -0.1422 -0.2195 0.3294  77  ARG A CA  
561 C  C   . ARG A 77  ? 0.7637 0.9908 0.7839 -0.1302 -0.2003 0.3320  77  ARG A C   
562 O  O   . ARG A 77  ? 0.7514 0.9673 0.7331 -0.1399 -0.1951 0.3377  77  ARG A O   
563 C  CB  . ARG A 77  ? 0.8092 1.0526 0.7875 -0.1442 -0.2035 0.2882  77  ARG A CB  
564 C  CG  . ARG A 77  ? 0.9639 1.2229 0.8956 -0.1644 -0.2156 0.2775  77  ARG A CG  
565 C  CD  . ARG A 77  ? 1.1141 1.3991 1.0829 -0.1653 -0.2328 0.2865  77  ARG A CD  
566 N  NE  . ARG A 77  ? 1.1618 1.4503 1.1184 -0.1723 -0.2296 0.2602  77  ARG A NE  
567 C  CZ  . ARG A 77  ? 1.2683 1.5578 1.1833 -0.1901 -0.2304 0.2433  77  ARG A CZ  
568 N  NH1 . ARG A 77  ? 1.3285 1.6171 1.2071 -0.2036 -0.2349 0.2488  77  ARG A NH1 
569 N  NH2 . ARG A 77  ? 1.3313 1.6213 1.2408 -0.1956 -0.2262 0.2210  77  ARG A NH2 
570 N  N   . TRP A 78  ? 0.6163 0.8325 0.6942 -0.1110 -0.1879 0.3264  78  TRP A N   
571 C  CA  . TRP A 78  ? 0.6816 0.8729 0.7797 -0.1016 -0.1705 0.3278  78  TRP A CA  
572 C  C   . TRP A 78  ? 0.6398 0.8152 0.7899 -0.0835 -0.1523 0.3082  78  TRP A C   
573 O  O   . TRP A 78  ? 0.6564 0.8420 0.8431 -0.0752 -0.1541 0.3050  78  TRP A O   
574 C  CB  . TRP A 78  ? 0.8625 1.0574 0.9786 -0.1021 -0.1834 0.3711  78  TRP A CB  
575 C  CG  . TRP A 78  ? 0.8430 1.0116 0.9623 -0.1000 -0.1659 0.3747  78  TRP A CG  
576 C  CD1 . TRP A 78  ? 0.7618 0.9138 0.9383 -0.0858 -0.1562 0.3877  78  TRP A CD1 
577 C  CD2 . TRP A 78  ? 0.8960 1.0518 0.9636 -0.1136 -0.1538 0.3636  78  TRP A CD2 
578 N  NE1 . TRP A 78  ? 0.5939 0.7232 0.7559 -0.0907 -0.1398 0.3854  78  TRP A NE1 
579 C  CE2 . TRP A 78  ? 0.8971 1.0302 0.9946 -0.1075 -0.1380 0.3711  78  TRP A CE2 
580 C  CE3 . TRP A 78  ? 0.7271 0.8880 0.7303 -0.1305 -0.1525 0.3467  78  TRP A CE3 
581 C  CZ2 . TRP A 78  ? 0.7706 0.8885 0.8373 -0.1182 -0.1215 0.3623  78  TRP A CZ2 
582 C  CZ3 . TRP A 78  ? 0.8481 0.9938 0.8217 -0.1399 -0.1349 0.3381  78  TRP A CZ3 
583 C  CH2 . TRP A 78  ? 0.8461 0.9718 0.8522 -0.1341 -0.1200 0.3463  78  TRP A CH2 
584 N  N   . CYS A 79  ? 0.5299 0.6801 0.6834 -0.0789 -0.1336 0.2935  79  CYS A N   
585 C  CA  . CYS A 79  ? 0.5423 0.6749 0.7388 -0.0646 -0.1164 0.2739  79  CYS A CA  
586 C  C   . CYS A 79  ? 0.7437 0.8661 0.9977 -0.0543 -0.1118 0.2979  79  CYS A C   
587 O  O   . CYS A 79  ? 0.8630 0.9709 1.1161 -0.0571 -0.1063 0.3078  79  CYS A O   
588 C  CB  . CYS A 79  ? 0.5916 0.7034 0.7594 -0.0659 -0.1004 0.2369  79  CYS A CB  
589 S  SG  . CYS A 79  ? 0.7790 0.8995 0.8823 -0.0768 -0.1058 0.2125  79  CYS A SG  
590 N  N   . LEU A 80  ? 0.6113 0.7408 0.9188 -0.0427 -0.1124 0.3072  80  LEU A N   
591 C  CA  . LEU A 80  ? 0.8281 0.9514 1.2001 -0.0310 -0.1106 0.3351  80  LEU A CA  
592 C  C   . LEU A 80  ? 0.9085 1.0071 1.3250 -0.0189 -0.0845 0.3092  80  LEU A C   
593 O  O   . LEU A 80  ? 0.8682 0.9642 1.2737 -0.0179 -0.0736 0.2774  80  LEU A O   
594 C  CB  . LEU A 80  ? 0.9924 1.1452 1.4048 -0.0254 -0.1300 0.3643  80  LEU A CB  
595 C  CG  . LEU A 80  ? 1.0165 1.2017 1.3862 -0.0389 -0.1589 0.3824  80  LEU A CG  
596 C  CD1 . LEU A 80  ? 1.1086 1.3223 1.5389 -0.0306 -0.1784 0.4138  80  LEU A CD1 
597 C  CD2 . LEU A 80  ? 1.0164 1.1976 1.3359 -0.0519 -0.1700 0.4036  80  LEU A CD2 
598 N  N   . CYS A 81  ? 0.9161 0.9943 1.3819 -0.0103 -0.0733 0.3228  81  CYS A N   
599 C  CA  . CYS A 81  ? 0.9013 0.9548 1.4153 0.0007  -0.0468 0.2984  81  CYS A CA  
600 C  C   . CYS A 81  ? 0.7871 0.8575 1.3447 0.0108  -0.0447 0.2976  81  CYS A C   
601 O  O   . CYS A 81  ? 0.7869 0.8875 1.3648 0.0132  -0.0658 0.3279  81  CYS A O   
602 C  CB  . CYS A 81  ? 0.5481 0.5759 1.1158 0.0083  -0.0344 0.3157  81  CYS A CB  
603 S  SG  . CYS A 81  ? 0.8396 0.8494 1.3612 -0.0058 -0.0347 0.3178  81  CYS A SG  
604 N  N   . ALA A 82  ? 0.7043 0.7555 1.2732 0.0146  -0.0190 0.2612  82  ALA A N   
605 C  CA  . ALA A 82  ? 0.8465 0.9098 1.4568 0.0228  -0.0093 0.2542  82  ALA A CA  
606 C  C   . ALA A 82  ? 0.9212 0.9867 1.6233 0.0386  -0.0057 0.2845  82  ALA A C   
607 O  O   . ALA A 82  ? 1.0343 1.1310 1.7798 0.0452  -0.0210 0.3111  82  ALA A O   
608 C  CB  . ALA A 82  ? 0.9690 1.0051 1.5628 0.0211  0.0205  0.2083  82  ALA A CB  
609 N  N   . SER A 83  ? 0.9320 0.9643 1.6659 0.0442  0.0136  0.2806  83  SER A N   
610 C  CA  . SER A 83  ? 0.8639 0.8901 1.6888 0.0605  0.0198  0.3101  83  SER A CA  
611 C  C   . SER A 83  ? 0.7926 0.8494 1.6371 0.0641  -0.0161 0.3655  83  SER A C   
612 O  O   . SER A 83  ? 0.9079 0.9786 1.8318 0.0791  -0.0213 0.3952  83  SER A O   
613 C  CB  . SER A 83  ? 0.9526 0.9350 1.7916 0.0611  0.0431  0.2974  83  SER A CB  
614 O  OG  . SER A 83  ? 1.1343 1.1015 1.8924 0.0447  0.0443  0.2680  83  SER A OG  
615 N  N   . ARG A 84  ? 0.7776 0.8452 1.5499 0.0500  -0.0412 0.3793  84  ARG A N   
616 C  CA  . ARG A 84  ? 0.7683 0.8634 1.5429 0.0492  -0.0765 0.4306  84  ARG A CA  
617 C  C   . ARG A 84  ? 0.8523 0.9920 1.6236 0.0468  -0.1017 0.4410  84  ARG A C   
618 O  O   . ARG A 84  ? 0.9951 1.1627 1.7770 0.0466  -0.1340 0.4838  84  ARG A O   
619 C  CB  . ARG A 84  ? 0.8596 0.9471 1.5562 0.0326  -0.0898 0.4400  84  ARG A CB  
620 C  CG  . ARG A 84  ? 1.0537 1.1002 1.7651 0.0342  -0.0692 0.4408  84  ARG A CG  
621 C  CD  . ARG A 84  ? 1.0718 1.1051 1.8787 0.0533  -0.0631 0.4726  84  ARG A CD  
622 N  NE  . ARG A 84  ? 1.0510 1.0722 1.8513 0.0485  -0.0696 0.5039  84  ARG A NE  
623 C  CZ  . ARG A 84  ? 1.0468 1.0636 1.9067 0.0582  -0.0651 0.5246  84  ARG A CZ  
624 N  NH1 . ARG A 84  ? 0.9332 0.9557 1.8720 0.0741  -0.0541 0.5210  84  ARG A NH1 
625 N  NH2 . ARG A 84  ? 1.1974 1.2032 2.0388 0.0517  -0.0701 0.5488  84  ARG A NH2 
626 N  N   . TRP A 85  ? 0.8575 1.0032 1.6121 0.0436  -0.0874 0.4020  85  TRP A N   
627 C  CA  . TRP A 85  ? 0.9089 1.0953 1.6665 0.0402  -0.1067 0.4069  85  TRP A CA  
628 C  C   . TRP A 85  ? 1.0054 1.2012 1.8610 0.0573  -0.0908 0.4066  85  TRP A C   
629 O  O   . TRP A 85  ? 1.0848 1.3174 1.9934 0.0629  -0.1131 0.4356  85  TRP A O   
630 C  CB  . TRP A 85  ? 0.8728 1.0590 1.5524 0.0251  -0.0995 0.3662  85  TRP A CB  
631 C  CG  . TRP A 85  ? 0.8395 1.0652 1.5145 0.0180  -0.1189 0.3693  85  TRP A CG  
632 C  CD1 . TRP A 85  ? 0.7094 0.9645 1.3398 0.0041  -0.1530 0.3900  85  TRP A CD1 
633 C  CD2 . TRP A 85  ? 0.8677 1.1063 1.5829 0.0219  -0.1032 0.3488  85  TRP A CD2 
634 N  NE1 . TRP A 85  ? 0.6301 0.9165 1.2731 -0.0009 -0.1613 0.3835  85  TRP A NE1 
635 C  CE2 . TRP A 85  ? 0.7683 1.0459 1.4652 0.0102  -0.1307 0.3593  85  TRP A CE2 
636 C  CE3 . TRP A 85  ? 0.8396 1.0594 1.6029 0.0326  -0.0666 0.3212  85  TRP A CE3 
637 C  CZ2 . TRP A 85  ? 0.8047 1.1040 1.5349 0.0092  -0.1229 0.3445  85  TRP A CZ2 
638 C  CZ3 . TRP A 85  ? 0.7668 1.0068 1.5595 0.0318  -0.0566 0.3067  85  TRP A CZ3 
639 C  CH2 . TRP A 85  ? 0.8258 1.1062 1.6043 0.0203  -0.0850 0.3190  85  TRP A CH2 
640 N  N   . ARG A 86  ? 1.0562 1.2181 1.9361 0.0648  -0.0514 0.3724  86  ARG A N   
641 C  CA  . ARG A 86  ? 0.9902 1.1530 1.9625 0.0805  -0.0257 0.3638  86  ARG A CA  
642 C  C   . ARG A 86  ? 0.9064 1.0793 1.9758 0.0990  -0.0380 0.4099  86  ARG A C   
643 O  O   . ARG A 86  ? 0.9342 1.1223 2.0868 0.1104  -0.0284 0.4146  86  ARG A O   
644 C  CB  . ARG A 86  ? 1.0034 1.1203 1.9696 0.0818  0.0200  0.3172  86  ARG A CB  
645 C  CG  . ARG A 86  ? 0.9521 1.0663 2.0020 0.0946  0.0544  0.2991  86  ARG A CG  
646 C  CD  . ARG A 86  ? 0.9687 1.0319 2.0276 0.0978  0.0970  0.2642  86  ARG A CD  
647 N  NE  . ARG A 86  ? 1.0537 1.0909 2.1009 0.0986  0.0890  0.2802  86  ARG A NE  
648 C  CZ  . ARG A 86  ? 1.2050 1.1976 2.2224 0.0930  0.1148  0.2485  86  ARG A CZ  
649 N  NH1 . ARG A 86  ? 1.1720 1.1398 2.1617 0.0860  0.1485  0.1995  86  ARG A NH1 
650 N  NH2 . ARG A 86  ? 1.3854 1.3577 2.3980 0.0926  0.1065  0.2660  86  ARG A NH2 
651 N  N   . GLU A 87  ? 0.8433 1.0043 1.8927 0.0981  -0.0574 0.4411  87  GLU A N   
652 C  CA  . GLU A 87  ? 0.9632 1.1332 2.0543 0.0998  -0.0727 0.4775  87  GLU A CA  
653 C  C   . GLU A 87  ? 1.0237 1.2420 2.1124 0.0919  -0.1098 0.5030  87  GLU A C   
654 O  O   . GLU A 87  ? 1.2441 1.4790 2.4032 0.0992  -0.1112 0.5161  87  GLU A O   
655 C  CB  . GLU A 87  ? 1.0705 1.2197 2.1131 0.0925  -0.0848 0.4991  87  GLU A CB  
656 C  CG  . GLU A 87  ? 1.0725 1.1849 2.1653 0.1020  -0.0588 0.5007  87  GLU A CG  
657 C  CD  . GLU A 87  ? 1.1714 1.2711 2.2154 0.0927  -0.0749 0.5269  87  GLU A CD  
658 O  OE1 . GLU A 87  ? 1.2492 1.3232 2.3320 0.0987  -0.0591 0.5351  87  GLU A OE1 
659 O  OE2 . GLU A 87  ? 1.1688 1.2845 2.1346 0.0781  -0.1017 0.5380  87  GLU A OE2 
660 N  N   . ALA A 88  ? 0.9037 1.1426 1.9111 0.0759  -0.1387 0.5083  88  ALA A N   
661 C  CA  . ALA A 88  ? 0.8805 1.1616 1.8737 0.0645  -0.1744 0.5288  88  ALA A CA  
662 C  C   . ALA A 88  ? 0.9490 1.2565 1.9895 0.0682  -0.1678 0.5105  88  ALA A C   
663 O  O   . ALA A 88  ? 1.0509 1.3913 2.1078 0.0625  -0.1926 0.5272  88  ALA A O   
664 C  CB  . ALA A 88  ? 0.9693 1.2611 1.8576 0.0434  -0.2020 0.5330  88  ALA A CB  
665 N  N   . LEU A 89  ? 1.0141 1.3071 2.0762 0.0769  -0.1330 0.4748  89  LEU A N   
666 C  CA  . LEU A 89  ? 1.1116 1.4267 2.2234 0.0802  -0.1180 0.4529  89  LEU A CA  
667 C  C   . LEU A 89  ? 1.2000 1.5156 2.4115 0.0939  -0.1037 0.4624  89  LEU A C   
668 O  O   . LEU A 89  ? 1.3324 1.6799 2.5812 0.0918  -0.1179 0.4713  89  LEU A O   
669 C  CB  . LEU A 89  ? 1.0903 1.3884 2.1945 0.0838  -0.0799 0.4091  89  LEU A CB  
670 C  CG  . LEU A 89  ? 1.0753 1.3889 2.2320 0.0860  -0.0520 0.3806  89  LEU A CG  
671 C  CD1 . LEU A 89  ? 1.0225 1.3691 2.1255 0.0665  -0.0717 0.3712  89  LEU A CD1 
672 C  CD2 . LEU A 89  ? 1.0515 1.3175 2.1976 0.0884  0.0026  0.3324  89  LEU A CD2 
673 N  N   . GLU A 90  ? 1.1578 1.4371 2.4130 0.1073  -0.0750 0.4593  90  GLU A N   
674 C  CA  . GLU A 90  ? 1.2448 1.5204 2.5961 0.1199  -0.0588 0.4681  90  GLU A CA  
675 C  C   . GLU A 90  ? 1.1553 1.4484 2.5254 0.1190  -0.0967 0.5159  90  GLU A C   
676 O  O   . GLU A 90  ? 1.1832 1.4812 2.6363 0.1289  -0.0922 0.5307  90  GLU A O   
677 C  CB  . GLU A 90  ? 1.3280 1.5564 2.7172 0.1317  -0.0110 0.4429  90  GLU A CB  
678 C  CG  . GLU A 90  ? 1.3963 1.5922 2.7409 0.1307  -0.0126 0.4514  90  GLU A CG  
679 C  CD  . GLU A 90  ? 1.3822 1.5316 2.7208 0.1353  0.0339  0.4092  90  GLU A CD  
680 O  OE1 . GLU A 90  ? 1.3001 1.4452 2.6377 0.1358  0.0624  0.3709  90  GLU A OE1 
681 O  OE2 . GLU A 90  ? 1.3785 1.4949 2.7102 0.1370  0.0428  0.4128  90  GLU A OE2 
682 N  N   . ALA A 91  ? 0.9871 1.2892 2.2799 0.1065  -0.1327 0.5390  91  ALA A N   
683 C  CA  . ALA A 91  ? 0.9087 1.2308 2.2040 0.1021  -0.1716 0.5828  91  ALA A CA  
684 C  C   . ALA A 91  ? 1.0128 1.3774 2.2669 0.0870  -0.2101 0.5923  91  ALA A C   
685 O  O   . ALA A 91  ? 0.9340 1.3153 2.1514 0.0766  -0.2472 0.6233  91  ALA A O   
686 C  CB  . ALA A 91  ? 0.7593 1.0590 1.9959 0.0967  -0.1819 0.6014  91  ALA A CB  
687 N  N   . GLY A 92  ? 1.1119 1.4921 2.3690 0.0845  -0.1989 0.5631  92  GLY A N   
688 C  CA  . GLY A 92  ? 1.1331 1.5534 2.3627 0.0703  -0.2299 0.5657  92  GLY A CA  
689 C  C   . GLY A 92  ? 1.0278 1.4594 2.1529 0.0490  -0.2658 0.5775  92  GLY A C   
690 O  O   . GLY A 92  ? 0.9494 1.4131 2.0568 0.0364  -0.2979 0.5896  92  GLY A O   
691 N  N   . VAL A 93  ? 0.9906 1.3950 2.0450 0.0439  -0.2592 0.5718  93  VAL A N   
692 C  CA  . VAL A 93  ? 1.0195 1.4302 1.9722 0.0225  -0.2888 0.5813  93  VAL A CA  
693 C  C   . VAL A 93  ? 0.9291 1.3228 1.8013 0.0130  -0.2750 0.5521  93  VAL A C   
694 O  O   . VAL A 93  ? 0.9050 1.2920 1.6924 -0.0029 -0.2899 0.5570  93  VAL A O   
695 C  CB  . VAL A 93  ? 1.2062 1.6049 2.1427 0.0211  -0.3063 0.6169  93  VAL A CB  
696 C  CG1 . VAL A 93  ? 1.2731 1.6974 2.2728 0.0254  -0.3317 0.6494  93  VAL A CG1 
697 C  CG2 . VAL A 93  ? 1.2118 1.5715 2.1749 0.0363  -0.2761 0.6161  93  VAL A CG2 
698 N  N   . ALA A 94  ? 0.9420 1.3292 1.8426 0.0221  -0.2459 0.5210  94  ALA A N   
699 C  CA  . ALA A 94  ? 0.8689 1.2416 1.7066 0.0160  -0.2314 0.4918  94  ALA A CA  
700 C  C   . ALA A 94  ? 0.6740 1.0649 1.4205 -0.0082 -0.2552 0.4839  94  ALA A C   
701 O  O   . ALA A 94  ? 0.5908 1.0112 1.3425 -0.0177 -0.2697 0.4803  94  ALA A O   
702 C  CB  . ALA A 94  ? 0.8667 1.2382 1.7602 0.0286  -0.1982 0.4605  94  ALA A CB  
703 N  N   . PRO A 95  ? 0.7562 1.1272 1.4196 -0.0190 -0.2564 0.4782  95  PRO A N   
704 C  CA  . PRO A 95  ? 0.7769 1.1583 1.3491 -0.0429 -0.2736 0.4666  95  PRO A CA  
705 C  C   . PRO A 95  ? 0.7887 1.1782 1.3474 -0.0474 -0.2614 0.4329  95  PRO A C   
706 O  O   . PRO A 95  ? 0.7208 1.0874 1.3057 -0.0352 -0.2276 0.4061  95  PRO A O   
707 C  CB  . PRO A 95  ? 0.8219 1.1739 1.3244 -0.0494 -0.2706 0.4703  95  PRO A CB  
708 C  CG  . PRO A 95  ? 0.8596 1.1851 1.4091 -0.0287 -0.2448 0.4663  95  PRO A CG  
709 C  CD  . PRO A 95  ? 0.8362 1.1708 1.4884 -0.0096 -0.2385 0.4793  95  PRO A CD  
710 N  N   . PRO A 96  ? 0.8706 1.2756 1.3690 -0.0689 -0.2765 0.4208  96  PRO A N   
711 C  CA  . PRO A 96  ? 0.8997 1.3090 1.3801 -0.0771 -0.2628 0.3861  96  PRO A CA  
712 C  C   . PRO A 96  ? 0.8523 1.2166 1.2660 -0.0778 -0.2316 0.3507  96  PRO A C   
713 O  O   . PRO A 96  ? 0.8830 1.2324 1.2262 -0.0883 -0.2372 0.3495  96  PRO A O   
714 C  CB  . PRO A 96  ? 0.9026 1.3333 1.3278 -0.1013 -0.2886 0.3857  96  PRO A CB  
715 C  CG  . PRO A 96  ? 0.9830 1.3999 1.3556 -0.1086 -0.3025 0.4053  96  PRO A CG  
716 C  CD  . PRO A 96  ? 0.8674 1.2777 1.3030 -0.0883 -0.3006 0.4336  96  PRO A CD  
717 N  N   . VAL A 97  ? 0.7645 1.1083 1.2009 -0.0677 -0.1991 0.3222  97  VAL A N   
718 C  CA  . VAL A 97  ? 0.9120 1.2148 1.2917 -0.0673 -0.1724 0.2900  97  VAL A CA  
719 C  C   . VAL A 97  ? 0.8143 1.1109 1.1382 -0.0813 -0.1649 0.2597  97  VAL A C   
720 O  O   . VAL A 97  ? 0.7741 1.0918 1.1194 -0.0879 -0.1674 0.2549  97  VAL A O   
721 C  CB  . VAL A 97  ? 1.0878 1.3640 1.5122 -0.0495 -0.1406 0.2755  97  VAL A CB  
722 C  CG1 . VAL A 97  ? 1.2188 1.5010 1.7114 -0.0347 -0.1460 0.3060  97  VAL A CG1 
723 C  CG2 . VAL A 97  ? 1.1521 1.4340 1.6129 -0.0476 -0.1212 0.2562  97  VAL A CG2 
724 N  N   . ILE A 98  ? 0.7828 1.0500 1.0394 -0.0855 -0.1556 0.2404  98  ILE A N   
725 C  CA  . ILE A 98  ? 0.6985 0.9501 0.8996 -0.0957 -0.1455 0.2113  98  ILE A CA  
726 C  C   . ILE A 98  ? 0.6546 0.8704 0.8506 -0.0845 -0.1164 0.1862  98  ILE A C   
727 O  O   . ILE A 98  ? 0.7089 0.9014 0.8795 -0.0794 -0.1102 0.1797  98  ILE A O   
728 C  CB  . ILE A 98  ? 0.7014 0.9447 0.8334 -0.1075 -0.1562 0.2083  98  ILE A CB  
729 C  CG1 . ILE A 98  ? 0.8807 1.1560 1.0064 -0.1214 -0.1852 0.2333  98  ILE A CG1 
730 C  CG2 . ILE A 98  ? 0.7134 0.9368 0.7933 -0.1155 -0.1447 0.1792  98  ILE A CG2 
731 C  CD1 . ILE A 98  ? 0.9253 1.1946 0.9788 -0.1384 -0.1920 0.2238  98  ILE A CD1 
732 N  N   . LEU A 99  ? 0.8277 1.0393 1.0458 -0.0823 -0.0986 0.1717  99  LEU A N   
733 C  CA  . LEU A 99  ? 0.7911 0.9700 1.0115 -0.0719 -0.0703 0.1509  99  LEU A CA  
734 C  C   . LEU A 99  ? 0.7354 0.8796 0.8872 -0.0744 -0.0611 0.1269  99  LEU A C   
735 O  O   . LEU A 99  ? 0.8848 1.0015 1.0284 -0.0668 -0.0453 0.1130  99  LEU A O   
736 C  CB  . LEU A 99  ? 0.8109 0.9941 1.0728 -0.0708 -0.0502 0.1422  99  LEU A CB  
737 C  CG  . LEU A 99  ? 0.8092 1.0186 1.1584 -0.0615 -0.0486 0.1607  99  LEU A CG  
738 C  CD1 . LEU A 99  ? 0.8293 1.0827 1.2080 -0.0697 -0.0769 0.1844  99  LEU A CD1 
739 C  CD2 . LEU A 99  ? 0.9487 1.1465 1.3337 -0.0573 -0.0152 0.1428  99  LEU A CD2 
740 N  N   . GLU A 100 ? 0.8161 0.9609 0.9204 -0.0855 -0.0713 0.1215  100 GLU A N   
741 C  CA  . GLU A 100 ? 0.8569 0.9700 0.9026 -0.0862 -0.0649 0.1013  100 GLU A CA  
742 C  C   . GLU A 100 ? 0.8849 0.9914 0.9143 -0.0818 -0.0738 0.1044  100 GLU A C   
743 O  O   . GLU A 100 ? 0.8274 0.9096 0.8201 -0.0793 -0.0701 0.0892  100 GLU A O   
744 C  CB  . GLU A 100 ? 0.8090 0.9218 0.8161 -0.0986 -0.0697 0.0940  100 GLU A CB  
745 C  CG  . GLU A 100 ? 0.7177 0.8384 0.7462 -0.1051 -0.0591 0.0912  100 GLU A CG  
746 C  CD  . GLU A 100 ? 0.8191 0.9805 0.8864 -0.1143 -0.0753 0.1083  100 GLU A CD  
747 O  OE1 . GLU A 100 ? 0.8471 1.0301 0.9254 -0.1147 -0.0949 0.1254  100 GLU A OE1 
748 O  OE2 . GLU A 100 ? 1.0183 1.1906 1.1043 -0.1228 -0.0694 0.1053  100 GLU A OE2 
749 N  N   . ALA A 101 ? 0.7563 0.8846 0.8166 -0.0810 -0.0857 0.1253  101 ALA A N   
750 C  CA  . ALA A 101 ? 0.6883 0.8130 0.7378 -0.0791 -0.0927 0.1314  101 ALA A CA  
751 C  C   . ALA A 101 ? 0.6736 0.7929 0.7660 -0.0684 -0.0856 0.1395  101 ALA A C   
752 O  O   . ALA A 101 ? 0.6699 0.7895 0.7643 -0.0676 -0.0912 0.1499  101 ALA A O   
753 C  CB  . ALA A 101 ? 0.6844 0.8334 0.7231 -0.0897 -0.1114 0.1502  101 ALA A CB  
754 N  N   . THR A 102 ? 0.5059 0.6184 0.6333 -0.0608 -0.0708 0.1339  102 THR A N   
755 C  CA  . THR A 102 ? 0.6886 0.7915 0.8594 -0.0507 -0.0606 0.1382  102 THR A CA  
756 C  C   . THR A 102 ? 0.7241 0.7954 0.8858 -0.0461 -0.0389 0.1109  102 THR A C   
757 O  O   . THR A 102 ? 0.6560 0.7188 0.8083 -0.0473 -0.0260 0.0960  102 THR A O   
758 C  CB  . THR A 102 ? 0.7657 0.8915 1.0055 -0.0445 -0.0626 0.1634  102 THR A CB  
759 O  OG1 . THR A 102 ? 0.8557 0.9694 1.1344 -0.0366 -0.0394 0.1503  102 THR A OG1 
760 C  CG2 . THR A 102 ? 0.5593 0.7175 0.8020 -0.0523 -0.0811 0.1802  102 THR A CG2 
761 N  N   . HIS A 103 ? 0.7220 0.7757 0.8859 -0.0425 -0.0346 0.1048  103 HIS A N   
762 C  CA  . HIS A 103 ? 0.9416 0.9644 1.0845 -0.0416 -0.0190 0.0767  103 HIS A CA  
763 C  C   . HIS A 103 ? 0.9089 0.9188 1.0795 -0.0376 0.0049  0.0648  103 HIS A C   
764 O  O   . HIS A 103 ? 0.9502 0.9740 1.1772 -0.0319 0.0117  0.0798  103 HIS A O   
765 C  CB  . HIS A 103 ? 0.9265 0.9360 1.0754 -0.0403 -0.0196 0.0727  103 HIS A CB  
766 C  CG  . HIS A 103 ? 0.8128 0.7951 0.9238 -0.0434 -0.0137 0.0435  103 HIS A CG  
767 N  ND1 . HIS A 103 ? 0.9575 0.9157 1.0837 -0.0422 0.0038  0.0253  103 HIS A ND1 
768 C  CD2 . HIS A 103 ? 0.9242 0.8996 0.9827 -0.0481 -0.0244 0.0293  103 HIS A CD2 
769 C  CE1 . HIS A 103 ? 1.0343 0.9731 1.1142 -0.0476 0.0013  0.0014  103 HIS A CE1 
770 N  NE2 . HIS A 103 ? 0.9869 0.9363 1.0277 -0.0501 -0.0167 0.0050  103 HIS A NE2 
771 N  N   . ALA A 104 ? 0.9971 0.9795 1.1274 -0.0411 0.0178  0.0380  104 ALA A N   
772 C  CA  . ALA A 104 ? 0.8902 0.8559 1.0322 -0.0406 0.0449  0.0218  104 ALA A CA  
773 C  C   . ALA A 104 ? 0.9713 0.9274 1.1712 -0.0340 0.0642  0.0193  104 ALA A C   
774 O  O   . ALA A 104 ? 0.9087 0.8630 1.1491 -0.0306 0.0875  0.0158  104 ALA A O   
775 C  CB  . ALA A 104 ? 0.6318 0.5662 0.7061 -0.0481 0.0523  -0.0055 104 ALA A CB  
776 N  N   . SER A 105 ? 0.9991 0.9480 1.2060 -0.0327 0.0563  0.0201  105 SER A N   
777 C  CA  . SER A 105 ? 0.9348 0.8704 1.1971 -0.0269 0.0740  0.0178  105 SER A CA  
778 C  C   . SER A 105 ? 0.8966 0.8566 1.2368 -0.0161 0.0742  0.0485  105 SER A C   
779 O  O   . SER A 105 ? 0.9623 0.9105 1.3585 -0.0091 0.0916  0.0489  105 SER A O   
780 C  CB  . SER A 105 ? 0.8103 0.7334 1.0606 -0.0300 0.0638  0.0124  105 SER A CB  
781 O  OG  . SER A 105 ? 0.7899 0.7379 1.0351 -0.0300 0.0376  0.0375  105 SER A OG  
782 N  N   . ALA A 106 ? 0.8949 0.8877 1.2399 -0.0151 0.0539  0.0743  106 ALA A N   
783 C  CA  . ALA A 106 ? 0.8756 0.8942 1.2945 -0.0055 0.0509  0.1043  106 ALA A CA  
784 C  C   . ALA A 106 ? 0.8866 0.8979 1.3553 0.0005  0.0815  0.0913  106 ALA A C   
785 O  O   . ALA A 106 ? 0.9532 0.9718 1.5001 0.0117  0.0906  0.1072  106 ALA A O   
786 C  CB  . ALA A 106 ? 0.7839 0.8391 1.1910 -0.0092 0.0234  0.1293  106 ALA A CB  
787 N  N   . LEU A 107 ? 1.0100 1.0050 1.4333 -0.0072 0.0989  0.0623  107 LEU A N   
788 C  CA  . LEU A 107 ? 1.0655 1.0515 1.5252 -0.0048 0.1331  0.0453  107 LEU A CA  
789 C  C   . LEU A 107 ? 1.1098 1.0620 1.6039 -0.0001 0.1654  0.0243  107 LEU A C   
790 O  O   . LEU A 107 ? 1.0777 1.0236 1.6233 0.0046  0.1975  0.0133  107 LEU A O   
791 C  CB  . LEU A 107 ? 1.0620 1.0360 1.4531 -0.0168 0.1433  0.0217  107 LEU A CB  
792 C  CG  . LEU A 107 ? 1.0454 1.0475 1.4025 -0.0230 0.1165  0.0379  107 LEU A CG  
793 C  CD1 . LEU A 107 ? 1.0707 1.0599 1.3851 -0.0328 0.1361  0.0174  107 LEU A CD1 
794 C  CD2 . LEU A 107 ? 0.8565 0.9022 1.2840 -0.0159 0.0982  0.0714  107 LEU A CD2 
795 N  N   . GLU A 108 ? 1.1153 1.0456 1.5829 -0.0024 0.1587  0.0167  108 GLU A N   
796 C  CA  . GLU A 108 ? 1.1362 1.0360 1.6447 0.0016  0.1853  0.0005  108 GLU A CA  
797 C  C   . GLU A 108 ? 1.2160 1.1337 1.8211 0.0174  0.1814  0.0342  108 GLU A C   
798 O  O   . GLU A 108 ? 1.3555 1.2497 2.0145 0.0240  0.2058  0.0261  108 GLU A O   
799 C  CB  . GLU A 108 ? 1.1153 0.9869 1.5649 -0.0084 0.1781  -0.0199 108 GLU A CB  
800 C  CG  . GLU A 108 ? 1.2551 1.0967 1.6237 -0.0231 0.1917  -0.0596 108 GLU A CG  
801 C  CD  . GLU A 108 ? 1.3556 1.1870 1.6543 -0.0337 0.1668  -0.0703 108 GLU A CD  
802 O  OE1 . GLU A 108 ? 1.3320 1.1690 1.6536 -0.0310 0.1505  -0.0563 108 GLU A OE1 
803 O  OE2 . GLU A 108 ? 1.4203 1.2386 1.6433 -0.0448 0.1633  -0.0911 108 GLU A OE2 
804 N  N   . TYR A 109 ? 1.0317 0.9890 1.6569 0.0228  0.1508  0.0719  109 TYR A N   
805 C  CA  . TYR A 109 ? 0.8574 0.8347 1.5685 0.0374  0.1404  0.1100  109 TYR A CA  
806 C  C   . TYR A 109 ? 0.9003 0.9117 1.6754 0.0461  0.1413  0.1282  109 TYR A C   
807 O  O   . TYR A 109 ? 0.9903 1.0042 1.8568 0.0603  0.1574  0.1400  109 TYR A O   
808 C  CB  . TYR A 109 ? 0.8832 0.8792 1.5680 0.0351  0.1014  0.1428  109 TYR A CB  
809 C  CG  . TYR A 109 ? 1.0034 0.9693 1.6569 0.0297  0.1020  0.1324  109 TYR A CG  
810 C  CD1 . TYR A 109 ? 1.0714 1.0306 1.7756 0.0376  0.0977  0.1587  109 TYR A CD1 
811 C  CD2 . TYR A 109 ? 1.0412 0.9850 1.6168 0.0163  0.1063  0.0974  109 TYR A CD2 
812 C  CE1 . TYR A 109 ? 1.2045 1.1362 1.8839 0.0308  0.1002  0.1482  109 TYR A CE1 
813 C  CE2 . TYR A 109 ? 1.1349 1.0546 1.6882 0.0101  0.1058  0.0867  109 TYR A CE2 
814 C  CZ  . TYR A 109 ? 1.2205 1.1344 1.8268 0.0168  0.1042  0.1110  109 TYR A CZ  
815 O  OH  . TYR A 109 ? 1.2280 1.1184 1.8168 0.0091  0.1055  0.0996  109 TYR A OH  
816 N  N   . VAL A 110 ? 0.9024 0.9405 1.6351 0.0377  0.1238  0.1311  110 VAL A N   
817 C  CA  . VAL A 110 ? 0.9204 0.9942 1.7123 0.0429  0.1240  0.1451  110 VAL A CA  
818 C  C   . VAL A 110 ? 0.9542 1.0237 1.6948 0.0306  0.1417  0.1146  110 VAL A C   
819 O  O   . VAL A 110 ? 1.0139 1.0503 1.6764 0.0200  0.1544  0.0841  110 VAL A O   
820 C  CB  . VAL A 110 ? 0.7727 0.8913 1.5774 0.0436  0.0798  0.1874  110 VAL A CB  
821 C  CG1 . VAL A 110 ? 0.6070 0.7293 1.4693 0.0564  0.0639  0.2224  110 VAL A CG1 
822 C  CG2 . VAL A 110 ? 0.8569 0.9775 1.5602 0.0279  0.0537  0.1840  110 VAL A CG2 
823 N  N   . SER A 111 ? 0.9334 1.0362 1.7184 0.0313  0.1419  0.1239  111 SER A N   
824 C  CA  . SER A 111 ? 0.9125 1.0099 1.6564 0.0191  0.1634  0.0963  111 SER A CA  
825 C  C   . SER A 111 ? 0.9303 1.0537 1.6158 0.0065  0.1306  0.1075  111 SER A C   
826 O  O   . SER A 111 ? 1.0531 1.2037 1.7393 0.0072  0.0923  0.1369  111 SER A O   
827 C  CB  . SER A 111 ? 0.8873 0.9990 1.7237 0.0262  0.1964  0.0911  111 SER A CB  
828 O  OG  . SER A 111 ? 0.8208 0.9849 1.7225 0.0298  0.1704  0.1224  111 SER A OG  
829 N  N   . LEU A 112 ? 1.0232 1.1349 1.6535 -0.0065 0.1465  0.0839  112 LEU A N   
830 C  CA  . LEU A 112 ? 1.0445 1.1771 1.6233 -0.0189 0.1184  0.0928  112 LEU A CA  
831 C  C   . LEU A 112 ? 1.0005 1.1845 1.6595 -0.0164 0.1005  0.1197  112 LEU A C   
832 O  O   . LEU A 112 ? 0.9735 1.1867 1.6169 -0.0225 0.0639  0.1406  112 LEU A O   
833 C  CB  . LEU A 112 ? 1.1459 1.2546 1.6604 -0.0327 0.1420  0.0648  112 LEU A CB  
834 C  CG  . LEU A 112 ? 1.2573 1.3138 1.7047 -0.0373 0.1729  0.0319  112 LEU A CG  
835 C  CD1 . LEU A 112 ? 1.3772 1.4189 1.8716 -0.0357 0.2205  0.0113  112 LEU A CD1 
836 C  CD2 . LEU A 112 ? 1.1790 1.2165 1.5306 -0.0517 0.1669  0.0201  112 LEU A CD2 
837 N  N   . GLU A 113 ? 1.0014 1.1966 1.7491 -0.0078 0.1274  0.1178  113 GLU A N   
838 C  CA  . GLU A 113 ? 1.1279 1.3733 1.9622 -0.0064 0.1170  0.1377  113 GLU A CA  
839 C  C   . GLU A 113 ? 1.0021 1.2878 1.8919 0.0030  0.0732  0.1787  113 GLU A C   
840 O  O   . GLU A 113 ? 1.0761 1.4064 1.9961 -0.0030 0.0442  0.1991  113 GLU A O   
841 C  CB  . GLU A 113 ? 1.2509 1.4960 2.1713 0.0008  0.1628  0.1220  113 GLU A CB  
842 C  CG  . GLU A 113 ? 1.3696 1.5612 2.2695 0.0057  0.2084  0.0909  113 GLU A CG  
843 C  CD  . GLU A 113 ? 1.3921 1.5412 2.1882 -0.0110 0.2356  0.0557  113 GLU A CD  
844 O  OE1 . GLU A 113 ? 1.4710 1.6318 2.2307 -0.0251 0.2301  0.0531  113 GLU A OE1 
845 O  OE2 . GLU A 113 ? 1.2494 1.3520 1.9999 -0.0109 0.2617  0.0311  113 GLU A OE2 
846 N  N   . ASP A 114 ? 0.9255 1.1946 1.8269 0.0160  0.0678  0.1909  114 ASP A N   
847 C  CA  . ASP A 114 ? 0.9700 1.2710 1.9139 0.0243  0.0262  0.2326  114 ASP A CA  
848 C  C   . ASP A 114 ? 0.8996 1.1990 1.7473 0.0115  -0.0104 0.2429  114 ASP A C   
849 O  O   . ASP A 114 ? 0.9071 1.2382 1.7642 0.0101  -0.0506 0.2764  114 ASP A O   
850 C  CB  . ASP A 114 ? 1.1113 1.3932 2.1171 0.0439  0.0391  0.2436  114 ASP A CB  
851 C  CG  . ASP A 114 ? 1.1512 1.3760 2.0996 0.0439  0.0738  0.2098  114 ASP A CG  
852 O  OD1 . ASP A 114 ? 1.1151 1.3178 2.1227 0.0562  0.1089  0.1971  114 ASP A OD1 
853 O  OD2 . ASP A 114 ? 0.9859 1.1883 1.8334 0.0314  0.0655  0.1955  114 ASP A OD2 
854 N  N   . LEU A 115 ? 0.8957 1.1574 1.6507 0.0017  0.0046  0.2132  115 LEU A N   
855 C  CA  . LEU A 115 ? 0.8502 1.1076 1.5126 -0.0116 -0.0222 0.2150  115 LEU A CA  
856 C  C   . LEU A 115 ? 0.8756 1.1630 1.5169 -0.0272 -0.0399 0.2159  115 LEU A C   
857 O  O   . LEU A 115 ? 0.8229 1.1367 1.4452 -0.0353 -0.0759 0.2379  115 LEU A O   
858 C  CB  . LEU A 115 ? 0.8653 1.0751 1.4471 -0.0159 0.0004  0.1822  115 LEU A CB  
859 C  CG  . LEU A 115 ? 0.8210 1.0047 1.3918 -0.0076 0.0003  0.1860  115 LEU A CG  
860 C  CD1 . LEU A 115 ? 0.7461 0.8872 1.2420 -0.0131 0.0197  0.1527  115 LEU A CD1 
861 C  CD2 . LEU A 115 ? 0.7174 0.9210 1.2655 -0.0115 -0.0376 0.2155  115 LEU A CD2 
862 N  N   . LYS A 116 ? 0.9403 1.2211 1.5824 -0.0329 -0.0127 0.1908  116 LYS A N   
863 C  CA  . LYS A 116 ? 0.9024 1.2093 1.5358 -0.0486 -0.0222 0.1878  116 LYS A CA  
864 C  C   . LYS A 116 ? 0.7906 1.1525 1.5037 -0.0482 -0.0524 0.2188  116 LYS A C   
865 O  O   . LYS A 116 ? 0.7601 1.1494 1.4476 -0.0627 -0.0847 0.2303  116 LYS A O   
866 C  CB  . LYS A 116 ? 0.9053 1.1956 1.5485 -0.0523 0.0188  0.1592  116 LYS A CB  
867 C  CG  . LYS A 116 ? 0.9169 1.1713 1.4627 -0.0661 0.0319  0.1327  116 LYS A CG  
868 C  CD  . LYS A 116 ? 0.9445 1.1584 1.4783 -0.0632 0.0780  0.1043  116 LYS A CD  
869 C  CE  . LYS A 116 ? 0.8666 1.0553 1.3292 -0.0790 0.0939  0.0827  116 LYS A CE  
870 N  NZ  . LYS A 116 ? 0.9949 1.1533 1.4615 -0.0794 0.1413  0.0584  116 LYS A NZ  
871 N  N   . ALA A 117 ? 0.7761 1.1530 1.5862 -0.0319 -0.0418 0.2315  117 ALA A N   
872 C  CA  . ALA A 117 ? 0.8819 1.3118 1.7830 -0.0268 -0.0724 0.2658  117 ALA A CA  
873 C  C   . ALA A 117 ? 0.8699 1.3199 1.7289 -0.0344 -0.1221 0.2955  117 ALA A C   
874 O  O   . ALA A 117 ? 0.6986 1.1927 1.5760 -0.0462 -0.1562 0.3134  117 ALA A O   
875 C  CB  . ALA A 117 ? 0.7962 1.2260 1.7951 -0.0032 -0.0563 0.2795  117 ALA A CB  
876 N  N   . HIS A 118 ? 0.8022 1.2199 1.6057 -0.0292 -0.1250 0.2997  118 HIS A N   
877 C  CA  . HIS A 118 ? 0.8266 1.2574 1.5835 -0.0372 -0.1667 0.3269  118 HIS A CA  
878 C  C   . HIS A 118 ? 0.9457 1.3521 1.5883 -0.0543 -0.1709 0.3082  118 HIS A C   
879 O  O   . HIS A 118 ? 1.1217 1.5113 1.7136 -0.0549 -0.1830 0.3186  118 HIS A O   
880 C  CB  . HIS A 118 ? 0.9085 1.3287 1.6981 -0.0198 -0.1736 0.3549  118 HIS A CB  
881 C  CG  . HIS A 118 ? 0.8735 1.3368 1.7287 -0.0154 -0.2125 0.3995  118 HIS A CG  
882 N  ND1 . HIS A 118 ? 0.9421 1.4149 1.7303 -0.0324 -0.2490 0.4168  118 HIS A ND1 
883 C  CD2 . HIS A 118 ? 0.8324 1.3016 1.7721 -0.0001 -0.2083 0.4150  118 HIS A CD2 
884 C  CE1 . HIS A 118 ? 1.0889 1.5759 1.9204 -0.0280 -0.2680 0.4434  118 HIS A CE1 
885 N  NE2 . HIS A 118 ? 1.0628 1.5488 1.9877 -0.0081 -0.2457 0.4441  118 HIS A NE2 
886 N  N   . ALA A 119 ? 1.0044 1.4082 1.6101 -0.0684 -0.1596 0.2811  119 ALA A N   
887 C  CA  . ALA A 119 ? 0.9813 1.3619 1.4858 -0.0841 -0.1620 0.2622  119 ALA A CA  
888 C  C   . ALA A 119 ? 0.9533 1.3654 1.4279 -0.1009 -0.2032 0.2835  119 ALA A C   
889 O  O   . ALA A 119 ? 0.9829 1.4242 1.4986 -0.0975 -0.2313 0.3166  119 ALA A O   
890 C  CB  . ALA A 119 ? 0.8899 1.2565 1.3694 -0.0937 -0.1373 0.2297  119 ALA A CB  
891 N  N   . LEU A 120 ? 0.7837 1.1882 1.1851 -0.1198 -0.2073 0.2652  120 LEU A N   
892 C  CA  . LEU A 120 ? 0.7983 1.2290 1.1628 -0.1392 -0.2434 0.2804  120 LEU A CA  
893 C  C   . LEU A 120 ? 1.0775 1.5383 1.4515 -0.1590 -0.2554 0.2715  120 LEU A C   
894 O  O   . LEU A 120 ? 1.1275 1.6112 1.4688 -0.1788 -0.2857 0.2804  120 LEU A O   
895 C  CB  . LEU A 120 ? 0.5892 0.9885 0.8591 -0.1481 -0.2417 0.2682  120 LEU A CB  
896 C  CG  . LEU A 120 ? 0.6087 1.0124 0.8540 -0.1491 -0.2650 0.2963  120 LEU A CG  
897 C  CD1 . LEU A 120 ? 0.6230 1.0059 0.7749 -0.1658 -0.2655 0.2814  120 LEU A CD1 
898 C  CD2 . LEU A 120 ? 0.6643 1.1040 0.9429 -0.1555 -0.2954 0.3237  120 LEU A CD2 
899 N  N   . GLY A 121 ? 1.1401 1.6006 1.5584 -0.1556 -0.2309 0.2535  121 GLY A N   
900 C  CA  . GLY A 121 ? 1.0298 1.5178 1.4641 -0.1752 -0.2386 0.2433  121 GLY A CA  
901 C  C   . GLY A 121 ? 1.0341 1.5590 1.5740 -0.1687 -0.2356 0.2522  121 GLY A C   
902 O  O   . GLY A 121 ? 1.0158 1.5604 1.5775 -0.1848 -0.2337 0.2388  121 GLY A O   
# 
